data_7JI4
# 
_entry.id   7JI4 
# 
_audit_conform.dict_name       mmcif_pdbx.dic 
_audit_conform.dict_version    5.387 
_audit_conform.dict_location   http://mmcif.pdb.org/dictionaries/ascii/mmcif_pdbx.dic 
# 
loop_
_database_2.database_id 
_database_2.database_code 
_database_2.pdbx_database_accession 
_database_2.pdbx_DOI 
PDB   7JI4         pdb_00007ji4 10.2210/pdb7ji4/pdb 
WWPDB D_1000249740 ?            ?                   
# 
loop_
_pdbx_audit_revision_history.ordinal 
_pdbx_audit_revision_history.data_content_type 
_pdbx_audit_revision_history.major_revision 
_pdbx_audit_revision_history.minor_revision 
_pdbx_audit_revision_history.revision_date 
1 'Structure model' 1 0 2021-05-26 
2 'Structure model' 1 1 2021-07-21 
3 'Structure model' 1 2 2024-03-06 
# 
_pdbx_audit_revision_details.ordinal             1 
_pdbx_audit_revision_details.revision_ordinal    1 
_pdbx_audit_revision_details.data_content_type   'Structure model' 
_pdbx_audit_revision_details.provider            repository 
_pdbx_audit_revision_details.type                'Initial release' 
_pdbx_audit_revision_details.description         ? 
_pdbx_audit_revision_details.details             ? 
# 
loop_
_pdbx_audit_revision_group.ordinal 
_pdbx_audit_revision_group.revision_ordinal 
_pdbx_audit_revision_group.data_content_type 
_pdbx_audit_revision_group.group 
1 2 'Structure model' 'Database references' 
2 3 'Structure model' 'Data collection'     
3 3 'Structure model' 'Database references' 
# 
loop_
_pdbx_audit_revision_category.ordinal 
_pdbx_audit_revision_category.revision_ordinal 
_pdbx_audit_revision_category.data_content_type 
_pdbx_audit_revision_category.category 
1 2 'Structure model' citation       
2 3 'Structure model' chem_comp_atom 
3 3 'Structure model' chem_comp_bond 
4 3 'Structure model' database_2     
# 
loop_
_pdbx_audit_revision_item.ordinal 
_pdbx_audit_revision_item.revision_ordinal 
_pdbx_audit_revision_item.data_content_type 
_pdbx_audit_revision_item.item 
1 2 'Structure model' '_citation.journal_volume'            
2 3 'Structure model' '_database_2.pdbx_DOI'                
3 3 'Structure model' '_database_2.pdbx_database_accession' 
# 
_pdbx_database_status.status_code                     REL 
_pdbx_database_status.status_code_sf                  REL 
_pdbx_database_status.status_code_mr                  ? 
_pdbx_database_status.entry_id                        7JI4 
_pdbx_database_status.recvd_initial_deposition_date   2020-07-22 
_pdbx_database_status.SG_entry                        N 
_pdbx_database_status.deposit_site                    RCSB 
_pdbx_database_status.process_site                    RCSB 
_pdbx_database_status.status_code_cs                  ? 
_pdbx_database_status.status_code_nmr_data            ? 
_pdbx_database_status.methods_development_category    ? 
_pdbx_database_status.pdb_format_compatible           Y 
# 
loop_
_audit_author.name 
_audit_author.pdbx_ordinal 
_audit_author.identifier_ORCID 
'Dutta, A.'    1 ? 
'Parashar, V.' 2 ? 
# 
_citation.abstract                  ? 
_citation.abstract_id_CAS           ? 
_citation.book_id_ISBN              ? 
_citation.book_publisher            ? 
_citation.book_publisher_city       ? 
_citation.book_title                ? 
_citation.coordinate_linkage        ? 
_citation.country                   US 
_citation.database_id_Medline       ? 
_citation.details                   ? 
_citation.id                        primary 
_citation.journal_abbrev            J.Biol.Chem. 
_citation.journal_id_ASTM           JBCHA3 
_citation.journal_id_CSD            0071 
_citation.journal_id_ISSN           1083-351X 
_citation.journal_full              ? 
_citation.journal_issue             ? 
_citation.journal_volume            296 
_citation.language                  ? 
_citation.page_first                100771 
_citation.page_last                 100771 
_citation.title                     'Structural basis of KdpD histidine kinase binding to the second messenger c-di-AMP.' 
_citation.year                      2021 
_citation.database_id_CSD           ? 
_citation.pdbx_database_id_DOI      10.1016/j.jbc.2021.100771 
_citation.pdbx_database_id_PubMed   33989637 
_citation.unpublished_flag          ? 
# 
loop_
_citation_author.citation_id 
_citation_author.name 
_citation_author.ordinal 
_citation_author.identifier_ORCID 
primary 'Dutta, A.'    1 ? 
primary 'Batish, M.'   2 ? 
primary 'Parashar, V.' 3 ? 
# 
loop_
_entity.id 
_entity.type 
_entity.src_method 
_entity.pdbx_description 
_entity.formula_weight 
_entity.pdbx_number_of_molecules 
_entity.pdbx_ec 
_entity.pdbx_mutation 
_entity.pdbx_fragment 
_entity.details 
1 polymer     man KdpD 17653.535 1  ? ? 'Universal stress protein (USP) domain (UNP residues 213-364)' ? 
2 non-polymer syn 
;(2R,3R,3aS,5R,7aR,9R,10R,10aS,12R,14aR)-2,9-bis(6-amino-9H-purin-9-yl)octahydro-2H,7H-difuro[3,2-d:3',2'-j][1,3,7,9,2,8 ]tetraoxadiphosphacyclododecine-3,5,10,12-tetrol 5,12-dioxide
;
658.412   1  ? ? ?                                                              ? 
3 water       nat water 18.015    24 ? ? ?                                                              ? 
# 
_entity_name_com.entity_id   1 
_entity_name_com.name        'Sensor protein, KdpD histidine kinase' 
# 
_entity_poly.entity_id                      1 
_entity_poly.type                           'polypeptide(L)' 
_entity_poly.nstd_linkage                   no 
_entity_poly.nstd_monomer                   no 
_entity_poly.pdbx_seq_one_letter_code       
;TLRTVADLMSDKEKVRHNHKTSLKPHIAVAISGSIYNEAVIKEAFHIAQKEHAKFTAIYIDVFEKSRQYKDSQKQVHQHL
MLAKSLGAKVKVVYSQTVALGLDEWCKNQDVTKLIIGQHIRNKRRDFFNKPLIDHLMSFEHSYKIEIVPIKQ
;
_entity_poly.pdbx_seq_one_letter_code_can   
;TLRTVADLMSDKEKVRHNHKTSLKPHIAVAISGSIYNEAVIKEAFHIAQKEHAKFTAIYIDVFEKSRQYKDSQKQVHQHL
MLAKSLGAKVKVVYSQTVALGLDEWCKNQDVTKLIIGQHIRNKRRDFFNKPLIDHLMSFEHSYKIEIVPIKQ
;
_entity_poly.pdbx_strand_id                 A 
_entity_poly.pdbx_target_identifier         ? 
# 
loop_
_pdbx_entity_nonpoly.entity_id 
_pdbx_entity_nonpoly.name 
_pdbx_entity_nonpoly.comp_id 
2 
;(2R,3R,3aS,5R,7aR,9R,10R,10aS,12R,14aR)-2,9-bis(6-amino-9H-purin-9-yl)octahydro-2H,7H-difuro[3,2-d:3',2'-j][1,3,7,9,2,8 ]tetraoxadiphosphacyclododecine-3,5,10,12-tetrol 5,12-dioxide
;
2BA 
3 water HOH 
# 
loop_
_entity_poly_seq.entity_id 
_entity_poly_seq.num 
_entity_poly_seq.mon_id 
_entity_poly_seq.hetero 
1 1   THR n 
1 2   LEU n 
1 3   ARG n 
1 4   THR n 
1 5   VAL n 
1 6   ALA n 
1 7   ASP n 
1 8   LEU n 
1 9   MET n 
1 10  SER n 
1 11  ASP n 
1 12  LYS n 
1 13  GLU n 
1 14  LYS n 
1 15  VAL n 
1 16  ARG n 
1 17  HIS n 
1 18  ASN n 
1 19  HIS n 
1 20  LYS n 
1 21  THR n 
1 22  SER n 
1 23  LEU n 
1 24  LYS n 
1 25  PRO n 
1 26  HIS n 
1 27  ILE n 
1 28  ALA n 
1 29  VAL n 
1 30  ALA n 
1 31  ILE n 
1 32  SER n 
1 33  GLY n 
1 34  SER n 
1 35  ILE n 
1 36  TYR n 
1 37  ASN n 
1 38  GLU n 
1 39  ALA n 
1 40  VAL n 
1 41  ILE n 
1 42  LYS n 
1 43  GLU n 
1 44  ALA n 
1 45  PHE n 
1 46  HIS n 
1 47  ILE n 
1 48  ALA n 
1 49  GLN n 
1 50  LYS n 
1 51  GLU n 
1 52  HIS n 
1 53  ALA n 
1 54  LYS n 
1 55  PHE n 
1 56  THR n 
1 57  ALA n 
1 58  ILE n 
1 59  TYR n 
1 60  ILE n 
1 61  ASP n 
1 62  VAL n 
1 63  PHE n 
1 64  GLU n 
1 65  LYS n 
1 66  SER n 
1 67  ARG n 
1 68  GLN n 
1 69  TYR n 
1 70  LYS n 
1 71  ASP n 
1 72  SER n 
1 73  GLN n 
1 74  LYS n 
1 75  GLN n 
1 76  VAL n 
1 77  HIS n 
1 78  GLN n 
1 79  HIS n 
1 80  LEU n 
1 81  MET n 
1 82  LEU n 
1 83  ALA n 
1 84  LYS n 
1 85  SER n 
1 86  LEU n 
1 87  GLY n 
1 88  ALA n 
1 89  LYS n 
1 90  VAL n 
1 91  LYS n 
1 92  VAL n 
1 93  VAL n 
1 94  TYR n 
1 95  SER n 
1 96  GLN n 
1 97  THR n 
1 98  VAL n 
1 99  ALA n 
1 100 LEU n 
1 101 GLY n 
1 102 LEU n 
1 103 ASP n 
1 104 GLU n 
1 105 TRP n 
1 106 CYS n 
1 107 LYS n 
1 108 ASN n 
1 109 GLN n 
1 110 ASP n 
1 111 VAL n 
1 112 THR n 
1 113 LYS n 
1 114 LEU n 
1 115 ILE n 
1 116 ILE n 
1 117 GLY n 
1 118 GLN n 
1 119 HIS n 
1 120 ILE n 
1 121 ARG n 
1 122 ASN n 
1 123 LYS n 
1 124 ARG n 
1 125 ARG n 
1 126 ASP n 
1 127 PHE n 
1 128 PHE n 
1 129 ASN n 
1 130 LYS n 
1 131 PRO n 
1 132 LEU n 
1 133 ILE n 
1 134 ASP n 
1 135 HIS n 
1 136 LEU n 
1 137 MET n 
1 138 SER n 
1 139 PHE n 
1 140 GLU n 
1 141 HIS n 
1 142 SER n 
1 143 TYR n 
1 144 LYS n 
1 145 ILE n 
1 146 GLU n 
1 147 ILE n 
1 148 VAL n 
1 149 PRO n 
1 150 ILE n 
1 151 LYS n 
1 152 GLN n 
# 
_entity_src_gen.entity_id                          1 
_entity_src_gen.pdbx_src_id                        1 
_entity_src_gen.pdbx_alt_source_flag               sample 
_entity_src_gen.pdbx_seq_type                      'Biological sequence' 
_entity_src_gen.pdbx_beg_seq_num                   1 
_entity_src_gen.pdbx_end_seq_num                   152 
_entity_src_gen.gene_src_common_name               ? 
_entity_src_gen.gene_src_genus                     ? 
_entity_src_gen.pdbx_gene_src_gene                 
'kdpD_1, ERS072840_01892, SAMEA1469884_01983, SAMEA1531680_02090, SAMEA1531701_02007, SAST44_02327, SAST45_02303' 
_entity_src_gen.gene_src_species                   ? 
_entity_src_gen.gene_src_strain                    ? 
_entity_src_gen.gene_src_tissue                    ? 
_entity_src_gen.gene_src_tissue_fraction           ? 
_entity_src_gen.gene_src_details                   ? 
_entity_src_gen.pdbx_gene_src_fragment             ? 
_entity_src_gen.pdbx_gene_src_scientific_name      'Staphylococcus aureus subsp. aureus MRSA252' 
_entity_src_gen.pdbx_gene_src_ncbi_taxonomy_id     282458 
_entity_src_gen.pdbx_gene_src_variant              ? 
_entity_src_gen.pdbx_gene_src_cell_line            ? 
_entity_src_gen.pdbx_gene_src_atcc                 ? 
_entity_src_gen.pdbx_gene_src_organ                ? 
_entity_src_gen.pdbx_gene_src_organelle            ? 
_entity_src_gen.pdbx_gene_src_cell                 ? 
_entity_src_gen.pdbx_gene_src_cellular_location    ? 
_entity_src_gen.host_org_common_name               ? 
_entity_src_gen.pdbx_host_org_scientific_name      'Escherichia coli BL21(DE3)' 
_entity_src_gen.pdbx_host_org_ncbi_taxonomy_id     469008 
_entity_src_gen.host_org_genus                     ? 
_entity_src_gen.pdbx_host_org_gene                 ? 
_entity_src_gen.pdbx_host_org_organ                ? 
_entity_src_gen.host_org_species                   ? 
_entity_src_gen.pdbx_host_org_tissue               ? 
_entity_src_gen.pdbx_host_org_tissue_fraction      ? 
_entity_src_gen.pdbx_host_org_strain               ? 
_entity_src_gen.pdbx_host_org_variant              C41 
_entity_src_gen.pdbx_host_org_cell_line            ? 
_entity_src_gen.pdbx_host_org_atcc                 ? 
_entity_src_gen.pdbx_host_org_culture_collection   ? 
_entity_src_gen.pdbx_host_org_cell                 ? 
_entity_src_gen.pdbx_host_org_organelle            ? 
_entity_src_gen.pdbx_host_org_cellular_location    ? 
_entity_src_gen.pdbx_host_org_vector_type          plasmid 
_entity_src_gen.pdbx_host_org_vector               ? 
_entity_src_gen.host_org_details                   ? 
_entity_src_gen.expression_system_id               ? 
_entity_src_gen.plasmid_name                       pBB75 
_entity_src_gen.plasmid_details                    ? 
_entity_src_gen.pdbx_description                   ? 
# 
loop_
_chem_comp.id 
_chem_comp.type 
_chem_comp.mon_nstd_flag 
_chem_comp.name 
_chem_comp.pdbx_synonyms 
_chem_comp.formula 
_chem_comp.formula_weight 
2BA non-polymer         . 
;(2R,3R,3aS,5R,7aR,9R,10R,10aS,12R,14aR)-2,9-bis(6-amino-9H-purin-9-yl)octahydro-2H,7H-difuro[3,2-d:3',2'-j][1,3,7,9,2,8 ]tetraoxadiphosphacyclododecine-3,5,10,12-tetrol 5,12-dioxide
;
"bis-(3',5')-cyclic-dimeric-Adenosine-monophosphate" 'C20 H24 N10 O12 P2' 658.412 
ALA 'L-peptide linking' y ALANINE ?                                                    'C3 H7 N O2'         89.093  
ARG 'L-peptide linking' y ARGININE ?                                                    'C6 H15 N4 O2 1'     175.209 
ASN 'L-peptide linking' y ASPARAGINE ?                                                    'C4 H8 N2 O3'        132.118 
ASP 'L-peptide linking' y 'ASPARTIC ACID' ?                                                    'C4 H7 N O4'         133.103 
CYS 'L-peptide linking' y CYSTEINE ?                                                    'C3 H7 N O2 S'       121.158 
GLN 'L-peptide linking' y GLUTAMINE ?                                                    'C5 H10 N2 O3'       146.144 
GLU 'L-peptide linking' y 'GLUTAMIC ACID' ?                                                    'C5 H9 N O4'         147.129 
GLY 'peptide linking'   y GLYCINE ?                                                    'C2 H5 N O2'         75.067  
HIS 'L-peptide linking' y HISTIDINE ?                                                    'C6 H10 N3 O2 1'     156.162 
HOH non-polymer         . WATER ?                                                    'H2 O'               18.015  
ILE 'L-peptide linking' y ISOLEUCINE ?                                                    'C6 H13 N O2'        131.173 
LEU 'L-peptide linking' y LEUCINE ?                                                    'C6 H13 N O2'        131.173 
LYS 'L-peptide linking' y LYSINE ?                                                    'C6 H15 N2 O2 1'     147.195 
MET 'L-peptide linking' y METHIONINE ?                                                    'C5 H11 N O2 S'      149.211 
PHE 'L-peptide linking' y PHENYLALANINE ?                                                    'C9 H11 N O2'        165.189 
PRO 'L-peptide linking' y PROLINE ?                                                    'C5 H9 N O2'         115.130 
SER 'L-peptide linking' y SERINE ?                                                    'C3 H7 N O3'         105.093 
THR 'L-peptide linking' y THREONINE ?                                                    'C4 H9 N O3'         119.119 
TRP 'L-peptide linking' y TRYPTOPHAN ?                                                    'C11 H12 N2 O2'      204.225 
TYR 'L-peptide linking' y TYROSINE ?                                                    'C9 H11 N O3'        181.189 
VAL 'L-peptide linking' y VALINE ?                                                    'C5 H11 N O2'        117.146 
# 
loop_
_pdbx_poly_seq_scheme.asym_id 
_pdbx_poly_seq_scheme.entity_id 
_pdbx_poly_seq_scheme.seq_id 
_pdbx_poly_seq_scheme.mon_id 
_pdbx_poly_seq_scheme.ndb_seq_num 
_pdbx_poly_seq_scheme.pdb_seq_num 
_pdbx_poly_seq_scheme.auth_seq_num 
_pdbx_poly_seq_scheme.pdb_mon_id 
_pdbx_poly_seq_scheme.auth_mon_id 
_pdbx_poly_seq_scheme.pdb_strand_id 
_pdbx_poly_seq_scheme.pdb_ins_code 
_pdbx_poly_seq_scheme.hetero 
A 1 1   THR 1   213 ?   ?   ?   A . n 
A 1 2   LEU 2   214 ?   ?   ?   A . n 
A 1 3   ARG 3   215 ?   ?   ?   A . n 
A 1 4   THR 4   216 ?   ?   ?   A . n 
A 1 5   VAL 5   217 ?   ?   ?   A . n 
A 1 6   ALA 6   218 ?   ?   ?   A . n 
A 1 7   ASP 7   219 ?   ?   ?   A . n 
A 1 8   LEU 8   220 ?   ?   ?   A . n 
A 1 9   MET 9   221 ?   ?   ?   A . n 
A 1 10  SER 10  222 ?   ?   ?   A . n 
A 1 11  ASP 11  223 ?   ?   ?   A . n 
A 1 12  LYS 12  224 ?   ?   ?   A . n 
A 1 13  GLU 13  225 ?   ?   ?   A . n 
A 1 14  LYS 14  226 ?   ?   ?   A . n 
A 1 15  VAL 15  227 ?   ?   ?   A . n 
A 1 16  ARG 16  228 ?   ?   ?   A . n 
A 1 17  HIS 17  229 ?   ?   ?   A . n 
A 1 18  ASN 18  230 ?   ?   ?   A . n 
A 1 19  HIS 19  231 ?   ?   ?   A . n 
A 1 20  LYS 20  232 ?   ?   ?   A . n 
A 1 21  THR 21  233 ?   ?   ?   A . n 
A 1 22  SER 22  234 ?   ?   ?   A . n 
A 1 23  LEU 23  235 ?   ?   ?   A . n 
A 1 24  LYS 24  236 236 LYS LYS A . n 
A 1 25  PRO 25  237 237 PRO PRO A . n 
A 1 26  HIS 26  238 238 HIS HIS A . n 
A 1 27  ILE 27  239 239 ILE ILE A . n 
A 1 28  ALA 28  240 240 ALA ALA A . n 
A 1 29  VAL 29  241 241 VAL VAL A . n 
A 1 30  ALA 30  242 242 ALA ALA A . n 
A 1 31  ILE 31  243 243 ILE ILE A . n 
A 1 32  SER 32  244 244 SER SER A . n 
A 1 33  GLY 33  245 245 GLY GLY A . n 
A 1 34  SER 34  246 246 SER SER A . n 
A 1 35  ILE 35  247 247 ILE ILE A . n 
A 1 36  TYR 36  248 248 TYR TYR A . n 
A 1 37  ASN 37  249 249 ASN ASN A . n 
A 1 38  GLU 38  250 250 GLU GLU A . n 
A 1 39  ALA 39  251 251 ALA ALA A . n 
A 1 40  VAL 40  252 252 VAL VAL A . n 
A 1 41  ILE 41  253 253 ILE ILE A . n 
A 1 42  LYS 42  254 254 LYS LYS A . n 
A 1 43  GLU 43  255 255 GLU GLU A . n 
A 1 44  ALA 44  256 256 ALA ALA A . n 
A 1 45  PHE 45  257 257 PHE PHE A . n 
A 1 46  HIS 46  258 258 HIS HIS A . n 
A 1 47  ILE 47  259 259 ILE ILE A . n 
A 1 48  ALA 48  260 260 ALA ALA A . n 
A 1 49  GLN 49  261 261 GLN GLN A . n 
A 1 50  LYS 50  262 262 LYS LYS A . n 
A 1 51  GLU 51  263 263 GLU GLU A . n 
A 1 52  HIS 52  264 264 HIS HIS A . n 
A 1 53  ALA 53  265 265 ALA ALA A . n 
A 1 54  LYS 54  266 266 LYS LYS A . n 
A 1 55  PHE 55  267 267 PHE PHE A . n 
A 1 56  THR 56  268 268 THR THR A . n 
A 1 57  ALA 57  269 269 ALA ALA A . n 
A 1 58  ILE 58  270 270 ILE ILE A . n 
A 1 59  TYR 59  271 271 TYR TYR A . n 
A 1 60  ILE 60  272 272 ILE ILE A . n 
A 1 61  ASP 61  273 273 ASP ASP A . n 
A 1 62  VAL 62  274 274 VAL VAL A . n 
A 1 63  PHE 63  275 275 PHE PHE A . n 
A 1 64  GLU 64  276 276 GLU GLU A . n 
A 1 65  LYS 65  277 ?   ?   ?   A . n 
A 1 66  SER 66  278 ?   ?   ?   A . n 
A 1 67  ARG 67  279 ?   ?   ?   A . n 
A 1 68  GLN 68  280 280 GLN GLN A . n 
A 1 69  TYR 69  281 281 TYR TYR A . n 
A 1 70  LYS 70  282 282 LYS LYS A . n 
A 1 71  ASP 71  283 283 ASP ASP A . n 
A 1 72  SER 72  284 284 SER SER A . n 
A 1 73  GLN 73  285 285 GLN GLN A . n 
A 1 74  LYS 74  286 286 LYS LYS A . n 
A 1 75  GLN 75  287 287 GLN GLN A . n 
A 1 76  VAL 76  288 288 VAL VAL A . n 
A 1 77  HIS 77  289 289 HIS HIS A . n 
A 1 78  GLN 78  290 290 GLN GLN A . n 
A 1 79  HIS 79  291 291 HIS HIS A . n 
A 1 80  LEU 80  292 292 LEU LEU A . n 
A 1 81  MET 81  293 293 MET MET A . n 
A 1 82  LEU 82  294 294 LEU LEU A . n 
A 1 83  ALA 83  295 295 ALA ALA A . n 
A 1 84  LYS 84  296 296 LYS LYS A . n 
A 1 85  SER 85  297 297 SER SER A . n 
A 1 86  LEU 86  298 298 LEU LEU A . n 
A 1 87  GLY 87  299 299 GLY GLY A . n 
A 1 88  ALA 88  300 300 ALA ALA A . n 
A 1 89  LYS 89  301 301 LYS LYS A . n 
A 1 90  VAL 90  302 302 VAL VAL A . n 
A 1 91  LYS 91  303 303 LYS LYS A . n 
A 1 92  VAL 92  304 304 VAL VAL A . n 
A 1 93  VAL 93  305 305 VAL VAL A . n 
A 1 94  TYR 94  306 306 TYR TYR A . n 
A 1 95  SER 95  307 307 SER SER A . n 
A 1 96  GLN 96  308 308 GLN GLN A . n 
A 1 97  THR 97  309 309 THR THR A . n 
A 1 98  VAL 98  310 310 VAL VAL A . n 
A 1 99  ALA 99  311 311 ALA ALA A . n 
A 1 100 LEU 100 312 312 LEU LEU A . n 
A 1 101 GLY 101 313 313 GLY GLY A . n 
A 1 102 LEU 102 314 314 LEU LEU A . n 
A 1 103 ASP 103 315 315 ASP ASP A . n 
A 1 104 GLU 104 316 316 GLU GLU A . n 
A 1 105 TRP 105 317 317 TRP TRP A . n 
A 1 106 CYS 106 318 318 CYS CYS A . n 
A 1 107 LYS 107 319 319 LYS LYS A . n 
A 1 108 ASN 108 320 320 ASN ASN A . n 
A 1 109 GLN 109 321 321 GLN GLN A . n 
A 1 110 ASP 110 322 322 ASP ASP A . n 
A 1 111 VAL 111 323 323 VAL VAL A . n 
A 1 112 THR 112 324 324 THR THR A . n 
A 1 113 LYS 113 325 325 LYS LYS A . n 
A 1 114 LEU 114 326 326 LEU LEU A . n 
A 1 115 ILE 115 327 327 ILE ILE A . n 
A 1 116 ILE 116 328 328 ILE ILE A . n 
A 1 117 GLY 117 329 329 GLY GLY A . n 
A 1 118 GLN 118 330 330 GLN GLN A . n 
A 1 119 HIS 119 331 331 HIS HIS A . n 
A 1 120 ILE 120 332 332 ILE ILE A . n 
A 1 121 ARG 121 333 333 ARG ARG A . n 
A 1 122 ASN 122 334 334 ASN ASN A . n 
A 1 123 LYS 123 335 335 LYS LYS A . n 
A 1 124 ARG 124 336 336 ARG ARG A . n 
A 1 125 ARG 125 337 337 ARG ARG A . n 
A 1 126 ASP 126 338 338 ASP ASP A . n 
A 1 127 PHE 127 339 339 PHE PHE A . n 
A 1 128 PHE 128 340 340 PHE PHE A . n 
A 1 129 ASN 129 341 341 ASN ASN A . n 
A 1 130 LYS 130 342 342 LYS LYS A . n 
A 1 131 PRO 131 343 343 PRO PRO A . n 
A 1 132 LEU 132 344 344 LEU LEU A . n 
A 1 133 ILE 133 345 345 ILE ILE A . n 
A 1 134 ASP 134 346 346 ASP ASP A . n 
A 1 135 HIS 135 347 347 HIS HIS A . n 
A 1 136 LEU 136 348 348 LEU LEU A . n 
A 1 137 MET 137 349 349 MET MET A . n 
A 1 138 SER 138 350 350 SER SER A . n 
A 1 139 PHE 139 351 351 PHE PHE A . n 
A 1 140 GLU 140 352 352 GLU GLU A . n 
A 1 141 HIS 141 353 353 HIS HIS A . n 
A 1 142 SER 142 354 354 SER SER A . n 
A 1 143 TYR 143 355 355 TYR TYR A . n 
A 1 144 LYS 144 356 356 LYS LYS A . n 
A 1 145 ILE 145 357 357 ILE ILE A . n 
A 1 146 GLU 146 358 358 GLU GLU A . n 
A 1 147 ILE 147 359 359 ILE ILE A . n 
A 1 148 VAL 148 360 360 VAL VAL A . n 
A 1 149 PRO 149 361 361 PRO PRO A . n 
A 1 150 ILE 150 362 362 ILE ILE A . n 
A 1 151 LYS 151 363 363 LYS LYS A . n 
A 1 152 GLN 152 364 ?   ?   ?   A . n 
# 
loop_
_pdbx_nonpoly_scheme.asym_id 
_pdbx_nonpoly_scheme.entity_id 
_pdbx_nonpoly_scheme.mon_id 
_pdbx_nonpoly_scheme.ndb_seq_num 
_pdbx_nonpoly_scheme.pdb_seq_num 
_pdbx_nonpoly_scheme.auth_seq_num 
_pdbx_nonpoly_scheme.pdb_mon_id 
_pdbx_nonpoly_scheme.auth_mon_id 
_pdbx_nonpoly_scheme.pdb_strand_id 
_pdbx_nonpoly_scheme.pdb_ins_code 
B 2 2BA 1  401 1  2BA 2BA A . 
C 3 HOH 1  501 22 HOH HOH A . 
C 3 HOH 2  502 2  HOH HOH A . 
C 3 HOH 3  503 18 HOH HOH A . 
C 3 HOH 4  504 1  HOH HOH A . 
C 3 HOH 5  505 8  HOH HOH A . 
C 3 HOH 6  506 21 HOH HOH A . 
C 3 HOH 7  507 4  HOH HOH A . 
C 3 HOH 8  508 23 HOH HOH A . 
C 3 HOH 9  509 17 HOH HOH A . 
C 3 HOH 10 510 3  HOH HOH A . 
C 3 HOH 11 511 6  HOH HOH A . 
C 3 HOH 12 512 28 HOH HOH A . 
C 3 HOH 13 513 20 HOH HOH A . 
C 3 HOH 14 514 16 HOH HOH A . 
C 3 HOH 15 515 9  HOH HOH A . 
C 3 HOH 16 516 11 HOH HOH A . 
C 3 HOH 17 517 14 HOH HOH A . 
C 3 HOH 18 518 10 HOH HOH A . 
C 3 HOH 19 519 7  HOH HOH A . 
C 3 HOH 20 520 24 HOH HOH A . 
C 3 HOH 21 521 25 HOH HOH A . 
C 3 HOH 22 522 15 HOH HOH A . 
C 3 HOH 23 523 26 HOH HOH A . 
C 3 HOH 24 524 29 HOH HOH A . 
# 
loop_
_pdbx_unobs_or_zero_occ_atoms.id 
_pdbx_unobs_or_zero_occ_atoms.PDB_model_num 
_pdbx_unobs_or_zero_occ_atoms.polymer_flag 
_pdbx_unobs_or_zero_occ_atoms.occupancy_flag 
_pdbx_unobs_or_zero_occ_atoms.auth_asym_id 
_pdbx_unobs_or_zero_occ_atoms.auth_comp_id 
_pdbx_unobs_or_zero_occ_atoms.auth_seq_id 
_pdbx_unobs_or_zero_occ_atoms.PDB_ins_code 
_pdbx_unobs_or_zero_occ_atoms.auth_atom_id 
_pdbx_unobs_or_zero_occ_atoms.label_alt_id 
_pdbx_unobs_or_zero_occ_atoms.label_asym_id 
_pdbx_unobs_or_zero_occ_atoms.label_comp_id 
_pdbx_unobs_or_zero_occ_atoms.label_seq_id 
_pdbx_unobs_or_zero_occ_atoms.label_atom_id 
1  1 Y 1 A LYS 236 ? CG  ? A LYS 24  CG  
2  1 Y 1 A LYS 236 ? CD  ? A LYS 24  CD  
3  1 Y 1 A LYS 236 ? CE  ? A LYS 24  CE  
4  1 Y 1 A LYS 236 ? NZ  ? A LYS 24  NZ  
5  1 Y 1 A GLU 250 ? CG  ? A GLU 38  CG  
6  1 Y 1 A GLU 250 ? CD  ? A GLU 38  CD  
7  1 Y 1 A GLU 250 ? OE1 ? A GLU 38  OE1 
8  1 Y 1 A GLU 250 ? OE2 ? A GLU 38  OE2 
9  1 Y 1 A LYS 262 ? CG  ? A LYS 50  CG  
10 1 Y 1 A LYS 262 ? CD  ? A LYS 50  CD  
11 1 Y 1 A LYS 262 ? CE  ? A LYS 50  CE  
12 1 Y 1 A LYS 262 ? NZ  ? A LYS 50  NZ  
13 1 Y 1 A GLU 276 ? CG  ? A GLU 64  CG  
14 1 Y 1 A GLU 276 ? CD  ? A GLU 64  CD  
15 1 Y 1 A GLU 276 ? OE1 ? A GLU 64  OE1 
16 1 Y 1 A GLU 276 ? OE2 ? A GLU 64  OE2 
17 1 Y 1 A GLN 280 ? CG  ? A GLN 68  CG  
18 1 Y 1 A GLN 280 ? CD  ? A GLN 68  CD  
19 1 Y 1 A GLN 280 ? OE1 ? A GLN 68  OE1 
20 1 Y 1 A GLN 280 ? NE2 ? A GLN 68  NE2 
21 1 Y 1 A LYS 282 ? CG  ? A LYS 70  CG  
22 1 Y 1 A LYS 282 ? CD  ? A LYS 70  CD  
23 1 Y 1 A LYS 282 ? CE  ? A LYS 70  CE  
24 1 Y 1 A LYS 282 ? NZ  ? A LYS 70  NZ  
25 1 Y 1 A ASP 283 ? CG  ? A ASP 71  CG  
26 1 Y 1 A ASP 283 ? OD1 ? A ASP 71  OD1 
27 1 Y 1 A ASP 283 ? OD2 ? A ASP 71  OD2 
28 1 Y 1 A SER 284 ? OG  ? A SER 72  OG  
29 1 Y 1 A GLN 285 ? CG  ? A GLN 73  CG  
30 1 Y 1 A GLN 285 ? CD  ? A GLN 73  CD  
31 1 Y 1 A GLN 285 ? OE1 ? A GLN 73  OE1 
32 1 Y 1 A GLN 285 ? NE2 ? A GLN 73  NE2 
33 1 Y 1 A LYS 286 ? CG  ? A LYS 74  CG  
34 1 Y 1 A LYS 286 ? CD  ? A LYS 74  CD  
35 1 Y 1 A LYS 286 ? CE  ? A LYS 74  CE  
36 1 Y 1 A LYS 286 ? NZ  ? A LYS 74  NZ  
37 1 Y 1 A LYS 301 ? CG  ? A LYS 89  CG  
38 1 Y 1 A LYS 301 ? CD  ? A LYS 89  CD  
39 1 Y 1 A LYS 301 ? CE  ? A LYS 89  CE  
40 1 Y 1 A LYS 301 ? NZ  ? A LYS 89  NZ  
41 1 Y 1 A LYS 319 ? CG  ? A LYS 107 CG  
42 1 Y 1 A LYS 319 ? CD  ? A LYS 107 CD  
43 1 Y 1 A LYS 319 ? CE  ? A LYS 107 CE  
44 1 Y 1 A LYS 319 ? NZ  ? A LYS 107 NZ  
45 1 Y 1 A LYS 335 ? CG  ? A LYS 123 CG  
46 1 Y 1 A LYS 335 ? CD  ? A LYS 123 CD  
47 1 Y 1 A LYS 335 ? CE  ? A LYS 123 CE  
48 1 Y 1 A LYS 335 ? NZ  ? A LYS 123 NZ  
49 1 Y 1 A ARG 336 ? CG  ? A ARG 124 CG  
50 1 Y 1 A ARG 336 ? CD  ? A ARG 124 CD  
51 1 Y 1 A ARG 336 ? NE  ? A ARG 124 NE  
52 1 Y 1 A ARG 336 ? CZ  ? A ARG 124 CZ  
53 1 Y 1 A ARG 336 ? NH1 ? A ARG 124 NH1 
54 1 Y 1 A ARG 336 ? NH2 ? A ARG 124 NH2 
55 1 Y 1 A ARG 337 ? CG  ? A ARG 125 CG  
56 1 Y 1 A ARG 337 ? CD  ? A ARG 125 CD  
57 1 Y 1 A ARG 337 ? NE  ? A ARG 125 NE  
58 1 Y 1 A ARG 337 ? CZ  ? A ARG 125 CZ  
59 1 Y 1 A ARG 337 ? NH1 ? A ARG 125 NH1 
60 1 Y 1 A ARG 337 ? NH2 ? A ARG 125 NH2 
61 1 Y 1 A LYS 363 ? CG  ? A LYS 151 CG  
62 1 Y 1 A LYS 363 ? CD  ? A LYS 151 CD  
63 1 Y 1 A LYS 363 ? CE  ? A LYS 151 CE  
64 1 Y 1 A LYS 363 ? NZ  ? A LYS 151 NZ  
# 
loop_
_software.citation_id 
_software.classification 
_software.compiler_name 
_software.compiler_version 
_software.contact_author 
_software.contact_author_email 
_software.date 
_software.description 
_software.dependencies 
_software.hardware 
_software.language 
_software.location 
_software.mods 
_software.name 
_software.os 
_software.os_version 
_software.type 
_software.version 
_software.pdbx_ordinal 
? refinement        ? ? ? ? ? ? ? ? ? ? ? PHENIX      ? ? ? 1.17.1-3660-000 1 
? 'data reduction'  ? ? ? ? ? ? ? ? ? ? ? DENZO       ? ? ? .               2 
? 'data scaling'    ? ? ? ? ? ? ? ? ? ? ? SCALEPACK   ? ? ? .               3 
? phasing           ? ? ? ? ? ? ? ? ? ? ? PHASER      ? ? ? 2.8.3           4 
? 'data extraction' ? ? ? ? ? ? ? ? ? ? ? PDB_EXTRACT ? ? ? 3.25            5 
# 
_cell.angle_alpha                  90.000 
_cell.angle_alpha_esd              ? 
_cell.angle_beta                   90.000 
_cell.angle_beta_esd               ? 
_cell.angle_gamma                  90.000 
_cell.angle_gamma_esd              ? 
_cell.entry_id                     7JI4 
_cell.details                      ? 
_cell.formula_units_Z              ? 
_cell.length_a                     54.411 
_cell.length_a_esd                 ? 
_cell.length_b                     54.411 
_cell.length_b_esd                 ? 
_cell.length_c                     96.526 
_cell.length_c_esd                 ? 
_cell.volume                       ? 
_cell.volume_esd                   ? 
_cell.Z_PDB                        8 
_cell.reciprocal_angle_alpha       ? 
_cell.reciprocal_angle_beta        ? 
_cell.reciprocal_angle_gamma       ? 
_cell.reciprocal_angle_alpha_esd   ? 
_cell.reciprocal_angle_beta_esd    ? 
_cell.reciprocal_angle_gamma_esd   ? 
_cell.reciprocal_length_a          ? 
_cell.reciprocal_length_b          ? 
_cell.reciprocal_length_c          ? 
_cell.reciprocal_length_a_esd      ? 
_cell.reciprocal_length_b_esd      ? 
_cell.reciprocal_length_c_esd      ? 
_cell.pdbx_unique_axis             ? 
# 
_symmetry.entry_id                         7JI4 
_symmetry.cell_setting                     ? 
_symmetry.Int_Tables_number                96 
_symmetry.space_group_name_Hall            ? 
_symmetry.space_group_name_H-M             'P 43 21 2' 
_symmetry.pdbx_full_space_group_name_H-M   ? 
# 
_exptl.absorpt_coefficient_mu     ? 
_exptl.absorpt_correction_T_max   ? 
_exptl.absorpt_correction_T_min   ? 
_exptl.absorpt_correction_type    ? 
_exptl.absorpt_process_details    ? 
_exptl.entry_id                   7JI4 
_exptl.crystals_number            1 
_exptl.details                    ? 
_exptl.method                     'X-RAY DIFFRACTION' 
_exptl.method_details             ? 
# 
_exptl_crystal.colour                      ? 
_exptl_crystal.density_diffrn              ? 
_exptl_crystal.density_Matthews            2.02 
_exptl_crystal.density_method              ? 
_exptl_crystal.density_percent_sol         39.21 
_exptl_crystal.description                 ? 
_exptl_crystal.F_000                       ? 
_exptl_crystal.id                          1 
_exptl_crystal.preparation                 ? 
_exptl_crystal.size_max                    ? 
_exptl_crystal.size_mid                    ? 
_exptl_crystal.size_min                    ? 
_exptl_crystal.size_rad                    ? 
_exptl_crystal.colour_lustre               ? 
_exptl_crystal.colour_modifier             ? 
_exptl_crystal.colour_primary              ? 
_exptl_crystal.density_meas                ? 
_exptl_crystal.density_meas_esd            ? 
_exptl_crystal.density_meas_gt             ? 
_exptl_crystal.density_meas_lt             ? 
_exptl_crystal.density_meas_temp           ? 
_exptl_crystal.density_meas_temp_esd       ? 
_exptl_crystal.density_meas_temp_gt        ? 
_exptl_crystal.density_meas_temp_lt        ? 
_exptl_crystal.pdbx_crystal_image_url      ? 
_exptl_crystal.pdbx_crystal_image_format   ? 
_exptl_crystal.pdbx_mosaicity              ? 
_exptl_crystal.pdbx_mosaicity_esd          ? 
# 
_exptl_crystal_grow.apparatus       ? 
_exptl_crystal_grow.atmosphere      ? 
_exptl_crystal_grow.crystal_id      1 
_exptl_crystal_grow.details         ? 
_exptl_crystal_grow.method          'VAPOR DIFFUSION, HANGING DROP' 
_exptl_crystal_grow.method_ref      ? 
_exptl_crystal_grow.pH              8.5 
_exptl_crystal_grow.pressure        ? 
_exptl_crystal_grow.pressure_esd    ? 
_exptl_crystal_grow.seeding         ? 
_exptl_crystal_grow.seeding_ref     ? 
_exptl_crystal_grow.temp            293 
_exptl_crystal_grow.temp_details    ? 
_exptl_crystal_grow.temp_esd        ? 
_exptl_crystal_grow.time            ? 
_exptl_crystal_grow.pdbx_details    '0.11 M lithium sulfate, 0.1 M Tris-HCl, pH 8.5, 21% PEG3350' 
_exptl_crystal_grow.pdbx_pH_range   ? 
# 
_diffrn.ambient_environment              ? 
_diffrn.ambient_temp                     93 
_diffrn.ambient_temp_details             ? 
_diffrn.ambient_temp_esd                 ? 
_diffrn.crystal_id                       1 
_diffrn.crystal_support                  ? 
_diffrn.crystal_treatment                ? 
_diffrn.details                          ? 
_diffrn.id                               1 
_diffrn.ambient_pressure                 ? 
_diffrn.ambient_pressure_esd             ? 
_diffrn.ambient_pressure_gt              ? 
_diffrn.ambient_pressure_lt              ? 
_diffrn.ambient_temp_gt                  ? 
_diffrn.ambient_temp_lt                  ? 
_diffrn.pdbx_serial_crystal_experiment   N 
# 
_diffrn_detector.details                      ? 
_diffrn_detector.detector                     PIXEL 
_diffrn_detector.diffrn_id                    1 
_diffrn_detector.type                         'DECTRIS PILATUS3 6M' 
_diffrn_detector.area_resol_mean              ? 
_diffrn_detector.dtime                        ? 
_diffrn_detector.pdbx_frames_total            ? 
_diffrn_detector.pdbx_collection_time_total   ? 
_diffrn_detector.pdbx_collection_date         2018-07-02 
_diffrn_detector.pdbx_frequency               ? 
# 
_diffrn_radiation.collimation                      ? 
_diffrn_radiation.diffrn_id                        1 
_diffrn_radiation.filter_edge                      ? 
_diffrn_radiation.inhomogeneity                    ? 
_diffrn_radiation.monochromator                    'Si(220)' 
_diffrn_radiation.polarisn_norm                    ? 
_diffrn_radiation.polarisn_ratio                   ? 
_diffrn_radiation.probe                            ? 
_diffrn_radiation.type                             ? 
_diffrn_radiation.xray_symbol                      ? 
_diffrn_radiation.wavelength_id                    1 
_diffrn_radiation.pdbx_monochromatic_or_laue_m_l   M 
_diffrn_radiation.pdbx_wavelength_list             ? 
_diffrn_radiation.pdbx_wavelength                  ? 
_diffrn_radiation.pdbx_diffrn_protocol             'SINGLE WAVELENGTH' 
_diffrn_radiation.pdbx_analyzer                    ? 
_diffrn_radiation.pdbx_scattering_type             x-ray 
# 
_diffrn_radiation_wavelength.id           1 
_diffrn_radiation_wavelength.wavelength   0.97741 
_diffrn_radiation_wavelength.wt           1.0 
# 
_diffrn_source.current                     ? 
_diffrn_source.details                     ? 
_diffrn_source.diffrn_id                   1 
_diffrn_source.power                       ? 
_diffrn_source.size                        ? 
_diffrn_source.source                      SYNCHROTRON 
_diffrn_source.target                      ? 
_diffrn_source.type                        'ALS BEAMLINE 5.0.1' 
_diffrn_source.voltage                     ? 
_diffrn_source.take-off_angle              ? 
_diffrn_source.pdbx_wavelength_list        0.97741 
_diffrn_source.pdbx_wavelength             ? 
_diffrn_source.pdbx_synchrotron_beamline   5.0.1 
_diffrn_source.pdbx_synchrotron_site       ALS 
# 
_reflns.B_iso_Wilson_estimate            ? 
_reflns.entry_id                         7JI4 
_reflns.data_reduction_details           ? 
_reflns.data_reduction_method            ? 
_reflns.d_resolution_high                2.300 
_reflns.d_resolution_low                 50.000 
_reflns.details                          ? 
_reflns.limit_h_max                      ? 
_reflns.limit_h_min                      ? 
_reflns.limit_k_max                      ? 
_reflns.limit_k_min                      ? 
_reflns.limit_l_max                      ? 
_reflns.limit_l_min                      ? 
_reflns.number_all                       ? 
_reflns.number_obs                       6957 
_reflns.observed_criterion               ? 
_reflns.observed_criterion_F_max         ? 
_reflns.observed_criterion_F_min         ? 
_reflns.observed_criterion_I_max         ? 
_reflns.observed_criterion_I_min         ? 
_reflns.observed_criterion_sigma_F       ? 
_reflns.observed_criterion_sigma_I       ? 
_reflns.percent_possible_obs             100.000 
_reflns.R_free_details                   ? 
_reflns.Rmerge_F_all                     ? 
_reflns.Rmerge_F_obs                     ? 
_reflns.Friedel_coverage                 ? 
_reflns.number_gt                        ? 
_reflns.threshold_expression             ? 
_reflns.pdbx_redundancy                  23.700 
_reflns.pdbx_Rmerge_I_obs                0.112 
_reflns.pdbx_Rmerge_I_all                ? 
_reflns.pdbx_Rsym_value                  ? 
_reflns.pdbx_netI_over_av_sigmaI         ? 
_reflns.pdbx_netI_over_sigmaI            8.300 
_reflns.pdbx_res_netI_over_av_sigmaI_2   ? 
_reflns.pdbx_res_netI_over_sigmaI_2      ? 
_reflns.pdbx_chi_squared                 1.003 
_reflns.pdbx_scaling_rejects             ? 
_reflns.pdbx_d_res_high_opt              ? 
_reflns.pdbx_d_res_low_opt               ? 
_reflns.pdbx_d_res_opt_method            ? 
_reflns.phase_calculation_details        ? 
_reflns.pdbx_Rrim_I_all                  0.115 
_reflns.pdbx_Rpim_I_all                  0.023 
_reflns.pdbx_d_opt                       ? 
_reflns.pdbx_number_measured_all         164630 
_reflns.pdbx_diffrn_id                   1 
_reflns.pdbx_ordinal                     1 
_reflns.pdbx_CC_half                     ? 
_reflns.pdbx_CC_star                     ? 
_reflns.pdbx_R_split                     ? 
# 
loop_
_reflns_shell.d_res_high 
_reflns_shell.d_res_low 
_reflns_shell.meanI_over_sigI_all 
_reflns_shell.meanI_over_sigI_obs 
_reflns_shell.number_measured_all 
_reflns_shell.number_measured_obs 
_reflns_shell.number_possible 
_reflns_shell.number_unique_all 
_reflns_shell.number_unique_obs 
_reflns_shell.percent_possible_all 
_reflns_shell.percent_possible_obs 
_reflns_shell.Rmerge_F_all 
_reflns_shell.Rmerge_F_obs 
_reflns_shell.Rmerge_I_all 
_reflns_shell.Rmerge_I_obs 
_reflns_shell.meanI_over_sigI_gt 
_reflns_shell.meanI_over_uI_all 
_reflns_shell.meanI_over_uI_gt 
_reflns_shell.number_measured_gt 
_reflns_shell.number_unique_gt 
_reflns_shell.percent_possible_gt 
_reflns_shell.Rmerge_F_gt 
_reflns_shell.Rmerge_I_gt 
_reflns_shell.pdbx_redundancy 
_reflns_shell.pdbx_Rsym_value 
_reflns_shell.pdbx_chi_squared 
_reflns_shell.pdbx_netI_over_sigmaI_all 
_reflns_shell.pdbx_netI_over_sigmaI_obs 
_reflns_shell.pdbx_Rrim_I_all 
_reflns_shell.pdbx_Rpim_I_all 
_reflns_shell.pdbx_rejects 
_reflns_shell.pdbx_ordinal 
_reflns_shell.pdbx_diffrn_id 
_reflns_shell.pdbx_CC_half 
_reflns_shell.pdbx_CC_star 
_reflns_shell.pdbx_R_split 
2.300 2.340  ? ? ? ? ? ? 331 99.100  ? ? ? ? 0.444 ? ? ? ? ? ? ? ? 21.800 ? 0.987 ? ? 0.454 0.092 ? 1  1 0.982 ? ? 
2.340 2.380  ? ? ? ? ? ? 340 100.000 ? ? ? ? 0.474 ? ? ? ? ? ? ? ? 21.400 ? 0.957 ? ? 0.485 0.101 ? 2  1 0.986 ? ? 
2.380 2.430  ? ? ? ? ? ? 340 100.000 ? ? ? ? 0.407 ? ? ? ? ? ? ? ? 23.100 ? 1.004 ? ? 0.415 0.084 ? 3  1 0.984 ? ? 
2.430 2.480  ? ? ? ? ? ? 339 100.000 ? ? ? ? 0.394 ? ? ? ? ? ? ? ? 24.400 ? 0.996 ? ? 0.402 0.079 ? 4  1 0.989 ? ? 
2.480 2.530  ? ? ? ? ? ? 327 100.000 ? ? ? ? 0.361 ? ? ? ? ? ? ? ? 25.000 ? 1.044 ? ? 0.368 0.072 ? 5  1 0.988 ? ? 
2.530 2.590  ? ? ? ? ? ? 345 100.000 ? ? ? ? 0.295 ? ? ? ? ? ? ? ? 24.300 ? 0.961 ? ? 0.302 0.060 ? 6  1 0.993 ? ? 
2.590 2.660  ? ? ? ? ? ? 324 100.000 ? ? ? ? 0.274 ? ? ? ? ? ? ? ? 24.300 ? 1.025 ? ? 0.280 0.056 ? 7  1 0.990 ? ? 
2.660 2.730  ? ? ? ? ? ? 352 100.000 ? ? ? ? 0.242 ? ? ? ? ? ? ? ? 23.200 ? 1.001 ? ? 0.248 0.050 ? 8  1 0.991 ? ? 
2.730 2.810  ? ? ? ? ? ? 336 100.000 ? ? ? ? 0.214 ? ? ? ? ? ? ? ? 25.000 ? 0.993 ? ? 0.219 0.043 ? 9  1 0.995 ? ? 
2.810 2.900  ? ? ? ? ? ? 334 100.000 ? ? ? ? 0.187 ? ? ? ? ? ? ? ? 24.500 ? 1.002 ? ? 0.191 0.038 ? 10 1 0.996 ? ? 
2.900 3.000  ? ? ? ? ? ? 344 100.000 ? ? ? ? 0.174 ? ? ? ? ? ? ? ? 23.800 ? 0.989 ? ? 0.178 0.035 ? 11 1 0.995 ? ? 
3.000 3.120  ? ? ? ? ? ? 345 100.000 ? ? ? ? 0.161 ? ? ? ? ? ? ? ? 25.400 ? 1.012 ? ? 0.164 0.032 ? 12 1 0.994 ? ? 
3.120 3.260  ? ? ? ? ? ? 344 100.000 ? ? ? ? 0.146 ? ? ? ? ? ? ? ? 24.700 ? 1.000 ? ? 0.149 0.029 ? 13 1 0.994 ? ? 
3.260 3.440  ? ? ? ? ? ? 345 100.000 ? ? ? ? 0.135 ? ? ? ? ? ? ? ? 24.000 ? 0.994 ? ? 0.138 0.028 ? 14 1 0.995 ? ? 
3.440 3.650  ? ? ? ? ? ? 353 100.000 ? ? ? ? 0.127 ? ? ? ? ? ? ? ? 23.600 ? 1.037 ? ? 0.130 0.026 ? 15 1 0.996 ? ? 
3.650 3.930  ? ? ? ? ? ? 352 100.000 ? ? ? ? 0.120 ? ? ? ? ? ? ? ? 23.600 ? 0.912 ? ? 0.123 0.025 ? 16 1 0.998 ? ? 
3.930 4.330  ? ? ? ? ? ? 349 100.000 ? ? ? ? 0.109 ? ? ? ? ? ? ? ? 24.700 ? 0.989 ? ? 0.111 0.022 ? 17 1 0.996 ? ? 
4.330 4.950  ? ? ? ? ? ? 367 100.000 ? ? ? ? 0.101 ? ? ? ? ? ? ? ? 23.500 ? 1.014 ? ? 0.104 0.021 ? 18 1 0.997 ? ? 
4.950 6.240  ? ? ? ? ? ? 367 100.000 ? ? ? ? 0.092 ? ? ? ? ? ? ? ? 22.900 ? 1.058 ? ? 0.094 0.019 ? 19 1 0.998 ? ? 
6.240 50.000 ? ? ? ? ? ? 423 100.000 ? ? ? ? 0.088 ? ? ? ? ? ? ? ? 20.800 ? 1.071 ? ? 0.091 0.019 ? 20 1 0.997 ? ? 
# 
_refine.aniso_B[1][1]                            ? 
_refine.aniso_B[1][2]                            ? 
_refine.aniso_B[1][3]                            ? 
_refine.aniso_B[2][2]                            ? 
_refine.aniso_B[2][3]                            ? 
_refine.aniso_B[3][3]                            ? 
_refine.B_iso_max                                100.260 
_refine.B_iso_mean                               63.4322 
_refine.B_iso_min                                41.420 
_refine.correlation_coeff_Fo_to_Fc               ? 
_refine.correlation_coeff_Fo_to_Fc_free          ? 
_refine.details                                  ? 
_refine.diff_density_max                         ? 
_refine.diff_density_max_esd                     ? 
_refine.diff_density_min                         ? 
_refine.diff_density_min_esd                     ? 
_refine.diff_density_rms                         ? 
_refine.diff_density_rms_esd                     ? 
_refine.entry_id                                 7JI4 
_refine.pdbx_refine_id                           'X-RAY DIFFRACTION' 
_refine.ls_abs_structure_details                 ? 
_refine.ls_abs_structure_Flack                   ? 
_refine.ls_abs_structure_Flack_esd               ? 
_refine.ls_abs_structure_Rogers                  ? 
_refine.ls_abs_structure_Rogers_esd              ? 
_refine.ls_d_res_high                            2.3000 
_refine.ls_d_res_low                             47.4000 
_refine.ls_extinction_coef                       ? 
_refine.ls_extinction_coef_esd                   ? 
_refine.ls_extinction_expression                 ? 
_refine.ls_extinction_method                     ? 
_refine.ls_goodness_of_fit_all                   ? 
_refine.ls_goodness_of_fit_all_esd               ? 
_refine.ls_goodness_of_fit_obs                   ? 
_refine.ls_goodness_of_fit_obs_esd               ? 
_refine.ls_hydrogen_treatment                    ? 
_refine.ls_matrix_type                           ? 
_refine.ls_number_constraints                    ? 
_refine.ls_number_parameters                     ? 
_refine.ls_number_reflns_all                     ? 
_refine.ls_number_reflns_obs                     6897 
_refine.ls_number_reflns_R_free                  692 
_refine.ls_number_reflns_R_work                  6205 
_refine.ls_number_restraints                     ? 
_refine.ls_percent_reflns_obs                    99.8300 
_refine.ls_percent_reflns_R_free                 10.0300 
_refine.ls_R_factor_all                          ? 
_refine.ls_R_factor_obs                          0.2118 
_refine.ls_R_factor_R_free                       0.2490 
_refine.ls_R_factor_R_free_error                 ? 
_refine.ls_R_factor_R_free_error_details         ? 
_refine.ls_R_factor_R_work                       0.2077 
_refine.ls_R_Fsqd_factor_obs                     ? 
_refine.ls_R_I_factor_obs                        ? 
_refine.ls_redundancy_reflns_all                 ? 
_refine.ls_redundancy_reflns_obs                 ? 
_refine.ls_restrained_S_all                      ? 
_refine.ls_restrained_S_obs                      ? 
_refine.ls_shift_over_esd_max                    ? 
_refine.ls_shift_over_esd_mean                   ? 
_refine.ls_structure_factor_coef                 ? 
_refine.ls_weighting_details                     ? 
_refine.ls_weighting_scheme                      ? 
_refine.ls_wR_factor_all                         ? 
_refine.ls_wR_factor_obs                         ? 
_refine.ls_wR_factor_R_free                      ? 
_refine.ls_wR_factor_R_work                      ? 
_refine.occupancy_max                            ? 
_refine.occupancy_min                            ? 
_refine.solvent_model_details                    'FLAT BULK SOLVENT MODEL' 
_refine.solvent_model_param_bsol                 ? 
_refine.solvent_model_param_ksol                 ? 
_refine.pdbx_R_complete                          ? 
_refine.ls_R_factor_gt                           ? 
_refine.ls_goodness_of_fit_gt                    ? 
_refine.ls_goodness_of_fit_ref                   ? 
_refine.ls_shift_over_su_max                     ? 
_refine.ls_shift_over_su_max_lt                  ? 
_refine.ls_shift_over_su_mean                    ? 
_refine.ls_shift_over_su_mean_lt                 ? 
_refine.pdbx_ls_sigma_I                          ? 
_refine.pdbx_ls_sigma_F                          1.360 
_refine.pdbx_ls_sigma_Fsqd                       ? 
_refine.pdbx_data_cutoff_high_absF               ? 
_refine.pdbx_data_cutoff_high_rms_absF           ? 
_refine.pdbx_data_cutoff_low_absF                ? 
_refine.pdbx_isotropic_thermal_model             ? 
_refine.pdbx_ls_cross_valid_method               THROUGHOUT 
_refine.pdbx_method_to_determine_struct          SAD 
_refine.pdbx_starting_model                      ? 
_refine.pdbx_stereochemistry_target_values       MLHL 
_refine.pdbx_R_Free_selection_details            ? 
_refine.pdbx_stereochem_target_val_spec_case     ? 
_refine.pdbx_overall_ESU_R                       ? 
_refine.pdbx_overall_ESU_R_Free                  ? 
_refine.pdbx_solvent_vdw_probe_radii             1.1100 
_refine.pdbx_solvent_ion_probe_radii             ? 
_refine.pdbx_solvent_shrinkage_radii             0.9000 
_refine.pdbx_real_space_R                        ? 
_refine.pdbx_density_correlation                 ? 
_refine.pdbx_pd_number_of_powder_patterns        ? 
_refine.pdbx_pd_number_of_points                 ? 
_refine.pdbx_pd_meas_number_of_points            ? 
_refine.pdbx_pd_proc_ls_prof_R_factor            ? 
_refine.pdbx_pd_proc_ls_prof_wR_factor           ? 
_refine.pdbx_pd_Marquardt_correlation_coeff      ? 
_refine.pdbx_pd_Fsqrd_R_factor                   ? 
_refine.pdbx_pd_ls_matrix_band_width             ? 
_refine.pdbx_overall_phase_error                 30.8900 
_refine.pdbx_overall_SU_R_free_Cruickshank_DPI   ? 
_refine.pdbx_overall_SU_R_free_Blow_DPI          ? 
_refine.pdbx_overall_SU_R_Blow_DPI               ? 
_refine.pdbx_TLS_residual_ADP_flag               ? 
_refine.pdbx_diffrn_id                           1 
_refine.overall_SU_B                             ? 
_refine.overall_SU_ML                            0.2300 
_refine.overall_SU_R_Cruickshank_DPI             ? 
_refine.overall_SU_R_free                        ? 
_refine.overall_FOM_free_R_set                   ? 
_refine.overall_FOM_work_R_set                   ? 
_refine.pdbx_average_fsc_overall                 ? 
_refine.pdbx_average_fsc_work                    ? 
_refine.pdbx_average_fsc_free                    ? 
# 
_refine_hist.pdbx_refine_id                   'X-RAY DIFFRACTION' 
_refine_hist.cycle_id                         final 
_refine_hist.details                          ? 
_refine_hist.d_res_high                       2.3000 
_refine_hist.d_res_low                        47.4000 
_refine_hist.number_atoms_solvent             24 
_refine_hist.number_atoms_total               1025 
_refine_hist.number_reflns_all                ? 
_refine_hist.number_reflns_obs                ? 
_refine_hist.number_reflns_R_free             ? 
_refine_hist.number_reflns_R_work             ? 
_refine_hist.R_factor_all                     ? 
_refine_hist.R_factor_obs                     ? 
_refine_hist.R_factor_R_free                  ? 
_refine_hist.R_factor_R_work                  ? 
_refine_hist.pdbx_number_residues_total       125 
_refine_hist.pdbx_B_iso_mean_ligand           56.72 
_refine_hist.pdbx_B_iso_mean_solvent          65.43 
_refine_hist.pdbx_number_atoms_protein        957 
_refine_hist.pdbx_number_atoms_nucleic_acid   0 
_refine_hist.pdbx_number_atoms_ligand         44 
_refine_hist.pdbx_number_atoms_lipid          ? 
_refine_hist.pdbx_number_atoms_carb           ? 
_refine_hist.pdbx_pseudo_atom_details         ? 
# 
loop_
_refine_ls_shell.pdbx_refine_id 
_refine_ls_shell.d_res_high 
_refine_ls_shell.d_res_low 
_refine_ls_shell.number_reflns_all 
_refine_ls_shell.number_reflns_obs 
_refine_ls_shell.number_reflns_R_free 
_refine_ls_shell.number_reflns_R_work 
_refine_ls_shell.percent_reflns_obs 
_refine_ls_shell.percent_reflns_R_free 
_refine_ls_shell.R_factor_all 
_refine_ls_shell.R_factor_obs 
_refine_ls_shell.R_factor_R_free 
_refine_ls_shell.R_factor_R_free_error 
_refine_ls_shell.R_factor_R_work 
_refine_ls_shell.redundancy_reflns_all 
_refine_ls_shell.redundancy_reflns_obs 
_refine_ls_shell.wR_factor_all 
_refine_ls_shell.wR_factor_obs 
_refine_ls_shell.wR_factor_R_free 
_refine_ls_shell.wR_factor_R_work 
_refine_ls_shell.pdbx_R_complete 
_refine_ls_shell.pdbx_total_number_of_bins_used 
_refine_ls_shell.pdbx_phase_error 
_refine_ls_shell.pdbx_fsc_work 
_refine_ls_shell.pdbx_fsc_free 
'X-RAY DIFFRACTION' 2.3000 2.4800  1336 . 134 1202 99.0000  . . . 0.3117 0.0000 0.2399 . . . . . . . 5 . . . 
'X-RAY DIFFRACTION' 2.4800 2.7300  1341 . 136 1205 100.0000 . . . 0.3490 0.0000 0.2406 . . . . . . . 5 . . . 
'X-RAY DIFFRACTION' 2.7300 3.1200  1353 . 135 1218 100.0000 . . . 0.3134 0.0000 0.2485 . . . . . . . 5 . . . 
'X-RAY DIFFRACTION' 3.1200 3.9300  1387 . 138 1249 100.0000 . . . 0.2555 0.0000 0.2241 . . . . . . . 5 . . . 
'X-RAY DIFFRACTION' 3.9300 47.4000 1480 . 149 1331 100.0000 . . . 0.2089 0.0000 0.1835 . . . . . . . 5 . . . 
# 
_struct.entry_id                     7JI4 
_struct.title                        
'Universal stress protein (USP) domain of KdpD histidine kinase in complex with second messenger c-di-AMP' 
_struct.pdbx_model_details           ? 
_struct.pdbx_formula_weight          ? 
_struct.pdbx_formula_weight_method   ? 
_struct.pdbx_model_type_details      ? 
_struct.pdbx_CASP_flag               N 
# 
_struct_keywords.entry_id        7JI4 
_struct_keywords.text            
'Universal stress protein, histidine kinase, second messenger, two component system, SIGNALING PROTEIN' 
_struct_keywords.pdbx_keywords   'SIGNALING PROTEIN' 
# 
loop_
_struct_asym.id 
_struct_asym.pdbx_blank_PDB_chainid_flag 
_struct_asym.pdbx_modified 
_struct_asym.entity_id 
_struct_asym.details 
A N N 1 ? 
B N N 2 ? 
C N N 3 ? 
# 
_struct_ref.id                         1 
_struct_ref.db_name                    UNP 
_struct_ref.db_code                    A0A167RS01_STAAU 
_struct_ref.pdbx_db_accession          A0A167RS01 
_struct_ref.pdbx_db_isoform            ? 
_struct_ref.entity_id                  1 
_struct_ref.pdbx_seq_one_letter_code   
;TLRTVADLMSDKEKVRHNHKTSLKPHIAVAISGSIYNEAVIKEAFHIAQKEHAKFTAIYIDVFEKSRQYKDSQKQVHQHL
MLAKSLGAKVKVVYSQTVALGLDEWCKNQDVTKLIIGQHIRNKRRDFFNKPLIDHLMSFEHSYKIEIVPIKQ
;
_struct_ref.pdbx_align_begin           213 
# 
_struct_ref_seq.align_id                      1 
_struct_ref_seq.ref_id                        1 
_struct_ref_seq.pdbx_PDB_id_code              7JI4 
_struct_ref_seq.pdbx_strand_id                A 
_struct_ref_seq.seq_align_beg                 1 
_struct_ref_seq.pdbx_seq_align_beg_ins_code   ? 
_struct_ref_seq.seq_align_end                 152 
_struct_ref_seq.pdbx_seq_align_end_ins_code   ? 
_struct_ref_seq.pdbx_db_accession             A0A167RS01 
_struct_ref_seq.db_align_beg                  213 
_struct_ref_seq.pdbx_db_align_beg_ins_code    ? 
_struct_ref_seq.db_align_end                  364 
_struct_ref_seq.pdbx_db_align_end_ins_code    ? 
_struct_ref_seq.pdbx_auth_seq_align_beg       213 
_struct_ref_seq.pdbx_auth_seq_align_end       364 
# 
_pdbx_struct_assembly.id                   1 
_pdbx_struct_assembly.details              author_defined_assembly 
_pdbx_struct_assembly.method_details       ? 
_pdbx_struct_assembly.oligomeric_details   monomeric 
_pdbx_struct_assembly.oligomeric_count     1 
# 
loop_
_pdbx_struct_assembly_prop.biol_id 
_pdbx_struct_assembly_prop.type 
_pdbx_struct_assembly_prop.value 
_pdbx_struct_assembly_prop.details 
1 'ABSA (A^2)' 0    ? 
1 MORE         0    ? 
1 'SSA (A^2)'  7510 ? 
# 
_pdbx_struct_assembly_gen.assembly_id       1 
_pdbx_struct_assembly_gen.oper_expression   1 
_pdbx_struct_assembly_gen.asym_id_list      A,B,C 
# 
_pdbx_struct_assembly_auth_evidence.id                     1 
_pdbx_struct_assembly_auth_evidence.assembly_id            1 
_pdbx_struct_assembly_auth_evidence.experimental_support   'gel filtration' 
_pdbx_struct_assembly_auth_evidence.details                ? 
# 
_pdbx_struct_oper_list.id                   1 
_pdbx_struct_oper_list.type                 'identity operation' 
_pdbx_struct_oper_list.name                 1_555 
_pdbx_struct_oper_list.symmetry_operation   x,y,z 
_pdbx_struct_oper_list.matrix[1][1]         1.0000000000 
_pdbx_struct_oper_list.matrix[1][2]         0.0000000000 
_pdbx_struct_oper_list.matrix[1][3]         0.0000000000 
_pdbx_struct_oper_list.vector[1]            0.0000000000 
_pdbx_struct_oper_list.matrix[2][1]         0.0000000000 
_pdbx_struct_oper_list.matrix[2][2]         1.0000000000 
_pdbx_struct_oper_list.matrix[2][3]         0.0000000000 
_pdbx_struct_oper_list.vector[2]            0.0000000000 
_pdbx_struct_oper_list.matrix[3][1]         0.0000000000 
_pdbx_struct_oper_list.matrix[3][2]         0.0000000000 
_pdbx_struct_oper_list.matrix[3][3]         1.0000000000 
_pdbx_struct_oper_list.vector[3]            0.0000000000 
# 
loop_
_struct_conf.conf_type_id 
_struct_conf.id 
_struct_conf.pdbx_PDB_helix_id 
_struct_conf.beg_label_comp_id 
_struct_conf.beg_label_asym_id 
_struct_conf.beg_label_seq_id 
_struct_conf.pdbx_beg_PDB_ins_code 
_struct_conf.end_label_comp_id 
_struct_conf.end_label_asym_id 
_struct_conf.end_label_seq_id 
_struct_conf.pdbx_end_PDB_ins_code 
_struct_conf.beg_auth_comp_id 
_struct_conf.beg_auth_asym_id 
_struct_conf.beg_auth_seq_id 
_struct_conf.end_auth_comp_id 
_struct_conf.end_auth_asym_id 
_struct_conf.end_auth_seq_id 
_struct_conf.pdbx_PDB_helix_class 
_struct_conf.details 
_struct_conf.pdbx_PDB_helix_length 
HELX_P HELX_P1 AA1 TYR A 36  ? GLU A 51  ? TYR A 248 GLU A 263 1 ? 16 
HELX_P HELX_P2 AA2 SER A 72  ? LEU A 86  ? SER A 284 LEU A 298 1 ? 15 
HELX_P HELX_P3 AA3 THR A 97  ? GLN A 109 ? THR A 309 GLN A 321 1 ? 13 
HELX_P HELX_P4 AA4 ASP A 126 ? LYS A 130 ? ASP A 338 LYS A 342 5 ? 5  
HELX_P HELX_P5 AA5 PRO A 131 ? PHE A 139 ? PRO A 343 PHE A 351 1 ? 9  
# 
_struct_conf_type.id          HELX_P 
_struct_conf_type.criteria    ? 
_struct_conf_type.reference   ? 
# 
_struct_sheet.id               AA1 
_struct_sheet.type             ? 
_struct_sheet.number_strands   5 
_struct_sheet.details          ? 
# 
loop_
_struct_sheet_order.sheet_id 
_struct_sheet_order.range_id_1 
_struct_sheet_order.range_id_2 
_struct_sheet_order.offset 
_struct_sheet_order.sense 
AA1 1 2 ? parallel 
AA1 2 3 ? parallel 
AA1 3 4 ? parallel 
AA1 4 5 ? parallel 
# 
loop_
_struct_sheet_range.sheet_id 
_struct_sheet_range.id 
_struct_sheet_range.beg_label_comp_id 
_struct_sheet_range.beg_label_asym_id 
_struct_sheet_range.beg_label_seq_id 
_struct_sheet_range.pdbx_beg_PDB_ins_code 
_struct_sheet_range.end_label_comp_id 
_struct_sheet_range.end_label_asym_id 
_struct_sheet_range.end_label_seq_id 
_struct_sheet_range.pdbx_end_PDB_ins_code 
_struct_sheet_range.beg_auth_comp_id 
_struct_sheet_range.beg_auth_asym_id 
_struct_sheet_range.beg_auth_seq_id 
_struct_sheet_range.end_auth_comp_id 
_struct_sheet_range.end_auth_asym_id 
_struct_sheet_range.end_auth_seq_id 
AA1 1 LYS A 89  ? TYR A 94  ? LYS A 301 TYR A 306 
AA1 2 LYS A 54  ? ASP A 61  ? LYS A 266 ASP A 273 
AA1 3 HIS A 26  ? ILE A 31  ? HIS A 238 ILE A 243 
AA1 4 LYS A 113 ? GLY A 117 ? LYS A 325 GLY A 329 
AA1 5 LYS A 144 ? VAL A 148 ? LYS A 356 VAL A 360 
# 
loop_
_pdbx_struct_sheet_hbond.sheet_id 
_pdbx_struct_sheet_hbond.range_id_1 
_pdbx_struct_sheet_hbond.range_id_2 
_pdbx_struct_sheet_hbond.range_1_label_atom_id 
_pdbx_struct_sheet_hbond.range_1_label_comp_id 
_pdbx_struct_sheet_hbond.range_1_label_asym_id 
_pdbx_struct_sheet_hbond.range_1_label_seq_id 
_pdbx_struct_sheet_hbond.range_1_PDB_ins_code 
_pdbx_struct_sheet_hbond.range_1_auth_atom_id 
_pdbx_struct_sheet_hbond.range_1_auth_comp_id 
_pdbx_struct_sheet_hbond.range_1_auth_asym_id 
_pdbx_struct_sheet_hbond.range_1_auth_seq_id 
_pdbx_struct_sheet_hbond.range_2_label_atom_id 
_pdbx_struct_sheet_hbond.range_2_label_comp_id 
_pdbx_struct_sheet_hbond.range_2_label_asym_id 
_pdbx_struct_sheet_hbond.range_2_label_seq_id 
_pdbx_struct_sheet_hbond.range_2_PDB_ins_code 
_pdbx_struct_sheet_hbond.range_2_auth_atom_id 
_pdbx_struct_sheet_hbond.range_2_auth_comp_id 
_pdbx_struct_sheet_hbond.range_2_auth_asym_id 
_pdbx_struct_sheet_hbond.range_2_auth_seq_id 
AA1 1 2 O VAL A 93  ? O VAL A 305 N ASP A 61  ? N ASP A 273 
AA1 2 3 O LYS A 54  ? O LYS A 266 N ILE A 27  ? N ILE A 239 
AA1 3 4 N ALA A 28  ? N ALA A 240 O ILE A 115 ? O ILE A 327 
AA1 4 5 N LEU A 114 ? N LEU A 326 O LYS A 144 ? O LYS A 356 
# 
_struct_site.id                   AC1 
_struct_site.pdbx_evidence_code   Software 
_struct_site.pdbx_auth_asym_id    A 
_struct_site.pdbx_auth_comp_id    2BA 
_struct_site.pdbx_auth_seq_id     401 
_struct_site.pdbx_auth_ins_code   ? 
_struct_site.pdbx_num_residues    25 
_struct_site.details              'binding site for residue 2BA A 401' 
# 
loop_
_struct_site_gen.id 
_struct_site_gen.site_id 
_struct_site_gen.pdbx_num_res 
_struct_site_gen.label_comp_id 
_struct_site_gen.label_asym_id 
_struct_site_gen.label_seq_id 
_struct_site_gen.pdbx_auth_ins_code 
_struct_site_gen.auth_comp_id 
_struct_site_gen.auth_asym_id 
_struct_site_gen.auth_seq_id 
_struct_site_gen.label_atom_id 
_struct_site_gen.label_alt_id 
_struct_site_gen.symmetry 
_struct_site_gen.details 
1  AC1 25 ALA A 30  ? ALA A 242 . ? 1_555 ? 
2  AC1 25 ILE A 31  ? ILE A 243 . ? 1_555 ? 
3  AC1 25 SER A 32  ? SER A 244 . ? 1_555 ? 
4  AC1 25 GLY A 33  ? GLY A 245 . ? 1_555 ? 
5  AC1 25 SER A 34  ? SER A 246 . ? 1_555 ? 
6  AC1 25 TYR A 36  ? TYR A 248 . ? 1_555 ? 
7  AC1 25 ASN A 37  ? ASN A 249 . ? 1_555 ? 
8  AC1 25 ILE A 58  ? ILE A 270 . ? 1_555 ? 
9  AC1 25 ILE A 60  ? ILE A 272 . ? 1_555 ? 
10 AC1 25 TYR A 69  ? TYR A 281 . ? 1_555 ? 
11 AC1 25 VAL A 98  ? VAL A 310 . ? 1_555 ? 
12 AC1 25 ILE A 116 ? ILE A 328 . ? 1_555 ? 
13 AC1 25 GLY A 117 ? GLY A 329 . ? 1_555 ? 
14 AC1 25 HIS A 119 ? HIS A 331 . ? 1_555 ? 
15 AC1 25 PRO A 131 ? PRO A 343 . ? 1_555 ? 
16 AC1 25 LEU A 132 ? LEU A 344 . ? 1_555 ? 
17 AC1 25 HOH C .   ? HOH A 502 . ? 1_555 ? 
18 AC1 25 HOH C .   ? HOH A 504 . ? 1_555 ? 
19 AC1 25 HOH C .   ? HOH A 509 . ? 1_555 ? 
20 AC1 25 HOH C .   ? HOH A 510 . ? 1_555 ? 
21 AC1 25 HOH C .   ? HOH A 511 . ? 1_555 ? 
22 AC1 25 HOH C .   ? HOH A 514 . ? 1_555 ? 
23 AC1 25 HOH C .   ? HOH A 516 . ? 1_555 ? 
24 AC1 25 HOH C .   ? HOH A 518 . ? 1_555 ? 
25 AC1 25 HOH C .   ? HOH A 519 . ? 1_555 ? 
# 
_pdbx_validate_torsion.id              1 
_pdbx_validate_torsion.PDB_model_num   1 
_pdbx_validate_torsion.auth_comp_id    ASN 
_pdbx_validate_torsion.auth_asym_id    A 
_pdbx_validate_torsion.auth_seq_id     334 
_pdbx_validate_torsion.PDB_ins_code    ? 
_pdbx_validate_torsion.label_alt_id    ? 
_pdbx_validate_torsion.phi             -127.75 
_pdbx_validate_torsion.psi             -164.31 
# 
_pdbx_struct_special_symmetry.id              1 
_pdbx_struct_special_symmetry.PDB_model_num   1 
_pdbx_struct_special_symmetry.auth_asym_id    A 
_pdbx_struct_special_symmetry.auth_comp_id    HOH 
_pdbx_struct_special_symmetry.auth_seq_id     506 
_pdbx_struct_special_symmetry.PDB_ins_code    ? 
_pdbx_struct_special_symmetry.label_asym_id   C 
_pdbx_struct_special_symmetry.label_comp_id   HOH 
_pdbx_struct_special_symmetry.label_seq_id    . 
# 
_pdbx_phasing_MR.entry_id                     7JI4 
_pdbx_phasing_MR.method_rotation              ? 
_pdbx_phasing_MR.method_translation           ? 
_pdbx_phasing_MR.model_details                ? 
_pdbx_phasing_MR.R_factor                     ? 
_pdbx_phasing_MR.R_rigid_body                 ? 
_pdbx_phasing_MR.correlation_coeff_Fo_to_Fc   ? 
_pdbx_phasing_MR.correlation_coeff_Io_to_Ic   ? 
_pdbx_phasing_MR.d_res_high_rotation          2.300 
_pdbx_phasing_MR.d_res_low_rotation           47.400 
_pdbx_phasing_MR.d_res_high_translation       ? 
_pdbx_phasing_MR.d_res_low_translation        ? 
_pdbx_phasing_MR.packing                      ? 
_pdbx_phasing_MR.reflns_percent_rotation      ? 
_pdbx_phasing_MR.reflns_percent_translation   ? 
_pdbx_phasing_MR.sigma_F_rotation             ? 
_pdbx_phasing_MR.sigma_F_translation          ? 
_pdbx_phasing_MR.sigma_I_rotation             ? 
_pdbx_phasing_MR.sigma_I_translation          ? 
# 
_phasing.method   MR 
# 
_pdbx_entry_details.entry_id                 7JI4 
_pdbx_entry_details.has_ligand_of_interest   Y 
_pdbx_entry_details.compound_details         ? 
_pdbx_entry_details.source_details           ? 
_pdbx_entry_details.nonpolymer_details       ? 
_pdbx_entry_details.sequence_details         ? 
# 
loop_
_pdbx_unobs_or_zero_occ_residues.id 
_pdbx_unobs_or_zero_occ_residues.PDB_model_num 
_pdbx_unobs_or_zero_occ_residues.polymer_flag 
_pdbx_unobs_or_zero_occ_residues.occupancy_flag 
_pdbx_unobs_or_zero_occ_residues.auth_asym_id 
_pdbx_unobs_or_zero_occ_residues.auth_comp_id 
_pdbx_unobs_or_zero_occ_residues.auth_seq_id 
_pdbx_unobs_or_zero_occ_residues.PDB_ins_code 
_pdbx_unobs_or_zero_occ_residues.label_asym_id 
_pdbx_unobs_or_zero_occ_residues.label_comp_id 
_pdbx_unobs_or_zero_occ_residues.label_seq_id 
1  1 Y 1 A THR 213 ? A THR 1   
2  1 Y 1 A LEU 214 ? A LEU 2   
3  1 Y 1 A ARG 215 ? A ARG 3   
4  1 Y 1 A THR 216 ? A THR 4   
5  1 Y 1 A VAL 217 ? A VAL 5   
6  1 Y 1 A ALA 218 ? A ALA 6   
7  1 Y 1 A ASP 219 ? A ASP 7   
8  1 Y 1 A LEU 220 ? A LEU 8   
9  1 Y 1 A MET 221 ? A MET 9   
10 1 Y 1 A SER 222 ? A SER 10  
11 1 Y 1 A ASP 223 ? A ASP 11  
12 1 Y 1 A LYS 224 ? A LYS 12  
13 1 Y 1 A GLU 225 ? A GLU 13  
14 1 Y 1 A LYS 226 ? A LYS 14  
15 1 Y 1 A VAL 227 ? A VAL 15  
16 1 Y 1 A ARG 228 ? A ARG 16  
17 1 Y 1 A HIS 229 ? A HIS 17  
18 1 Y 1 A ASN 230 ? A ASN 18  
19 1 Y 1 A HIS 231 ? A HIS 19  
20 1 Y 1 A LYS 232 ? A LYS 20  
21 1 Y 1 A THR 233 ? A THR 21  
22 1 Y 1 A SER 234 ? A SER 22  
23 1 Y 1 A LEU 235 ? A LEU 23  
24 1 Y 1 A LYS 277 ? A LYS 65  
25 1 Y 1 A SER 278 ? A SER 66  
26 1 Y 1 A ARG 279 ? A ARG 67  
27 1 Y 1 A GLN 364 ? A GLN 152 
# 
loop_
_chem_comp_atom.comp_id 
_chem_comp_atom.atom_id 
_chem_comp_atom.type_symbol 
_chem_comp_atom.pdbx_aromatic_flag 
_chem_comp_atom.pdbx_stereo_config 
_chem_comp_atom.pdbx_ordinal 
2BA P      P N R 1   
2BA O1P    O N N 2   
2BA O2P    O N N 3   
2BA "O5'"  O N N 4   
2BA "C5'"  C N N 5   
2BA "C4'"  C N R 6   
2BA "O4'"  O N N 7   
2BA "C3'"  C N S 8   
2BA "O3'"  O N N 9   
2BA "C2'"  C N R 10  
2BA "O2'"  O N N 11  
2BA "C1'"  C N R 12  
2BA N9     N Y N 13  
2BA C8     C Y N 14  
2BA N7     N Y N 15  
2BA C5     C Y N 16  
2BA C6     C Y N 17  
2BA N6     N N N 18  
2BA N1     N Y N 19  
2BA C2     C Y N 20  
2BA N3     N Y N 21  
2BA C4     C Y N 22  
2BA P1     P N R 23  
2BA O1P1   O N N 24  
2BA O2P1   O N N 25  
2BA "O5'1" O N N 26  
2BA "C5'1" C N N 27  
2BA "C4'1" C N R 28  
2BA "O4'1" O N N 29  
2BA "C3'1" C N S 30  
2BA "O3'1" O N N 31  
2BA "C2'1" C N R 32  
2BA "O2'1" O N N 33  
2BA "C1'1" C N R 34  
2BA N91    N Y N 35  
2BA C81    C Y N 36  
2BA N71    N Y N 37  
2BA C51    C Y N 38  
2BA C61    C Y N 39  
2BA N61    N N N 40  
2BA N11    N Y N 41  
2BA C21    C Y N 42  
2BA N31    N Y N 43  
2BA C41    C Y N 44  
2BA "H5'"  H N N 45  
2BA "H5'A" H N N 46  
2BA "H4'"  H N N 47  
2BA "H3'"  H N N 48  
2BA "H2'"  H N N 49  
2BA "HO2'" H N N 50  
2BA "H1'"  H N N 51  
2BA H8     H N N 52  
2BA HN6    H N N 53  
2BA HN6A   H N N 54  
2BA H2     H N N 55  
2BA "HC5'" H N N 56  
2BA HC5A   H N N 57  
2BA "HC4'" H N N 58  
2BA "HC3'" H N N 59  
2BA "HC2'" H N N 60  
2BA HO2A   H N N 61  
2BA "HC1'" H N N 62  
2BA HC8    H N N 63  
2BA H1N6   H N N 64  
2BA H1NA   H N N 65  
2BA HC2    H N N 66  
2BA H2P    H N N 67  
2BA H2OP   H N N 68  
ALA N      N N N 69  
ALA CA     C N S 70  
ALA C      C N N 71  
ALA O      O N N 72  
ALA CB     C N N 73  
ALA OXT    O N N 74  
ALA H      H N N 75  
ALA H2     H N N 76  
ALA HA     H N N 77  
ALA HB1    H N N 78  
ALA HB2    H N N 79  
ALA HB3    H N N 80  
ALA HXT    H N N 81  
ARG N      N N N 82  
ARG CA     C N S 83  
ARG C      C N N 84  
ARG O      O N N 85  
ARG CB     C N N 86  
ARG CG     C N N 87  
ARG CD     C N N 88  
ARG NE     N N N 89  
ARG CZ     C N N 90  
ARG NH1    N N N 91  
ARG NH2    N N N 92  
ARG OXT    O N N 93  
ARG H      H N N 94  
ARG H2     H N N 95  
ARG HA     H N N 96  
ARG HB2    H N N 97  
ARG HB3    H N N 98  
ARG HG2    H N N 99  
ARG HG3    H N N 100 
ARG HD2    H N N 101 
ARG HD3    H N N 102 
ARG HE     H N N 103 
ARG HH11   H N N 104 
ARG HH12   H N N 105 
ARG HH21   H N N 106 
ARG HH22   H N N 107 
ARG HXT    H N N 108 
ASN N      N N N 109 
ASN CA     C N S 110 
ASN C      C N N 111 
ASN O      O N N 112 
ASN CB     C N N 113 
ASN CG     C N N 114 
ASN OD1    O N N 115 
ASN ND2    N N N 116 
ASN OXT    O N N 117 
ASN H      H N N 118 
ASN H2     H N N 119 
ASN HA     H N N 120 
ASN HB2    H N N 121 
ASN HB3    H N N 122 
ASN HD21   H N N 123 
ASN HD22   H N N 124 
ASN HXT    H N N 125 
ASP N      N N N 126 
ASP CA     C N S 127 
ASP C      C N N 128 
ASP O      O N N 129 
ASP CB     C N N 130 
ASP CG     C N N 131 
ASP OD1    O N N 132 
ASP OD2    O N N 133 
ASP OXT    O N N 134 
ASP H      H N N 135 
ASP H2     H N N 136 
ASP HA     H N N 137 
ASP HB2    H N N 138 
ASP HB3    H N N 139 
ASP HD2    H N N 140 
ASP HXT    H N N 141 
CYS N      N N N 142 
CYS CA     C N R 143 
CYS C      C N N 144 
CYS O      O N N 145 
CYS CB     C N N 146 
CYS SG     S N N 147 
CYS OXT    O N N 148 
CYS H      H N N 149 
CYS H2     H N N 150 
CYS HA     H N N 151 
CYS HB2    H N N 152 
CYS HB3    H N N 153 
CYS HG     H N N 154 
CYS HXT    H N N 155 
GLN N      N N N 156 
GLN CA     C N S 157 
GLN C      C N N 158 
GLN O      O N N 159 
GLN CB     C N N 160 
GLN CG     C N N 161 
GLN CD     C N N 162 
GLN OE1    O N N 163 
GLN NE2    N N N 164 
GLN OXT    O N N 165 
GLN H      H N N 166 
GLN H2     H N N 167 
GLN HA     H N N 168 
GLN HB2    H N N 169 
GLN HB3    H N N 170 
GLN HG2    H N N 171 
GLN HG3    H N N 172 
GLN HE21   H N N 173 
GLN HE22   H N N 174 
GLN HXT    H N N 175 
GLU N      N N N 176 
GLU CA     C N S 177 
GLU C      C N N 178 
GLU O      O N N 179 
GLU CB     C N N 180 
GLU CG     C N N 181 
GLU CD     C N N 182 
GLU OE1    O N N 183 
GLU OE2    O N N 184 
GLU OXT    O N N 185 
GLU H      H N N 186 
GLU H2     H N N 187 
GLU HA     H N N 188 
GLU HB2    H N N 189 
GLU HB3    H N N 190 
GLU HG2    H N N 191 
GLU HG3    H N N 192 
GLU HE2    H N N 193 
GLU HXT    H N N 194 
GLY N      N N N 195 
GLY CA     C N N 196 
GLY C      C N N 197 
GLY O      O N N 198 
GLY OXT    O N N 199 
GLY H      H N N 200 
GLY H2     H N N 201 
GLY HA2    H N N 202 
GLY HA3    H N N 203 
GLY HXT    H N N 204 
HIS N      N N N 205 
HIS CA     C N S 206 
HIS C      C N N 207 
HIS O      O N N 208 
HIS CB     C N N 209 
HIS CG     C Y N 210 
HIS ND1    N Y N 211 
HIS CD2    C Y N 212 
HIS CE1    C Y N 213 
HIS NE2    N Y N 214 
HIS OXT    O N N 215 
HIS H      H N N 216 
HIS H2     H N N 217 
HIS HA     H N N 218 
HIS HB2    H N N 219 
HIS HB3    H N N 220 
HIS HD1    H N N 221 
HIS HD2    H N N 222 
HIS HE1    H N N 223 
HIS HE2    H N N 224 
HIS HXT    H N N 225 
HOH O      O N N 226 
HOH H1     H N N 227 
HOH H2     H N N 228 
ILE N      N N N 229 
ILE CA     C N S 230 
ILE C      C N N 231 
ILE O      O N N 232 
ILE CB     C N S 233 
ILE CG1    C N N 234 
ILE CG2    C N N 235 
ILE CD1    C N N 236 
ILE OXT    O N N 237 
ILE H      H N N 238 
ILE H2     H N N 239 
ILE HA     H N N 240 
ILE HB     H N N 241 
ILE HG12   H N N 242 
ILE HG13   H N N 243 
ILE HG21   H N N 244 
ILE HG22   H N N 245 
ILE HG23   H N N 246 
ILE HD11   H N N 247 
ILE HD12   H N N 248 
ILE HD13   H N N 249 
ILE HXT    H N N 250 
LEU N      N N N 251 
LEU CA     C N S 252 
LEU C      C N N 253 
LEU O      O N N 254 
LEU CB     C N N 255 
LEU CG     C N N 256 
LEU CD1    C N N 257 
LEU CD2    C N N 258 
LEU OXT    O N N 259 
LEU H      H N N 260 
LEU H2     H N N 261 
LEU HA     H N N 262 
LEU HB2    H N N 263 
LEU HB3    H N N 264 
LEU HG     H N N 265 
LEU HD11   H N N 266 
LEU HD12   H N N 267 
LEU HD13   H N N 268 
LEU HD21   H N N 269 
LEU HD22   H N N 270 
LEU HD23   H N N 271 
LEU HXT    H N N 272 
LYS N      N N N 273 
LYS CA     C N S 274 
LYS C      C N N 275 
LYS O      O N N 276 
LYS CB     C N N 277 
LYS CG     C N N 278 
LYS CD     C N N 279 
LYS CE     C N N 280 
LYS NZ     N N N 281 
LYS OXT    O N N 282 
LYS H      H N N 283 
LYS H2     H N N 284 
LYS HA     H N N 285 
LYS HB2    H N N 286 
LYS HB3    H N N 287 
LYS HG2    H N N 288 
LYS HG3    H N N 289 
LYS HD2    H N N 290 
LYS HD3    H N N 291 
LYS HE2    H N N 292 
LYS HE3    H N N 293 
LYS HZ1    H N N 294 
LYS HZ2    H N N 295 
LYS HZ3    H N N 296 
LYS HXT    H N N 297 
MET N      N N N 298 
MET CA     C N S 299 
MET C      C N N 300 
MET O      O N N 301 
MET CB     C N N 302 
MET CG     C N N 303 
MET SD     S N N 304 
MET CE     C N N 305 
MET OXT    O N N 306 
MET H      H N N 307 
MET H2     H N N 308 
MET HA     H N N 309 
MET HB2    H N N 310 
MET HB3    H N N 311 
MET HG2    H N N 312 
MET HG3    H N N 313 
MET HE1    H N N 314 
MET HE2    H N N 315 
MET HE3    H N N 316 
MET HXT    H N N 317 
PHE N      N N N 318 
PHE CA     C N S 319 
PHE C      C N N 320 
PHE O      O N N 321 
PHE CB     C N N 322 
PHE CG     C Y N 323 
PHE CD1    C Y N 324 
PHE CD2    C Y N 325 
PHE CE1    C Y N 326 
PHE CE2    C Y N 327 
PHE CZ     C Y N 328 
PHE OXT    O N N 329 
PHE H      H N N 330 
PHE H2     H N N 331 
PHE HA     H N N 332 
PHE HB2    H N N 333 
PHE HB3    H N N 334 
PHE HD1    H N N 335 
PHE HD2    H N N 336 
PHE HE1    H N N 337 
PHE HE2    H N N 338 
PHE HZ     H N N 339 
PHE HXT    H N N 340 
PRO N      N N N 341 
PRO CA     C N S 342 
PRO C      C N N 343 
PRO O      O N N 344 
PRO CB     C N N 345 
PRO CG     C N N 346 
PRO CD     C N N 347 
PRO OXT    O N N 348 
PRO H      H N N 349 
PRO HA     H N N 350 
PRO HB2    H N N 351 
PRO HB3    H N N 352 
PRO HG2    H N N 353 
PRO HG3    H N N 354 
PRO HD2    H N N 355 
PRO HD3    H N N 356 
PRO HXT    H N N 357 
SER N      N N N 358 
SER CA     C N S 359 
SER C      C N N 360 
SER O      O N N 361 
SER CB     C N N 362 
SER OG     O N N 363 
SER OXT    O N N 364 
SER H      H N N 365 
SER H2     H N N 366 
SER HA     H N N 367 
SER HB2    H N N 368 
SER HB3    H N N 369 
SER HG     H N N 370 
SER HXT    H N N 371 
THR N      N N N 372 
THR CA     C N S 373 
THR C      C N N 374 
THR O      O N N 375 
THR CB     C N R 376 
THR OG1    O N N 377 
THR CG2    C N N 378 
THR OXT    O N N 379 
THR H      H N N 380 
THR H2     H N N 381 
THR HA     H N N 382 
THR HB     H N N 383 
THR HG1    H N N 384 
THR HG21   H N N 385 
THR HG22   H N N 386 
THR HG23   H N N 387 
THR HXT    H N N 388 
TRP N      N N N 389 
TRP CA     C N S 390 
TRP C      C N N 391 
TRP O      O N N 392 
TRP CB     C N N 393 
TRP CG     C Y N 394 
TRP CD1    C Y N 395 
TRP CD2    C Y N 396 
TRP NE1    N Y N 397 
TRP CE2    C Y N 398 
TRP CE3    C Y N 399 
TRP CZ2    C Y N 400 
TRP CZ3    C Y N 401 
TRP CH2    C Y N 402 
TRP OXT    O N N 403 
TRP H      H N N 404 
TRP H2     H N N 405 
TRP HA     H N N 406 
TRP HB2    H N N 407 
TRP HB3    H N N 408 
TRP HD1    H N N 409 
TRP HE1    H N N 410 
TRP HE3    H N N 411 
TRP HZ2    H N N 412 
TRP HZ3    H N N 413 
TRP HH2    H N N 414 
TRP HXT    H N N 415 
TYR N      N N N 416 
TYR CA     C N S 417 
TYR C      C N N 418 
TYR O      O N N 419 
TYR CB     C N N 420 
TYR CG     C Y N 421 
TYR CD1    C Y N 422 
TYR CD2    C Y N 423 
TYR CE1    C Y N 424 
TYR CE2    C Y N 425 
TYR CZ     C Y N 426 
TYR OH     O N N 427 
TYR OXT    O N N 428 
TYR H      H N N 429 
TYR H2     H N N 430 
TYR HA     H N N 431 
TYR HB2    H N N 432 
TYR HB3    H N N 433 
TYR HD1    H N N 434 
TYR HD2    H N N 435 
TYR HE1    H N N 436 
TYR HE2    H N N 437 
TYR HH     H N N 438 
TYR HXT    H N N 439 
VAL N      N N N 440 
VAL CA     C N S 441 
VAL C      C N N 442 
VAL O      O N N 443 
VAL CB     C N N 444 
VAL CG1    C N N 445 
VAL CG2    C N N 446 
VAL OXT    O N N 447 
VAL H      H N N 448 
VAL H2     H N N 449 
VAL HA     H N N 450 
VAL HB     H N N 451 
VAL HG11   H N N 452 
VAL HG12   H N N 453 
VAL HG13   H N N 454 
VAL HG21   H N N 455 
VAL HG22   H N N 456 
VAL HG23   H N N 457 
VAL HXT    H N N 458 
# 
loop_
_chem_comp_bond.comp_id 
_chem_comp_bond.atom_id_1 
_chem_comp_bond.atom_id_2 
_chem_comp_bond.value_order 
_chem_comp_bond.pdbx_aromatic_flag 
_chem_comp_bond.pdbx_stereo_config 
_chem_comp_bond.pdbx_ordinal 
2BA P      O1P    doub N N 1   
2BA P      O2P    sing N N 2   
2BA P      "O5'"  sing N N 3   
2BA P      "O3'1" sing N N 4   
2BA "O5'"  "C5'"  sing N N 5   
2BA "C5'"  "C4'"  sing N N 6   
2BA "C4'"  "O4'"  sing N N 7   
2BA "C4'"  "C3'"  sing N N 8   
2BA "O4'"  "C1'"  sing N N 9   
2BA "C3'"  "O3'"  sing N N 10  
2BA "C3'"  "C2'"  sing N N 11  
2BA "O3'"  P1     sing N N 12  
2BA "C2'"  "O2'"  sing N N 13  
2BA "C2'"  "C1'"  sing N N 14  
2BA "C1'"  N9     sing N N 15  
2BA N9     C8     sing Y N 16  
2BA N9     C4     sing Y N 17  
2BA C8     N7     doub Y N 18  
2BA N7     C5     sing Y N 19  
2BA C5     C6     doub Y N 20  
2BA C5     C4     sing Y N 21  
2BA C6     N6     sing N N 22  
2BA C6     N1     sing Y N 23  
2BA N1     C2     doub Y N 24  
2BA C2     N3     sing Y N 25  
2BA N3     C4     doub Y N 26  
2BA P1     O1P1   doub N N 27  
2BA P1     O2P1   sing N N 28  
2BA P1     "O5'1" sing N N 29  
2BA "O5'1" "C5'1" sing N N 30  
2BA "C5'1" "C4'1" sing N N 31  
2BA "C4'1" "O4'1" sing N N 32  
2BA "C4'1" "C3'1" sing N N 33  
2BA "O4'1" "C1'1" sing N N 34  
2BA "C3'1" "O3'1" sing N N 35  
2BA "C3'1" "C2'1" sing N N 36  
2BA "C2'1" "O2'1" sing N N 37  
2BA "C2'1" "C1'1" sing N N 38  
2BA "C1'1" N91    sing N N 39  
2BA N91    C81    sing Y N 40  
2BA N91    C41    sing Y N 41  
2BA C81    N71    doub Y N 42  
2BA N71    C51    sing Y N 43  
2BA C51    C61    doub Y N 44  
2BA C51    C41    sing Y N 45  
2BA C61    N61    sing N N 46  
2BA C61    N11    sing Y N 47  
2BA N11    C21    doub Y N 48  
2BA C21    N31    sing Y N 49  
2BA N31    C41    doub Y N 50  
2BA "C5'"  "H5'"  sing N N 51  
2BA "C5'"  "H5'A" sing N N 52  
2BA "C4'"  "H4'"  sing N N 53  
2BA "C3'"  "H3'"  sing N N 54  
2BA "C2'"  "H2'"  sing N N 55  
2BA "O2'"  "HO2'" sing N N 56  
2BA "C1'"  "H1'"  sing N N 57  
2BA C8     H8     sing N N 58  
2BA N6     HN6    sing N N 59  
2BA N6     HN6A   sing N N 60  
2BA C2     H2     sing N N 61  
2BA "C5'1" "HC5'" sing N N 62  
2BA "C5'1" HC5A   sing N N 63  
2BA "C4'1" "HC4'" sing N N 64  
2BA "C3'1" "HC3'" sing N N 65  
2BA "C2'1" "HC2'" sing N N 66  
2BA "O2'1" HO2A   sing N N 67  
2BA "C1'1" "HC1'" sing N N 68  
2BA C81    HC8    sing N N 69  
2BA N61    H1N6   sing N N 70  
2BA N61    H1NA   sing N N 71  
2BA C21    HC2    sing N N 72  
2BA O2P    H2P    sing N N 73  
2BA O2P1   H2OP   sing N N 74  
ALA N      CA     sing N N 75  
ALA N      H      sing N N 76  
ALA N      H2     sing N N 77  
ALA CA     C      sing N N 78  
ALA CA     CB     sing N N 79  
ALA CA     HA     sing N N 80  
ALA C      O      doub N N 81  
ALA C      OXT    sing N N 82  
ALA CB     HB1    sing N N 83  
ALA CB     HB2    sing N N 84  
ALA CB     HB3    sing N N 85  
ALA OXT    HXT    sing N N 86  
ARG N      CA     sing N N 87  
ARG N      H      sing N N 88  
ARG N      H2     sing N N 89  
ARG CA     C      sing N N 90  
ARG CA     CB     sing N N 91  
ARG CA     HA     sing N N 92  
ARG C      O      doub N N 93  
ARG C      OXT    sing N N 94  
ARG CB     CG     sing N N 95  
ARG CB     HB2    sing N N 96  
ARG CB     HB3    sing N N 97  
ARG CG     CD     sing N N 98  
ARG CG     HG2    sing N N 99  
ARG CG     HG3    sing N N 100 
ARG CD     NE     sing N N 101 
ARG CD     HD2    sing N N 102 
ARG CD     HD3    sing N N 103 
ARG NE     CZ     sing N N 104 
ARG NE     HE     sing N N 105 
ARG CZ     NH1    sing N N 106 
ARG CZ     NH2    doub N N 107 
ARG NH1    HH11   sing N N 108 
ARG NH1    HH12   sing N N 109 
ARG NH2    HH21   sing N N 110 
ARG NH2    HH22   sing N N 111 
ARG OXT    HXT    sing N N 112 
ASN N      CA     sing N N 113 
ASN N      H      sing N N 114 
ASN N      H2     sing N N 115 
ASN CA     C      sing N N 116 
ASN CA     CB     sing N N 117 
ASN CA     HA     sing N N 118 
ASN C      O      doub N N 119 
ASN C      OXT    sing N N 120 
ASN CB     CG     sing N N 121 
ASN CB     HB2    sing N N 122 
ASN CB     HB3    sing N N 123 
ASN CG     OD1    doub N N 124 
ASN CG     ND2    sing N N 125 
ASN ND2    HD21   sing N N 126 
ASN ND2    HD22   sing N N 127 
ASN OXT    HXT    sing N N 128 
ASP N      CA     sing N N 129 
ASP N      H      sing N N 130 
ASP N      H2     sing N N 131 
ASP CA     C      sing N N 132 
ASP CA     CB     sing N N 133 
ASP CA     HA     sing N N 134 
ASP C      O      doub N N 135 
ASP C      OXT    sing N N 136 
ASP CB     CG     sing N N 137 
ASP CB     HB2    sing N N 138 
ASP CB     HB3    sing N N 139 
ASP CG     OD1    doub N N 140 
ASP CG     OD2    sing N N 141 
ASP OD2    HD2    sing N N 142 
ASP OXT    HXT    sing N N 143 
CYS N      CA     sing N N 144 
CYS N      H      sing N N 145 
CYS N      H2     sing N N 146 
CYS CA     C      sing N N 147 
CYS CA     CB     sing N N 148 
CYS CA     HA     sing N N 149 
CYS C      O      doub N N 150 
CYS C      OXT    sing N N 151 
CYS CB     SG     sing N N 152 
CYS CB     HB2    sing N N 153 
CYS CB     HB3    sing N N 154 
CYS SG     HG     sing N N 155 
CYS OXT    HXT    sing N N 156 
GLN N      CA     sing N N 157 
GLN N      H      sing N N 158 
GLN N      H2     sing N N 159 
GLN CA     C      sing N N 160 
GLN CA     CB     sing N N 161 
GLN CA     HA     sing N N 162 
GLN C      O      doub N N 163 
GLN C      OXT    sing N N 164 
GLN CB     CG     sing N N 165 
GLN CB     HB2    sing N N 166 
GLN CB     HB3    sing N N 167 
GLN CG     CD     sing N N 168 
GLN CG     HG2    sing N N 169 
GLN CG     HG3    sing N N 170 
GLN CD     OE1    doub N N 171 
GLN CD     NE2    sing N N 172 
GLN NE2    HE21   sing N N 173 
GLN NE2    HE22   sing N N 174 
GLN OXT    HXT    sing N N 175 
GLU N      CA     sing N N 176 
GLU N      H      sing N N 177 
GLU N      H2     sing N N 178 
GLU CA     C      sing N N 179 
GLU CA     CB     sing N N 180 
GLU CA     HA     sing N N 181 
GLU C      O      doub N N 182 
GLU C      OXT    sing N N 183 
GLU CB     CG     sing N N 184 
GLU CB     HB2    sing N N 185 
GLU CB     HB3    sing N N 186 
GLU CG     CD     sing N N 187 
GLU CG     HG2    sing N N 188 
GLU CG     HG3    sing N N 189 
GLU CD     OE1    doub N N 190 
GLU CD     OE2    sing N N 191 
GLU OE2    HE2    sing N N 192 
GLU OXT    HXT    sing N N 193 
GLY N      CA     sing N N 194 
GLY N      H      sing N N 195 
GLY N      H2     sing N N 196 
GLY CA     C      sing N N 197 
GLY CA     HA2    sing N N 198 
GLY CA     HA3    sing N N 199 
GLY C      O      doub N N 200 
GLY C      OXT    sing N N 201 
GLY OXT    HXT    sing N N 202 
HIS N      CA     sing N N 203 
HIS N      H      sing N N 204 
HIS N      H2     sing N N 205 
HIS CA     C      sing N N 206 
HIS CA     CB     sing N N 207 
HIS CA     HA     sing N N 208 
HIS C      O      doub N N 209 
HIS C      OXT    sing N N 210 
HIS CB     CG     sing N N 211 
HIS CB     HB2    sing N N 212 
HIS CB     HB3    sing N N 213 
HIS CG     ND1    sing Y N 214 
HIS CG     CD2    doub Y N 215 
HIS ND1    CE1    doub Y N 216 
HIS ND1    HD1    sing N N 217 
HIS CD2    NE2    sing Y N 218 
HIS CD2    HD2    sing N N 219 
HIS CE1    NE2    sing Y N 220 
HIS CE1    HE1    sing N N 221 
HIS NE2    HE2    sing N N 222 
HIS OXT    HXT    sing N N 223 
HOH O      H1     sing N N 224 
HOH O      H2     sing N N 225 
ILE N      CA     sing N N 226 
ILE N      H      sing N N 227 
ILE N      H2     sing N N 228 
ILE CA     C      sing N N 229 
ILE CA     CB     sing N N 230 
ILE CA     HA     sing N N 231 
ILE C      O      doub N N 232 
ILE C      OXT    sing N N 233 
ILE CB     CG1    sing N N 234 
ILE CB     CG2    sing N N 235 
ILE CB     HB     sing N N 236 
ILE CG1    CD1    sing N N 237 
ILE CG1    HG12   sing N N 238 
ILE CG1    HG13   sing N N 239 
ILE CG2    HG21   sing N N 240 
ILE CG2    HG22   sing N N 241 
ILE CG2    HG23   sing N N 242 
ILE CD1    HD11   sing N N 243 
ILE CD1    HD12   sing N N 244 
ILE CD1    HD13   sing N N 245 
ILE OXT    HXT    sing N N 246 
LEU N      CA     sing N N 247 
LEU N      H      sing N N 248 
LEU N      H2     sing N N 249 
LEU CA     C      sing N N 250 
LEU CA     CB     sing N N 251 
LEU CA     HA     sing N N 252 
LEU C      O      doub N N 253 
LEU C      OXT    sing N N 254 
LEU CB     CG     sing N N 255 
LEU CB     HB2    sing N N 256 
LEU CB     HB3    sing N N 257 
LEU CG     CD1    sing N N 258 
LEU CG     CD2    sing N N 259 
LEU CG     HG     sing N N 260 
LEU CD1    HD11   sing N N 261 
LEU CD1    HD12   sing N N 262 
LEU CD1    HD13   sing N N 263 
LEU CD2    HD21   sing N N 264 
LEU CD2    HD22   sing N N 265 
LEU CD2    HD23   sing N N 266 
LEU OXT    HXT    sing N N 267 
LYS N      CA     sing N N 268 
LYS N      H      sing N N 269 
LYS N      H2     sing N N 270 
LYS CA     C      sing N N 271 
LYS CA     CB     sing N N 272 
LYS CA     HA     sing N N 273 
LYS C      O      doub N N 274 
LYS C      OXT    sing N N 275 
LYS CB     CG     sing N N 276 
LYS CB     HB2    sing N N 277 
LYS CB     HB3    sing N N 278 
LYS CG     CD     sing N N 279 
LYS CG     HG2    sing N N 280 
LYS CG     HG3    sing N N 281 
LYS CD     CE     sing N N 282 
LYS CD     HD2    sing N N 283 
LYS CD     HD3    sing N N 284 
LYS CE     NZ     sing N N 285 
LYS CE     HE2    sing N N 286 
LYS CE     HE3    sing N N 287 
LYS NZ     HZ1    sing N N 288 
LYS NZ     HZ2    sing N N 289 
LYS NZ     HZ3    sing N N 290 
LYS OXT    HXT    sing N N 291 
MET N      CA     sing N N 292 
MET N      H      sing N N 293 
MET N      H2     sing N N 294 
MET CA     C      sing N N 295 
MET CA     CB     sing N N 296 
MET CA     HA     sing N N 297 
MET C      O      doub N N 298 
MET C      OXT    sing N N 299 
MET CB     CG     sing N N 300 
MET CB     HB2    sing N N 301 
MET CB     HB3    sing N N 302 
MET CG     SD     sing N N 303 
MET CG     HG2    sing N N 304 
MET CG     HG3    sing N N 305 
MET SD     CE     sing N N 306 
MET CE     HE1    sing N N 307 
MET CE     HE2    sing N N 308 
MET CE     HE3    sing N N 309 
MET OXT    HXT    sing N N 310 
PHE N      CA     sing N N 311 
PHE N      H      sing N N 312 
PHE N      H2     sing N N 313 
PHE CA     C      sing N N 314 
PHE CA     CB     sing N N 315 
PHE CA     HA     sing N N 316 
PHE C      O      doub N N 317 
PHE C      OXT    sing N N 318 
PHE CB     CG     sing N N 319 
PHE CB     HB2    sing N N 320 
PHE CB     HB3    sing N N 321 
PHE CG     CD1    doub Y N 322 
PHE CG     CD2    sing Y N 323 
PHE CD1    CE1    sing Y N 324 
PHE CD1    HD1    sing N N 325 
PHE CD2    CE2    doub Y N 326 
PHE CD2    HD2    sing N N 327 
PHE CE1    CZ     doub Y N 328 
PHE CE1    HE1    sing N N 329 
PHE CE2    CZ     sing Y N 330 
PHE CE2    HE2    sing N N 331 
PHE CZ     HZ     sing N N 332 
PHE OXT    HXT    sing N N 333 
PRO N      CA     sing N N 334 
PRO N      CD     sing N N 335 
PRO N      H      sing N N 336 
PRO CA     C      sing N N 337 
PRO CA     CB     sing N N 338 
PRO CA     HA     sing N N 339 
PRO C      O      doub N N 340 
PRO C      OXT    sing N N 341 
PRO CB     CG     sing N N 342 
PRO CB     HB2    sing N N 343 
PRO CB     HB3    sing N N 344 
PRO CG     CD     sing N N 345 
PRO CG     HG2    sing N N 346 
PRO CG     HG3    sing N N 347 
PRO CD     HD2    sing N N 348 
PRO CD     HD3    sing N N 349 
PRO OXT    HXT    sing N N 350 
SER N      CA     sing N N 351 
SER N      H      sing N N 352 
SER N      H2     sing N N 353 
SER CA     C      sing N N 354 
SER CA     CB     sing N N 355 
SER CA     HA     sing N N 356 
SER C      O      doub N N 357 
SER C      OXT    sing N N 358 
SER CB     OG     sing N N 359 
SER CB     HB2    sing N N 360 
SER CB     HB3    sing N N 361 
SER OG     HG     sing N N 362 
SER OXT    HXT    sing N N 363 
THR N      CA     sing N N 364 
THR N      H      sing N N 365 
THR N      H2     sing N N 366 
THR CA     C      sing N N 367 
THR CA     CB     sing N N 368 
THR CA     HA     sing N N 369 
THR C      O      doub N N 370 
THR C      OXT    sing N N 371 
THR CB     OG1    sing N N 372 
THR CB     CG2    sing N N 373 
THR CB     HB     sing N N 374 
THR OG1    HG1    sing N N 375 
THR CG2    HG21   sing N N 376 
THR CG2    HG22   sing N N 377 
THR CG2    HG23   sing N N 378 
THR OXT    HXT    sing N N 379 
TRP N      CA     sing N N 380 
TRP N      H      sing N N 381 
TRP N      H2     sing N N 382 
TRP CA     C      sing N N 383 
TRP CA     CB     sing N N 384 
TRP CA     HA     sing N N 385 
TRP C      O      doub N N 386 
TRP C      OXT    sing N N 387 
TRP CB     CG     sing N N 388 
TRP CB     HB2    sing N N 389 
TRP CB     HB3    sing N N 390 
TRP CG     CD1    doub Y N 391 
TRP CG     CD2    sing Y N 392 
TRP CD1    NE1    sing Y N 393 
TRP CD1    HD1    sing N N 394 
TRP CD2    CE2    doub Y N 395 
TRP CD2    CE3    sing Y N 396 
TRP NE1    CE2    sing Y N 397 
TRP NE1    HE1    sing N N 398 
TRP CE2    CZ2    sing Y N 399 
TRP CE3    CZ3    doub Y N 400 
TRP CE3    HE3    sing N N 401 
TRP CZ2    CH2    doub Y N 402 
TRP CZ2    HZ2    sing N N 403 
TRP CZ3    CH2    sing Y N 404 
TRP CZ3    HZ3    sing N N 405 
TRP CH2    HH2    sing N N 406 
TRP OXT    HXT    sing N N 407 
TYR N      CA     sing N N 408 
TYR N      H      sing N N 409 
TYR N      H2     sing N N 410 
TYR CA     C      sing N N 411 
TYR CA     CB     sing N N 412 
TYR CA     HA     sing N N 413 
TYR C      O      doub N N 414 
TYR C      OXT    sing N N 415 
TYR CB     CG     sing N N 416 
TYR CB     HB2    sing N N 417 
TYR CB     HB3    sing N N 418 
TYR CG     CD1    doub Y N 419 
TYR CG     CD2    sing Y N 420 
TYR CD1    CE1    sing Y N 421 
TYR CD1    HD1    sing N N 422 
TYR CD2    CE2    doub Y N 423 
TYR CD2    HD2    sing N N 424 
TYR CE1    CZ     doub Y N 425 
TYR CE1    HE1    sing N N 426 
TYR CE2    CZ     sing Y N 427 
TYR CE2    HE2    sing N N 428 
TYR CZ     OH     sing N N 429 
TYR OH     HH     sing N N 430 
TYR OXT    HXT    sing N N 431 
VAL N      CA     sing N N 432 
VAL N      H      sing N N 433 
VAL N      H2     sing N N 434 
VAL CA     C      sing N N 435 
VAL CA     CB     sing N N 436 
VAL CA     HA     sing N N 437 
VAL C      O      doub N N 438 
VAL C      OXT    sing N N 439 
VAL CB     CG1    sing N N 440 
VAL CB     CG2    sing N N 441 
VAL CB     HB     sing N N 442 
VAL CG1    HG11   sing N N 443 
VAL CG1    HG12   sing N N 444 
VAL CG1    HG13   sing N N 445 
VAL CG2    HG21   sing N N 446 
VAL CG2    HG22   sing N N 447 
VAL CG2    HG23   sing N N 448 
VAL OXT    HXT    sing N N 449 
# 
_pdbx_audit_support.funding_organization   
'National Institutes of Health/National Institute of General Medical Sciences (NIH/NIGMS)' 
_pdbx_audit_support.country                'United States' 
_pdbx_audit_support.grant_number           R35GM119504 
_pdbx_audit_support.ordinal                1 
# 
_pdbx_entity_instance_feature.ordinal        1 
_pdbx_entity_instance_feature.comp_id        2BA 
_pdbx_entity_instance_feature.asym_id        ? 
_pdbx_entity_instance_feature.seq_num        ? 
_pdbx_entity_instance_feature.auth_comp_id   2BA 
_pdbx_entity_instance_feature.auth_asym_id   ? 
_pdbx_entity_instance_feature.auth_seq_num   ? 
_pdbx_entity_instance_feature.feature_type   'SUBJECT OF INVESTIGATION' 
_pdbx_entity_instance_feature.details        ? 
# 
_atom_sites.entry_id                    7JI4 
_atom_sites.Cartn_transf_matrix[1][1]   ? 
_atom_sites.Cartn_transf_matrix[1][2]   ? 
_atom_sites.Cartn_transf_matrix[1][3]   ? 
_atom_sites.Cartn_transf_matrix[2][1]   ? 
_atom_sites.Cartn_transf_matrix[2][2]   ? 
_atom_sites.Cartn_transf_matrix[2][3]   ? 
_atom_sites.Cartn_transf_matrix[3][1]   ? 
_atom_sites.Cartn_transf_matrix[3][2]   ? 
_atom_sites.Cartn_transf_matrix[3][3]   ? 
_atom_sites.Cartn_transf_vector[1]      ? 
_atom_sites.Cartn_transf_vector[2]      ? 
_atom_sites.Cartn_transf_vector[3]      ? 
_atom_sites.fract_transf_matrix[1][1]   -0.00071322 
_atom_sites.fract_transf_matrix[1][2]   -0.00675582 
_atom_sites.fract_transf_matrix[1][3]   0.01707741 
_atom_sites.fract_transf_matrix[2][1]   -0.01835975 
_atom_sites.fract_transf_matrix[2][2]   0.00067683 
_atom_sites.fract_transf_matrix[2][3]   -0.00049902 
_atom_sites.fract_transf_matrix[3][1]   -0.00025111 
_atom_sites.fract_transf_matrix[3][2]   -0.00962714 
_atom_sites.fract_transf_matrix[3][3]   -0.00381898 
_atom_sites.fract_transf_vector[1]      0.380505 
_atom_sites.fract_transf_vector[2]      0.634239 
_atom_sites.fract_transf_vector[3]      0.426266 
_atom_sites.solution_primary            ? 
_atom_sites.solution_secondary          ? 
_atom_sites.solution_hydrogens          ? 
_atom_sites.special_details             ? 
# 
loop_
_atom_type.symbol 
C  
N  
O  
P  
S  
SE 
# 
loop_
_atom_site.group_PDB 
_atom_site.id 
_atom_site.type_symbol 
_atom_site.label_atom_id 
_atom_site.label_alt_id 
_atom_site.label_comp_id 
_atom_site.label_asym_id 
_atom_site.label_entity_id 
_atom_site.label_seq_id 
_atom_site.pdbx_PDB_ins_code 
_atom_site.Cartn_x 
_atom_site.Cartn_y 
_atom_site.Cartn_z 
_atom_site.occupancy 
_atom_site.B_iso_or_equiv 
_atom_site.pdbx_formal_charge 
_atom_site.auth_seq_id 
_atom_site.auth_comp_id 
_atom_site.auth_asym_id 
_atom_site.auth_atom_id 
_atom_site.pdbx_PDB_model_num 
ATOM   1    N N      . LYS A 1 24  ? -1.507  -2.199  20.545  1.00 83.22  ?  236 LYS A N      1 
ATOM   2    C CA     . LYS A 1 24  ? -1.375  -1.086  19.606  1.00 84.21  ?  236 LYS A CA     1 
ATOM   3    C C      . LYS A 1 24  ? -1.407  -1.496  18.120  1.00 78.42  ?  236 LYS A C      1 
ATOM   4    O O      . LYS A 1 24  ? -0.703  -0.889  17.313  1.00 71.95  ?  236 LYS A O      1 
ATOM   5    C CB     . LYS A 1 24  ? -0.062  -0.331  19.886  1.00 73.07  ?  236 LYS A CB     1 
ATOM   6    N N      . PRO A 1 25  ? -2.226  -2.502  17.738  1.00 74.48  ?  237 PRO A N      1 
ATOM   7    C CA     . PRO A 1 25  ? -2.069  -3.113  16.416  1.00 68.05  ?  237 PRO A CA     1 
ATOM   8    C C      . PRO A 1 25  ? -2.711  -2.247  15.330  1.00 70.59  ?  237 PRO A C      1 
ATOM   9    O O      . PRO A 1 25  ? -3.933  -2.167  15.225  1.00 74.26  ?  237 PRO A O      1 
ATOM   10   C CB     . PRO A 1 25  ? -2.776  -4.466  16.569  1.00 62.56  ?  237 PRO A CB     1 
ATOM   11   C CG     . PRO A 1 25  ? -3.832  -4.213  17.560  1.00 70.04  ?  237 PRO A CG     1 
ATOM   12   C CD     . PRO A 1 25  ? -3.445  -3.007  18.398  1.00 75.00  ?  237 PRO A CD     1 
ATOM   13   N N      . HIS A 1 26  ? -1.867  -1.598  14.531  1.00 61.22  ?  238 HIS A N      1 
ATOM   14   C CA     . HIS A 1 26  ? -2.322  -0.743  13.436  1.00 60.79  ?  238 HIS A CA     1 
ATOM   15   C C      . HIS A 1 26  ? -1.839  -1.340  12.118  1.00 58.07  ?  238 HIS A C      1 
ATOM   16   O O      . HIS A 1 26  ? -0.636  -1.344  11.833  1.00 60.95  ?  238 HIS A O      1 
ATOM   17   C CB     . HIS A 1 26  ? -1.826  0.697   13.611  1.00 56.52  ?  238 HIS A CB     1 
ATOM   18   C CG     . HIS A 1 26  ? -2.312  1.630   12.545  1.00 61.12  ?  238 HIS A CG     1 
ATOM   19   N ND1    . HIS A 1 26  ? -1.812  2.905   12.382  1.00 64.91  ?  238 HIS A ND1    1 
ATOM   20   C CD2    . HIS A 1 26  ? -3.239  1.463   11.570  1.00 60.62  ?  238 HIS A CD2    1 
ATOM   21   C CE1    . HIS A 1 26  ? -2.409  3.482   11.355  1.00 66.16  ?  238 HIS A CE1    1 
ATOM   22   N NE2    . HIS A 1 26  ? -3.280  2.629   10.845  1.00 62.87  ?  238 HIS A NE2    1 
ATOM   23   N N      . ILE A 1 27  ? -2.779  -1.803  11.295  1.00 56.03  ?  239 ILE A N      1 
ATOM   24   C CA     . ILE A 1 27  ? -2.476  -2.498  10.052  1.00 57.06  ?  239 ILE A CA     1 
ATOM   25   C C      . ILE A 1 27  ? -2.927  -1.625  8.884   1.00 62.44  ?  239 ILE A C      1 
ATOM   26   O O      . ILE A 1 27  ? -4.085  -1.187  8.840   1.00 59.77  ?  239 ILE A O      1 
ATOM   27   C CB     . ILE A 1 27  ? -3.133  -3.887  10.036  1.00 59.47  ?  239 ILE A CB     1 
ATOM   28   C CG1    . ILE A 1 27  ? -2.390  -4.807  11.012  1.00 60.76  ?  239 ILE A CG1    1 
ATOM   29   C CG2    . ILE A 1 27  ? -3.126  -4.486  8.651   1.00 59.15  ?  239 ILE A CG2    1 
ATOM   30   C CD1    . ILE A 1 27  ? -2.977  -6.179  11.134  1.00 66.24  ?  239 ILE A CD1    1 
ATOM   31   N N      . ALA A 1 28  ? -1.998  -1.331  7.962   1.00 57.24  ?  240 ALA A N      1 
ATOM   32   C CA     . ALA A 1 28  ? -2.275  -0.493  6.801   1.00 52.87  ?  240 ALA A CA     1 
ATOM   33   C C      . ALA A 1 28  ? -2.109  -1.305  5.529   1.00 51.94  ?  240 ALA A C      1 
ATOM   34   O O      . ALA A 1 28  ? -1.187  -2.119  5.416   1.00 54.20  ?  240 ALA A O      1 
ATOM   35   C CB     . ALA A 1 28  ? -1.356  0.729   6.750   1.00 48.19  ?  240 ALA A CB     1 
ATOM   36   N N      . VAL A 1 29  ? -3.008  -1.102  4.573   1.00 52.70  ?  241 VAL A N      1 
ATOM   37   C CA     . VAL A 1 29  ? -2.867  -1.698  3.250   1.00 48.62  ?  241 VAL A CA     1 
ATOM   38   C C      . VAL A 1 29  ? -2.462  -0.599  2.278   1.00 49.51  ?  241 VAL A C      1 
ATOM   39   O O      . VAL A 1 29  ? -3.056  0.489   2.267   1.00 51.16  ?  241 VAL A O      1 
ATOM   40   C CB     . VAL A 1 29  ? -4.159  -2.414  2.810   1.00 55.45  ?  241 VAL A CB     1 
ATOM   41   C CG1    . VAL A 1 29  ? -5.372  -1.468  2.831   1.00 48.20  ?  241 VAL A CG1    1 
ATOM   42   C CG2    . VAL A 1 29  ? -3.973  -3.055  1.440   1.00 49.23  ?  241 VAL A CG2    1 
ATOM   43   N N      . ALA A 1 30  ? -1.424  -0.869  1.492   1.00 48.71  ?  242 ALA A N      1 
ATOM   44   C CA     . ALA A 1 30  ? -0.859  0.109   0.575   1.00 46.66  ?  242 ALA A CA     1 
ATOM   45   C C      . ALA A 1 30  ? -1.618  0.004   -0.739  1.00 49.14  ?  242 ALA A C      1 
ATOM   46   O O      . ALA A 1 30  ? -1.540  -1.020  -1.433  1.00 43.40  ?  242 ALA A O      1 
ATOM   47   C CB     . ALA A 1 30  ? 0.638   -0.135  0.377   1.00 44.56  ?  242 ALA A CB     1 
ATOM   48   N N      . ILE A 1 31  ? -2.351  1.074   -1.077  1.00 51.76  ?  243 ILE A N      1 
ATOM   49   C CA     . ILE A 1 31  ? -3.269  1.112   -2.211  1.00 52.69  ?  243 ILE A CA     1 
ATOM   50   C C      . ILE A 1 31  ? -2.515  1.494   -3.470  1.00 52.68  ?  243 ILE A C      1 
ATOM   51   O O      . ILE A 1 31  ? -1.704  2.426   -3.463  1.00 52.15  ?  243 ILE A O      1 
ATOM   52   C CB     . ILE A 1 31  ? -4.397  2.127   -1.958  1.00 55.77  ?  243 ILE A CB     1 
ATOM   53   C CG1    . ILE A 1 31  ? -5.034  1.873   -0.607  1.00 54.21  ?  243 ILE A CG1    1 
ATOM   54   C CG2    . ILE A 1 31  ? -5.419  2.085   -3.084  1.00 56.21  ?  243 ILE A CG2    1 
ATOM   55   C CD1    . ILE A 1 31  ? -5.988  0.774   -0.646  1.00 54.33  ?  243 ILE A CD1    1 
ATOM   56   N N      . SER A 1 32  ? -2.821  0.823   -4.574  1.00 48.21  ?  244 SER A N      1 
ATOM   57   C CA     . SER A 1 32  ? -2.352  1.287   -5.870  1.00 52.97  ?  244 SER A CA     1 
ATOM   58   C C      . SER A 1 32  ? -3.470  1.116   -6.887  1.00 57.71  ?  244 SER A C      1 
ATOM   59   O O      . SER A 1 32  ? -4.540  0.578   -6.586  1.00 55.22  ?  244 SER A O      1 
ATOM   60   C CB     . SER A 1 32  ? -1.092  0.550   -6.323  1.00 51.34  ?  244 SER A CB     1 
ATOM   61   O OG     . SER A 1 32  ? -1.423  -0.542  -7.158  1.00 51.39  ?  244 SER A OG     1 
ATOM   62   N N      . GLY A 1 33  ? -3.215  1.604   -8.096  1.00 57.33  ?  245 GLY A N      1 
ATOM   63   C CA     . GLY A 1 33  ? -4.138  1.445   -9.193  1.00 60.99  ?  245 GLY A CA     1 
ATOM   64   C C      . GLY A 1 33  ? -4.003  0.149   -9.962  1.00 65.84  ?  245 GLY A C      1 
ATOM   65   O O      . GLY A 1 33  ? -4.660  -0.014  -10.994 1.00 64.53  ?  245 GLY A O      1 
ATOM   66   N N      . SER A 1 34  ? -3.174  -0.790  -9.508  1.00 63.08  ?  246 SER A N      1 
ATOM   67   C CA     . SER A 1 34  ? -3.068  -2.063  -10.215 1.00 63.67  ?  246 SER A CA     1 
ATOM   68   C C      . SER A 1 34  ? -4.354  -2.860  -10.065 1.00 60.37  ?  246 SER A C      1 
ATOM   69   O O      . SER A 1 34  ? -5.086  -2.723  -9.085  1.00 62.54  ?  246 SER A O      1 
ATOM   70   C CB     . SER A 1 34  ? -1.917  -2.902  -9.675  1.00 55.74  ?  246 SER A CB     1 
ATOM   71   O OG     . SER A 1 34  ? -2.150  -3.110  -8.314  1.00 66.53  ?  246 SER A OG     1 
ATOM   72   N N      . ILE A 1 35  ? -4.621  -3.712  -11.053 1.00 62.79  ?  247 ILE A N      1 
ATOM   73   C CA     . ILE A 1 35  ? -5.762  -4.614  -10.950 1.00 62.16  ?  247 ILE A CA     1 
ATOM   74   C C      . ILE A 1 35  ? -5.603  -5.526  -9.749  1.00 63.46  ?  247 ILE A C      1 
ATOM   75   O O      . ILE A 1 35  ? -6.584  -5.837  -9.065  1.00 64.20  ?  247 ILE A O      1 
ATOM   76   C CB     . ILE A 1 35  ? -5.938  -5.410  -12.256 1.00 68.38  ?  247 ILE A CB     1 
ATOM   77   C CG1    . ILE A 1 35  ? -4.601  -6.023  -12.689 1.00 70.93  ?  247 ILE A CG1    1 
ATOM   78   C CG2    . ILE A 1 35  ? -6.479  -4.505  -13.349 1.00 77.36  ?  247 ILE A CG2    1 
ATOM   79   C CD1    . ILE A 1 35  ? -4.707  -7.419  -13.273 1.00 79.37  ?  247 ILE A CD1    1 
ATOM   80   N N      . TYR A 1 36  ? -4.356  -5.937  -9.450  1.00 65.22  ?  248 TYR A N      1 
ATOM   81   C CA     . TYR A 1 36  ? -4.073  -6.857  -8.347  1.00 65.13  ?  248 TYR A CA     1 
ATOM   82   C C      . TYR A 1 36  ? -4.354  -6.271  -6.972  1.00 58.50  ?  248 TYR A C      1 
ATOM   83   O O      . TYR A 1 36  ? -4.401  -7.030  -6.001  1.00 63.11  ?  248 TYR A O      1 
ATOM   84   C CB     . TYR A 1 36  ? -2.604  -7.299  -8.351  1.00 66.54  ?  248 TYR A CB     1 
ATOM   85   C CG     . TYR A 1 36  ? -2.102  -7.770  -9.680  1.00 73.45  ?  248 TYR A CG     1 
ATOM   86   C CD1    . TYR A 1 36  ? -2.621  -8.919  -10.272 1.00 77.93  ?  248 TYR A CD1    1 
ATOM   87   C CD2    . TYR A 1 36  ? -1.107  -7.066  -10.358 1.00 74.24  ?  248 TYR A CD2    1 
ATOM   88   C CE1    . TYR A 1 36  ? -2.161  -9.362  -11.507 1.00 86.93  ?  248 TYR A CE1    1 
ATOM   89   C CE2    . TYR A 1 36  ? -0.639  -7.500  -11.591 1.00 81.04  ?  248 TYR A CE2    1 
ATOM   90   C CZ     . TYR A 1 36  ? -1.171  -8.647  -12.159 1.00 84.37  ?  248 TYR A CZ     1 
ATOM   91   O OH     . TYR A 1 36  ? -0.707  -9.075  -13.382 1.00 89.79  ?  248 TYR A OH     1 
ATOM   92   N N      . ASN A 1 37  ? -4.478  -4.950  -6.846  1.00 55.98  ?  249 ASN A N      1 
ATOM   93   C CA     . ASN A 1 37  ? -4.549  -4.361  -5.511  1.00 53.64  ?  249 ASN A CA     1 
ATOM   94   C C      . ASN A 1 37  ? -5.845  -4.725  -4.793  1.00 60.00  ?  249 ASN A C      1 
ATOM   95   O O      . ASN A 1 37  ? -5.868  -4.789  -3.553  1.00 58.83  ?  249 ASN A O      1 
ATOM   96   C CB     . ASN A 1 37  ? -4.383  -2.846  -5.610  1.00 54.10  ?  249 ASN A CB     1 
ATOM   97   C CG     . ASN A 1 37  ? -4.134  -2.195  -4.268  1.00 54.23  ?  249 ASN A CG     1 
ATOM   98   O OD1    . ASN A 1 37  ? -4.873  -1.301  -3.863  1.00 54.17  ?  249 ASN A OD1    1 
ATOM   99   N ND2    . ASN A 1 37  ? -3.092  -2.645  -3.563  1.00 55.98  ?  249 ASN A ND2    1 
ATOM   100  N N      . GLU A 1 38  ? -6.922  -4.998  -5.537  1.00 60.98  ?  250 GLU A N      1 
ATOM   101  C CA     . GLU A 1 38  ? -8.201  -5.311  -4.894  1.00 62.79  ?  250 GLU A CA     1 
ATOM   102  C C      . GLU A 1 38  ? -8.084  -6.561  -4.026  1.00 60.11  ?  250 GLU A C      1 
ATOM   103  O O      . GLU A 1 38  ? -8.541  -6.585  -2.872  1.00 54.11  ?  250 GLU A O      1 
ATOM   104  C CB     . GLU A 1 38  ? -9.296  -5.479  -5.954  1.00 56.36  ?  250 GLU A CB     1 
ATOM   105  N N      . ALA A 1 39  ? -7.448  -7.606  -4.557  1.00 60.67  ?  251 ALA A N      1 
ATOM   106  C CA     . ALA A 1 39  ? -7.206  -8.797  -3.753  1.00 56.30  ?  251 ALA A CA     1 
ATOM   107  C C      . ALA A 1 39  ? -6.376  -8.459  -2.524  1.00 59.99  ?  251 ALA A C      1 
ATOM   108  O O      . ALA A 1 39  ? -6.602  -9.013  -1.441  1.00 59.36  ?  251 ALA A O      1 
ATOM   109  C CB     . ALA A 1 39  ? -6.510  -9.863  -4.596  1.00 61.83  ?  251 ALA A CB     1 
ATOM   110  N N      . VAL A 1 40  ? -5.411  -7.544  -2.668  1.00 56.71  ?  252 VAL A N      1 
ATOM   111  C CA     . VAL A 1 40  ? -4.592  -7.165  -1.520  1.00 53.71  ?  252 VAL A CA     1 
ATOM   112  C C      . VAL A 1 40  ? -5.451  -6.498  -0.451  1.00 53.94  ?  252 VAL A C      1 
ATOM   113  O O      . VAL A 1 40  ? -5.235  -6.699  0.752   1.00 57.57  ?  252 VAL A O      1 
ATOM   114  C CB     . VAL A 1 40  ? -3.425  -6.267  -1.965  1.00 53.95  ?  252 VAL A CB     1 
ATOM   115  C CG1    . VAL A 1 40  ? -2.464  -5.995  -0.783  1.00 48.30  ?  252 VAL A CG1    1 
ATOM   116  C CG2    . VAL A 1 40  ? -2.690  -6.901  -3.153  1.00 48.23  ?  252 VAL A CG2    1 
ATOM   117  N N      . ILE A 1 41  ? -6.453  -5.715  -0.869  1.00 56.28  ?  253 ILE A N      1 
ATOM   118  C CA     . ILE A 1 41  ? -7.338  -5.074  0.101   1.00 59.85  ?  253 ILE A CA     1 
ATOM   119  C C      . ILE A 1 41  ? -8.078  -6.121  0.914   1.00 55.51  ?  253 ILE A C      1 
ATOM   120  O O      . ILE A 1 41  ? -8.141  -6.045  2.146   1.00 54.21  ?  253 ILE A O      1 
ATOM   121  C CB     . ILE A 1 41  ? -8.344  -4.141  -0.589  1.00 57.64  ?  253 ILE A CB     1 
ATOM   122  C CG1    . ILE A 1 41  ? -7.641  -3.211  -1.552  1.00 61.81  ?  253 ILE A CG1    1 
ATOM   123  C CG2    . ILE A 1 41  ? -9.071  -3.326  0.479   1.00 55.18  ?  253 ILE A CG2    1 
ATOM   124  C CD1    . ILE A 1 41  ? -6.630  -2.436  -0.869  1.00 57.44  ?  253 ILE A CD1    1 
ATOM   125  N N      . LYS A 1 42  ? -8.671  -7.099  0.230   1.00 52.45  ?  254 LYS A N      1 
ATOM   126  C CA     . LYS A 1 42  ? -9.489  -8.083  0.926   1.00 60.36  ?  254 LYS A CA     1 
ATOM   127  C C      . LYS A 1 42  ? -8.647  -8.911  1.884   1.00 63.78  ?  254 LYS A C      1 
ATOM   128  O O      . LYS A 1 42  ? -9.032  -9.125  3.044   1.00 62.68  ?  254 LYS A O      1 
ATOM   129  C CB     . LYS A 1 42  ? -10.214 -8.957  -0.094  1.00 61.49  ?  254 LYS A CB     1 
ATOM   130  C CG     . LYS A 1 42  ? -11.395 -8.228  -0.747  1.00 60.94  ?  254 LYS A CG     1 
ATOM   131  C CD     . LYS A 1 42  ? -11.654 -8.694  -2.165  1.00 62.94  ?  254 LYS A CD     1 
ATOM   132  C CE     . LYS A 1 42  ? -12.893 -8.020  -2.730  1.00 68.57  ?  254 LYS A CE     1 
ATOM   133  N NZ     . LYS A 1 42  ? -13.466 -8.778  -3.880  1.00 76.42  ?  254 LYS A NZ     1 
ATOM   134  N N      . GLU A 1 43  ? -7.472  -9.351  1.435   1.00 62.92  ?  255 GLU A N      1 
ATOM   135  C CA     . GLU A 1 43  ? -6.595  -10.075 2.338   1.00 62.01  ?  255 GLU A CA     1 
ATOM   136  C C      . GLU A 1 43  ? -6.182  -9.193  3.507   1.00 60.40  ?  255 GLU A C      1 
ATOM   137  O O      . GLU A 1 43  ? -6.127  -9.654  4.652   1.00 61.65  ?  255 GLU A O      1 
ATOM   138  C CB     . GLU A 1 43  ? -5.383  -10.597 1.571   1.00 59.08  ?  255 GLU A CB     1 
ATOM   139  C CG     . GLU A 1 43  ? -4.388  -11.349 2.412   1.00 57.32  ?  255 GLU A CG     1 
ATOM   140  C CD     . GLU A 1 43  ? -4.948  -12.615 3.022   1.00 67.24  ?  255 GLU A CD     1 
ATOM   141  O OE1    . GLU A 1 43  ? -6.038  -13.077 2.600   1.00 74.02  ?  255 GLU A OE1    1 
ATOM   142  O OE2    . GLU A 1 43  ? -4.292  -13.149 3.941   1.00 72.13  ?  255 GLU A OE2    1 
ATOM   143  N N      . ALA A 1 44  ? -5.929  -7.909  3.248   1.00 59.21  ?  256 ALA A N      1 
ATOM   144  C CA     . ALA A 1 44  ? -5.567  -7.008  4.337   1.00 61.30  ?  256 ALA A CA     1 
ATOM   145  C C      . ALA A 1 44  ? -6.704  -6.881  5.341   1.00 65.62  ?  256 ALA A C      1 
ATOM   146  O O      . ALA A 1 44  ? -6.470  -6.783  6.554   1.00 59.98  ?  256 ALA A O      1 
ATOM   147  C CB     . ALA A 1 44  ? -5.184  -5.638  3.783   1.00 55.75  ?  256 ALA A CB     1 
ATOM   148  N N      . PHE A 1 45  ? -7.950  -6.873  4.850   1.00 60.68  ?  257 PHE A N      1 
ATOM   149  C CA     . PHE A 1 45  ? -9.091  -6.848  5.753   1.00 61.60  ?  257 PHE A CA     1 
ATOM   150  C C      . PHE A 1 45  ? -9.098  -8.079  6.660   1.00 64.73  ?  257 PHE A C      1 
ATOM   151  O O      . PHE A 1 45  ? -9.319  -7.959  7.872   1.00 64.69  ?  257 PHE A O      1 
ATOM   152  C CB     . PHE A 1 45  ? -10.393 -6.732  4.945   1.00 63.82  ?  257 PHE A CB     1 
ATOM   153  C CG     . PHE A 1 45  ? -11.637 -7.048  5.739   1.00 64.70  ?  257 PHE A CG     1 
ATOM   154  C CD1    . PHE A 1 45  ? -12.147 -6.134  6.654   1.00 65.75  ?  257 PHE A CD1    1 
ATOM   155  C CD2    . PHE A 1 45  ? -12.289 -8.264  5.573   1.00 72.21  ?  257 PHE A CD2    1 
ATOM   156  C CE1    . PHE A 1 45  ? -13.278 -6.430  7.396   1.00 69.81  ?  257 PHE A CE1    1 
ATOM   157  C CE2    . PHE A 1 45  ? -13.426 -8.567  6.309   1.00 75.40  ?  257 PHE A CE2    1 
ATOM   158  C CZ     . PHE A 1 45  ? -13.919 -7.651  7.222   1.00 71.84  ?  257 PHE A CZ     1 
ATOM   159  N N      . HIS A 1 46  ? -8.832  -9.269  6.095   1.00 65.01  ?  258 HIS A N      1 
ATOM   160  C CA     . HIS A 1 46  ? -8.860  -10.502 6.885   1.00 67.90  ?  258 HIS A CA     1 
ATOM   161  C C      . HIS A 1 46  ? -7.803  -10.478 7.974   1.00 67.46  ?  258 HIS A C      1 
ATOM   162  O O      . HIS A 1 46  ? -8.041  -10.937 9.100   1.00 66.22  ?  258 HIS A O      1 
ATOM   163  C CB     . HIS A 1 46  ? -8.647  -11.724 5.990   1.00 73.17  ?  258 HIS A CB     1 
ATOM   164  C CG     . HIS A 1 46  ? -9.907  -12.259 5.373   1.00 92.50  ?  258 HIS A CG     1 
ATOM   165  N ND1    . HIS A 1 46  ? -10.745 -11.486 4.595   1.00 92.42  ?  258 HIS A ND1    1 
ATOM   166  C CD2    . HIS A 1 46  ? -10.461 -13.498 5.403   1.00 100.24 ?  258 HIS A CD2    1 
ATOM   167  C CE1    . HIS A 1 46  ? -11.761 -12.220 4.176   1.00 92.48  ?  258 HIS A CE1    1 
ATOM   168  N NE2    . HIS A 1 46  ? -11.612 -13.445 4.649   1.00 98.44  ?  258 HIS A NE2    1 
ATOM   169  N N      . ILE A 1 47  ? -6.627  -9.936  7.656   1.00 63.92  ?  259 ILE A N      1 
ATOM   170  C CA     . ILE A 1 47  ? -5.527  -9.910  8.611   1.00 62.46  ?  259 ILE A CA     1 
ATOM   171  C C      . ILE A 1 47  ? -5.812  -8.920  9.734   1.00 61.99  ?  259 ILE A C      1 
ATOM   172  O O      . ILE A 1 47  ? -5.520  -9.188  10.903  1.00 59.10  ?  259 ILE A O      1 
ATOM   173  C CB     . ILE A 1 47  ? -4.209  -9.593  7.875   1.00 64.99  ?  259 ILE A CB     1 
ATOM   174  C CG1    . ILE A 1 47  ? -3.976  -10.632 6.774   1.00 64.81  ?  259 ILE A CG1    1 
ATOM   175  C CG2    . ILE A 1 47  ? -3.041  -9.569  8.841   1.00 50.77  ?  259 ILE A CG2    1 
ATOM   176  C CD1    . ILE A 1 47  ? -2.999  -10.207 5.710   1.00 70.58  ?  259 ILE A CD1    1 
ATOM   177  N N      . ALA A 1 48  ? -6.380  -7.758  9.406   1.00 59.79  ?  260 ALA A N      1 
ATOM   178  C CA     . ALA A 1 48  ? -6.726  -6.809  10.457  1.00 64.74  ?  260 ALA A CA     1 
ATOM   179  C C      . ALA A 1 48  ? -7.823  -7.371  11.345  1.00 65.41  ?  260 ALA A C      1 
ATOM   180  O O      . ALA A 1 48  ? -7.752  -7.266  12.574  1.00 67.66  ?  260 ALA A O      1 
ATOM   181  C CB     . ALA A 1 48  ? -7.159  -5.471  9.856   1.00 63.63  ?  260 ALA A CB     1 
ATOM   182  N N      . GLN A 1 49  ? -8.846  -7.978  10.738  1.00 67.48  ?  261 GLN A N      1 
ATOM   183  C CA     . GLN A 1 49  ? -9.913  -8.590  11.518  1.00 70.32  ?  261 GLN A CA     1 
ATOM   184  C C      . GLN A 1 49  ? -9.357  -9.681  12.430  1.00 72.11  ?  261 GLN A C      1 
ATOM   185  O O      . GLN A 1 49  ? -9.511  -9.621  13.654  1.00 77.59  ?  261 GLN A O      1 
ATOM   186  C CB     . GLN A 1 49  ? -10.984 -9.144  10.582  1.00 73.43  ?  261 GLN A CB     1 
ATOM   187  C CG     . GLN A 1 49  ? -12.419 -8.892  11.044  1.00 73.05  ?  261 GLN A CG     1 
ATOM   188  C CD     . GLN A 1 49  ? -13.421 -9.614  10.165  1.00 89.42  ?  261 GLN A CD     1 
ATOM   189  O OE1    . GLN A 1 49  ? -13.037 -10.389 9.285   1.00 97.85  ?  261 GLN A OE1    1 
ATOM   190  N NE2    . GLN A 1 49  ? -14.709 -9.361  10.386  1.00 90.47  ?  261 GLN A NE2    1 
ATOM   191  N N      . LYS A 1 50  ? -8.663  -10.668 11.851  1.00 71.17  ?  262 LYS A N      1 
ATOM   192  C CA     . LYS A 1 50  ? -8.127  -11.763 12.656  1.00 75.00  ?  262 LYS A CA     1 
ATOM   193  C C      . LYS A 1 50  ? -7.125  -11.291 13.708  1.00 75.02  ?  262 LYS A C      1 
ATOM   194  O O      . LYS A 1 50  ? -6.769  -12.073 14.593  1.00 77.27  ?  262 LYS A O      1 
ATOM   195  C CB     . LYS A 1 50  ? -7.485  -12.825 11.752  1.00 68.12  ?  262 LYS A CB     1 
ATOM   196  N N      . GLU A 1 51  ? -6.675  -10.039 13.655  1.00 73.72  ?  263 GLU A N      1 
ATOM   197  C CA     . GLU A 1 51  ? -5.764  -9.497  14.657  1.00 67.84  ?  263 GLU A CA     1 
ATOM   198  C C      . GLU A 1 51  ? -6.374  -8.347  15.435  1.00 67.90  ?  263 GLU A C      1 
ATOM   199  O O      . GLU A 1 51  ? -5.647  -7.646  16.142  1.00 65.15  ?  263 GLU A O      1 
ATOM   200  C CB     . GLU A 1 51  ? -4.469  -8.996  14.010  1.00 74.11  ?  263 GLU A CB     1 
ATOM   201  C CG     . GLU A 1 51  ? -3.689  -10.017 13.219  1.00 71.63  ?  263 GLU A CG     1 
ATOM   202  C CD     . GLU A 1 51  ? -2.231  -9.673  13.215  1.00 81.92  ?  263 GLU A CD     1 
ATOM   203  O OE1    . GLU A 1 51  ? -1.552  -9.942  12.193  1.00 80.45  ?  263 GLU A OE1    1 
ATOM   204  O OE2    . GLU A 1 51  ? -1.776  -9.130  14.250  1.00 85.83  ?  263 GLU A OE2    1 
ATOM   205  N N      . HIS A 1 52  ? -7.669  -8.084  15.258  1.00 70.98  ?  264 HIS A N      1 
ATOM   206  C CA     . HIS A 1 52  ? -8.361  -7.056  16.036  1.00 76.32  ?  264 HIS A CA     1 
ATOM   207  C C      . HIS A 1 52  ? -7.623  -5.721  15.953  1.00 78.43  ?  264 HIS A C      1 
ATOM   208  O O      . HIS A 1 52  ? -7.493  -4.986  16.939  1.00 72.65  ?  264 HIS A O      1 
ATOM   209  C CB     . HIS A 1 52  ? -8.526  -7.505  17.490  1.00 79.70  ?  264 HIS A CB     1 
ATOM   210  C CG     . HIS A 1 52  ? -8.855  -8.959  17.632  1.00 83.45  ?  264 HIS A CG     1 
ATOM   211  N ND1    . HIS A 1 52  ? -9.707  -9.615  16.767  1.00 87.15  ?  264 HIS A ND1    1 
ATOM   212  C CD2    . HIS A 1 52  ? -8.434  -9.889  18.522  1.00 87.36  ?  264 HIS A CD2    1 
ATOM   213  C CE1    . HIS A 1 52  ? -9.802  -10.884 17.122  1.00 85.24  ?  264 HIS A CE1    1 
ATOM   214  N NE2    . HIS A 1 52  ? -9.041  -11.076 18.186  1.00 90.72  ?  264 HIS A NE2    1 
ATOM   215  N N      . ALA A 1 53  ? -7.122  -5.414  14.760  1.00 68.74  ?  265 ALA A N      1 
ATOM   216  C CA     . ALA A 1 53  ? -6.250  -4.272  14.560  1.00 64.06  ?  265 ALA A CA     1 
ATOM   217  C C      . ALA A 1 53  ? -7.021  -3.087  13.997  1.00 63.81  ?  265 ALA A C      1 
ATOM   218  O O      . ALA A 1 53  ? -8.103  -3.226  13.419  1.00 58.96  ?  265 ALA A O      1 
ATOM   219  C CB     . ALA A 1 53  ? -5.092  -4.629  13.622  1.00 70.00  ?  265 ALA A CB     1 
ATOM   220  N N      . LYS A 1 54  ? -6.446  -1.907  14.190  1.00 60.69  ?  266 LYS A N      1 
ATOM   221  C CA     . LYS A 1 54  ? -6.917  -0.719  13.501  1.00 62.16  ?  266 LYS A CA     1 
ATOM   222  C C      . LYS A 1 54  ? -6.516  -0.806  12.026  1.00 62.07  ?  266 LYS A C      1 
ATOM   223  O O      . LYS A 1 54  ? -5.406  -1.232  11.700  1.00 65.95  ?  266 LYS A O      1 
ATOM   224  C CB     . LYS A 1 54  ? -6.330  0.514   14.192  1.00 60.87  ?  266 LYS A CB     1 
ATOM   225  C CG     . LYS A 1 54  ? -6.536  1.836   13.499  1.00 66.99  ?  266 LYS A CG     1 
ATOM   226  C CD     . LYS A 1 54  ? -5.890  2.930   14.338  1.00 67.53  ?  266 LYS A CD     1 
ATOM   227  C CE     . LYS A 1 54  ? -5.706  4.207   13.537  1.00 79.16  ?  266 LYS A CE     1 
ATOM   228  N NZ     . LYS A 1 54  ? -4.982  5.218   14.362  1.00 77.61  ?  266 LYS A NZ     1 
ATOM   229  N N      . PHE A 1 55  ? -7.436  -0.442  11.131  1.00 55.49  ?  267 PHE A N      1 
ATOM   230  C CA     . PHE A 1 55  ? -7.331  -0.735  9.701   1.00 56.61  ?  267 PHE A CA     1 
ATOM   231  C C      . PHE A 1 55  ? -7.294  0.571   8.916   1.00 62.10  ?  267 PHE A C      1 
ATOM   232  O O      . PHE A 1 55  ? -8.238  1.365   8.980   1.00 64.41  ?  267 PHE A O      1 
ATOM   233  C CB     . PHE A 1 55  ? -8.512  -1.606  9.245   1.00 59.50  ?  267 PHE A CB     1 
ATOM   234  C CG     . PHE A 1 55  ? -8.408  -2.137  7.823   1.00 55.36  ?  267 PHE A CG     1 
ATOM   235  C CD1    . PHE A 1 55  ? -9.553  -2.528  7.140   1.00 54.71  ?  267 PHE A CD1    1 
ATOM   236  C CD2    . PHE A 1 55  ? -7.183  -2.272  7.183   1.00 57.54  ?  267 PHE A CD2    1 
ATOM   237  C CE1    . PHE A 1 55  ? -9.497  -3.029  5.844   1.00 59.76  ?  267 PHE A CE1    1 
ATOM   238  C CE2    . PHE A 1 55  ? -7.109  -2.777  5.878   1.00 57.08  ?  267 PHE A CE2    1 
ATOM   239  C CZ     . PHE A 1 55  ? -8.274  -3.156  5.211   1.00 59.65  ?  267 PHE A CZ     1 
ATOM   240  N N      . THR A 1 56  ? -6.218  0.780   8.162   1.00 56.16  ?  268 THR A N      1 
ATOM   241  C CA     . THR A 1 56  ? -6.037  1.973   7.348   1.00 58.99  ?  268 THR A CA     1 
ATOM   242  C C      . THR A 1 56  ? -5.656  1.579   5.925   1.00 56.40  ?  268 THR A C      1 
ATOM   243  O O      . THR A 1 56  ? -5.086  0.513   5.681   1.00 56.65  ?  268 THR A O      1 
ATOM   244  C CB     . THR A 1 56  ? -4.962  2.902   7.956   1.00 62.60  ?  268 THR A CB     1 
ATOM   245  O OG1    . THR A 1 56  ? -5.298  3.171   9.327   1.00 70.71  ?  268 THR A OG1    1 
ATOM   246  C CG2    . THR A 1 56  ? -4.890  4.216   7.202   1.00 64.03  ?  268 THR A CG2    1 
ATOM   247  N N      . ALA A 1 57  ? -6.004  2.435   4.976   1.00 55.97  ?  269 ALA A N      1 
ATOM   248  C CA     . ALA A 1 57  ? -5.634  2.249   3.584   1.00 53.86  ?  269 ALA A CA     1 
ATOM   249  C C      . ALA A 1 57  ? -4.906  3.508   3.160   1.00 59.50  ?  269 ALA A C      1 
ATOM   250  O O      . ALA A 1 57  ? -5.443  4.611   3.306   1.00 59.72  ?  269 ALA A O      1 
ATOM   251  C CB     . ALA A 1 57  ? -6.859  1.999   2.700   1.00 53.09  ?  269 ALA A CB     1 
ATOM   252  N N      . ILE A 1 58  ? -3.686  3.348   2.655   1.00 54.49  ?  270 ILE A N      1 
ATOM   253  C CA     . ILE A 1 58  ? -2.823  4.474   2.346   1.00 49.11  ?  270 ILE A CA     1 
ATOM   254  C C      . ILE A 1 58  ? -2.479  4.390   0.866   1.00 54.28  ?  270 ILE A C      1 
ATOM   255  O O      . ILE A 1 58  ? -1.955  3.367   0.398   1.00 51.57  ?  270 ILE A O      1 
ATOM   256  C CB     . ILE A 1 58  ? -1.561  4.477   3.228   1.00 59.32  ?  270 ILE A CB     1 
ATOM   257  C CG1    . ILE A 1 58  ? -0.803  5.802   3.126   1.00 52.76  ?  270 ILE A CG1    1 
ATOM   258  C CG2    . ILE A 1 58  ? -0.626  3.332   2.850   1.00 51.92  ?  270 ILE A CG2    1 
ATOM   259  C CD1    . ILE A 1 58  ? -1.585  7.002   3.572   1.00 74.56  ?  270 ILE A CD1    1 
ATOM   260  N N      . TYR A 1 59  ? -2.806  5.446   0.127   1.00 52.70  ?  271 TYR A N      1 
ATOM   261  C CA     . TYR A 1 59  ? -2.357  5.634   -1.245  1.00 48.40  ?  271 TYR A CA     1 
ATOM   262  C C      . TYR A 1 59  ? -1.394  6.814   -1.290  1.00 53.35  ?  271 TYR A C      1 
ATOM   263  O O      . TYR A 1 59  ? -1.694  7.882   -0.751  1.00 56.58  ?  271 TYR A O      1 
ATOM   264  C CB     . TYR A 1 59  ? -3.546  5.882   -2.170  1.00 54.73  ?  271 TYR A CB     1 
ATOM   265  C CG     . TYR A 1 59  ? -3.162  6.316   -3.556  1.00 51.82  ?  271 TYR A CG     1 
ATOM   266  C CD1    . TYR A 1 59  ? -2.527  5.438   -4.432  1.00 51.62  ?  271 TYR A CD1    1 
ATOM   267  C CD2    . TYR A 1 59  ? -3.423  7.613   -3.998  1.00 54.08  ?  271 TYR A CD2    1 
ATOM   268  C CE1    . TYR A 1 59  ? -2.176  5.842   -5.719  1.00 55.58  ?  271 TYR A CE1    1 
ATOM   269  C CE2    . TYR A 1 59  ? -3.074  8.023   -5.279  1.00 47.04  ?  271 TYR A CE2    1 
ATOM   270  C CZ     . TYR A 1 59  ? -2.461  7.137   -6.138  1.00 53.61  ?  271 TYR A CZ     1 
ATOM   271  O OH     . TYR A 1 59  ? -2.098  7.555   -7.403  1.00 52.40  ?  271 TYR A OH     1 
ATOM   272  N N      . ILE A 1 60  ? -0.232  6.618   -1.911  1.00 53.11  ?  272 ILE A N      1 
ATOM   273  C CA     . ILE A 1 60  ? 0.741   7.693   -2.122  1.00 51.46  ?  272 ILE A CA     1 
ATOM   274  C C      . ILE A 1 60  ? 0.531   8.229   -3.533  1.00 57.15  ?  272 ILE A C      1 
ATOM   275  O O      . ILE A 1 60  ? 0.668   7.494   -4.521  1.00 54.33  ?  272 ILE A O      1 
ATOM   276  C CB     . ILE A 1 60  ? 2.189   7.213   -1.902  1.00 51.26  ?  272 ILE A CB     1 
ATOM   277  C CG1    . ILE A 1 60  ? 2.326   6.440   -0.596  1.00 48.44  ?  272 ILE A CG1    1 
ATOM   278  C CG2    . ILE A 1 60  ? 3.154   8.392   -1.808  1.00 58.18  ?  272 ILE A CG2    1 
ATOM   279  C CD1    . ILE A 1 60  ? 1.995   7.272   0.664   1.00 48.25  ?  272 ILE A CD1    1 
ATOM   280  N N      . ASP A 1 61  ? 0.147   9.496   -3.632  1.00 55.10  ?  273 ASP A N      1 
ATOM   281  C CA     . ASP A 1 61  ? -0.047  10.134  -4.924  1.00 58.58  ?  273 ASP A CA     1 
ATOM   282  C C      . ASP A 1 61  ? 1.255   10.802  -5.356  1.00 59.62  ?  273 ASP A C      1 
ATOM   283  O O      . ASP A 1 61  ? 1.774   11.684  -4.660  1.00 64.97  ?  273 ASP A O      1 
ATOM   284  C CB     . ASP A 1 61  ? -1.191  11.144  -4.867  1.00 62.02  ?  273 ASP A CB     1 
ATOM   285  C CG     . ASP A 1 61  ? -1.657  11.568  -6.251  1.00 65.39  ?  273 ASP A CG     1 
ATOM   286  O OD1    . ASP A 1 61  ? -0.779  11.884  -7.089  1.00 66.52  ?  273 ASP A OD1    1 
ATOM   287  O OD2    . ASP A 1 61  ? -2.892  11.567  -6.505  1.00 70.16  ?  273 ASP A OD2    1 
ATOM   288  N N      . VAL A 1 62  ? 1.796   10.355  -6.485  1.00 57.22  ?  274 VAL A N      1 
ATOM   289  C CA     . VAL A 1 62  ? 3.021   10.899  -7.059  1.00 62.31  ?  274 VAL A CA     1 
ATOM   290  C C      . VAL A 1 62  ? 2.731   11.245  -8.506  1.00 60.26  ?  274 VAL A C      1 
ATOM   291  O O      . VAL A 1 62  ? 2.139   10.438  -9.233  1.00 61.29  ?  274 VAL A O      1 
ATOM   292  C CB     . VAL A 1 62  ? 4.193   9.909   -6.962  1.00 60.36  ?  274 VAL A CB     1 
ATOM   293  C CG1    . VAL A 1 62  ? 5.467   10.600  -7.319  1.00 56.75  ?  274 VAL A CG1    1 
ATOM   294  C CG2    . VAL A 1 62  ? 4.298   9.339   -5.555  1.00 60.87  ?  274 VAL A CG2    1 
ATOM   295  N N      . PHE A 1 63  ? 3.105   12.456  -8.917  1.00 65.74  ?  275 PHE A N      1 
ATOM   296  C CA     . PHE A 1 63  ? 2.715   12.892  -10.253 1.00 68.21  ?  275 PHE A CA     1 
ATOM   297  C C      . PHE A 1 63  ? 3.346   12.011  -11.323 1.00 69.37  ?  275 PHE A C      1 
ATOM   298  O O      . PHE A 1 63  ? 2.672   11.582  -12.267 1.00 73.58  ?  275 PHE A O      1 
ATOM   299  C CB     . PHE A 1 63  ? 3.086   14.350  -10.483 1.00 68.83  ?  275 PHE A CB     1 
ATOM   300  C CG     . PHE A 1 63  ? 2.719   14.831  -11.854 1.00 83.53  ?  275 PHE A CG     1 
ATOM   301  C CD1    . PHE A 1 63  ? 3.699   15.169  -12.777 1.00 82.64  ?  275 PHE A CD1    1 
ATOM   302  C CD2    . PHE A 1 63  ? 1.385   14.892  -12.242 1.00 84.80  ?  275 PHE A CD2    1 
ATOM   303  C CE1    . PHE A 1 63  ? 3.355   15.592  -14.052 1.00 87.84  ?  275 PHE A CE1    1 
ATOM   304  C CE2    . PHE A 1 63  ? 1.032   15.317  -13.521 1.00 82.27  ?  275 PHE A CE2    1 
ATOM   305  C CZ     . PHE A 1 63  ? 2.017   15.666  -14.425 1.00 83.83  ?  275 PHE A CZ     1 
ATOM   306  N N      . GLU A 1 64  ? 4.638   11.720  -11.179 1.00 73.14  ?  276 GLU A N      1 
ATOM   307  C CA     . GLU A 1 64  ? 5.385   10.904  -12.138 1.00 72.33  ?  276 GLU A CA     1 
ATOM   308  C C      . GLU A 1 64  ? 4.790   9.499   -12.293 1.00 73.85  ?  276 GLU A C      1 
ATOM   309  O O      . GLU A 1 64  ? 3.959   9.257   -13.179 1.00 76.39  ?  276 GLU A O      1 
ATOM   310  C CB     . GLU A 1 64  ? 6.856   10.812  -11.707 1.00 65.28  ?  276 GLU A CB     1 
ATOM   311  N N      . GLN A 1 68  ? 2.305   8.617   -15.845 0.87 81.55  ?  280 GLN A N      1 
ATOM   312  C CA     . GLN A 1 68  ? 2.495   7.171   -15.902 0.87 86.10  ?  280 GLN A CA     1 
ATOM   313  C C      . GLN A 1 68  ? 1.227   6.487   -15.445 0.87 88.09  ?  280 GLN A C      1 
ATOM   314  O O      . GLN A 1 68  ? 0.386   7.113   -14.788 0.87 94.73  ?  280 GLN A O      1 
ATOM   315  C CB     . GLN A 1 68  ? 3.680   6.728   -15.036 0.87 76.64  ?  280 GLN A CB     1 
ATOM   316  N N      . TYR A 1 69  ? 1.106   5.201   -15.764 0.89 85.34  ?  281 TYR A N      1 
ATOM   317  C CA     . TYR A 1 69  ? -0.122  4.444   -15.526 0.90 88.88  ?  281 TYR A CA     1 
ATOM   318  C C      . TYR A 1 69  ? -1.323  5.297   -15.909 0.89 93.97  ?  281 TYR A C      1 
ATOM   319  O O      . TYR A 1 69  ? -2.205  5.585   -15.095 1.00 89.59  ?  281 TYR A O      1 
ATOM   320  C CB     . TYR A 1 69  ? -0.246  3.985   -14.071 1.00 86.67  ?  281 TYR A CB     1 
ATOM   321  C CG     . TYR A 1 69  ? 0.852   3.080   -13.547 1.00 83.17  ?  281 TYR A CG     1 
ATOM   322  C CD1    . TYR A 1 69  ? 1.079   1.819   -14.101 1.00 76.68  ?  281 TYR A CD1    1 
ATOM   323  C CD2    . TYR A 1 69  ? 1.636   3.475   -12.464 1.00 78.94  ?  281 TYR A CD2    1 
ATOM   324  C CE1    . TYR A 1 69  ? 2.080   0.982   -13.604 1.00 70.90  ?  281 TYR A CE1    1 
ATOM   325  C CE2    . TYR A 1 69  ? 2.633   2.658   -11.961 1.00 74.50  ?  281 TYR A CE2    1 
ATOM   326  C CZ     . TYR A 1 69  ? 2.860   1.411   -12.530 1.00 79.31  ?  281 TYR A CZ     1 
ATOM   327  O OH     . TYR A 1 69  ? 3.873   0.609   -12.003 1.00 78.56  ?  281 TYR A OH     1 
ATOM   328  N N      . LYS A 1 70  ? -1.301  5.741   -17.169 1.00 95.67  ?  282 LYS A N      1 
ATOM   329  C CA     . LYS A 1 70  ? -2.282  6.695   -17.669 1.00 99.47  ?  282 LYS A CA     1 
ATOM   330  C C      . LYS A 1 70  ? -3.697  6.260   -17.304 1.00 98.91  ?  282 LYS A C      1 
ATOM   331  O O      . LYS A 1 70  ? -4.086  5.110   -17.527 1.00 100.26 ?  282 LYS A O      1 
ATOM   332  C CB     . LYS A 1 70  ? -2.141  6.843   -19.188 1.00 93.62  ?  282 LYS A CB     1 
ATOM   333  N N      . ASP A 1 71  ? -4.442  7.179   -16.686 0.93 92.61  ?  283 ASP A N      1 
ATOM   334  C CA     . ASP A 1 71  ? -5.862  6.988   -16.403 0.93 89.77  ?  283 ASP A CA     1 
ATOM   335  C C      . ASP A 1 71  ? -6.094  5.785   -15.491 0.93 92.03  ?  283 ASP A C      1 
ATOM   336  O O      . ASP A 1 71  ? -6.900  4.898   -15.786 0.93 92.54  ?  283 ASP A O      1 
ATOM   337  C CB     . ASP A 1 71  ? -6.665  6.860   -17.700 0.93 93.84  ?  283 ASP A CB     1 
ATOM   338  N N      . SER A 1 72  ? -5.362  5.754   -14.376 1.00 82.16  ?  284 SER A N      1 
ATOM   339  C CA     . SER A 1 72  ? -5.640  4.827   -13.289 1.00 77.27  ?  284 SER A CA     1 
ATOM   340  C C      . SER A 1 72  ? -6.263  5.524   -12.088 1.00 69.24  ?  284 SER A C      1 
ATOM   341  O O      . SER A 1 72  ? -6.494  4.874   -11.060 1.00 64.91  ?  284 SER A O      1 
ATOM   342  C CB     . SER A 1 72  ? -4.361  4.095   -12.858 1.00 78.79  ?  284 SER A CB     1 
ATOM   343  N N      . GLN A 1 73  ? -6.528  6.832   -12.188 1.00 66.00  ?  285 GLN A N      1 
ATOM   344  C CA     . GLN A 1 73  ? -7.128  7.559   -11.074 1.00 69.30  ?  285 GLN A CA     1 
ATOM   345  C C      . GLN A 1 73  ? -8.491  6.974   -10.692 1.00 67.76  ?  285 GLN A C      1 
ATOM   346  O O      . GLN A 1 73  ? -8.887  7.029   -9.517  1.00 57.86  ?  285 GLN A O      1 
ATOM   347  C CB     . GLN A 1 73  ? -7.234  9.048   -11.429 1.00 59.75  ?  285 GLN A CB     1 
ATOM   348  N N      . LYS A 1 74  ? -9.201  6.375   -11.658 1.00 60.55  ?  286 LYS A N      1 
ATOM   349  C CA     . LYS A 1 74  ? -10.485 5.739   -11.357 1.00 65.82  ?  286 LYS A CA     1 
ATOM   350  C C      . LYS A 1 74  ? -10.306 4.453   -10.553 1.00 62.55  ?  286 LYS A C      1 
ATOM   351  O O      . LYS A 1 74  ? -11.089 4.182   -9.629  1.00 63.77  ?  286 LYS A O      1 
ATOM   352  C CB     . LYS A 1 74  ? -11.253 5.458   -12.655 1.00 60.14  ?  286 LYS A CB     1 
ATOM   353  N N      . GLN A 1 75  ? -9.306  3.637   -10.910 1.00 63.08  ?  287 GLN A N      1 
ATOM   354  C CA     . GLN A 1 75  ? -9.007  2.419   -10.159 1.00 63.70  ?  287 GLN A CA     1 
ATOM   355  C C      . GLN A 1 75  ? -8.702  2.739   -8.713  1.00 54.16  ?  287 GLN A C      1 
ATOM   356  O O      . GLN A 1 75  ? -9.233  2.106   -7.794  1.00 60.18  ?  287 GLN A O      1 
ATOM   357  C CB     . GLN A 1 75  ? -7.806  1.690   -10.771 1.00 65.70  ?  287 GLN A CB     1 
ATOM   358  C CG     . GLN A 1 75  ? -7.833  1.556   -12.266 1.00 75.78  ?  287 GLN A CG     1 
ATOM   359  C CD     . GLN A 1 75  ? -9.075  0.840   -12.739 1.00 78.97  ?  287 GLN A CD     1 
ATOM   360  O OE1    . GLN A 1 75  ? -9.497  -0.155  -12.140 1.00 79.70  ?  287 GLN A OE1    1 
ATOM   361  N NE2    . GLN A 1 75  ? -9.679  1.346   -13.813 1.00 83.61  ?  287 GLN A NE2    1 
ATOM   362  N N      . VAL A 1 76  ? -7.793  3.686   -8.497  1.00 57.88  ?  288 VAL A N      1 
ATOM   363  C CA     . VAL A 1 76  ? -7.440  4.094   -7.141  1.00 58.31  ?  288 VAL A CA     1 
ATOM   364  C C      . VAL A 1 76  ? -8.707  4.456   -6.380  1.00 61.45  ?  288 VAL A C      1 
ATOM   365  O O      . VAL A 1 76  ? -9.022  3.880   -5.325  1.00 52.08  ?  288 VAL A O      1 
ATOM   366  C CB     . VAL A 1 76  ? -6.451  5.270   -7.192  1.00 49.45  ?  288 VAL A CB     1 
ATOM   367  C CG1    . VAL A 1 76  ? -6.135  5.750   -5.807  1.00 54.80  ?  288 VAL A CG1    1 
ATOM   368  C CG2    . VAL A 1 76  ? -5.185  4.857   -7.933  1.00 60.71  ?  288 VAL A CG2    1 
ATOM   369  N N      . HIS A 1 77  ? -9.479  5.388   -6.954  1.00 59.84  ?  289 HIS A N      1 
ATOM   370  C CA     . HIS A 1 77  ? -10.775 5.769   -6.412  1.00 55.91  ?  289 HIS A CA     1 
ATOM   371  C C      . HIS A 1 77  ? -11.588 4.546   -6.007  1.00 54.01  ?  289 HIS A C      1 
ATOM   372  O O      . HIS A 1 77  ? -12.094 4.450   -4.883  1.00 55.85  ?  289 HIS A O      1 
ATOM   373  C CB     . HIS A 1 77  ? -11.508 6.592   -7.465  1.00 57.50  ?  289 HIS A CB     1 
ATOM   374  C CG     . HIS A 1 77  ? -12.615 7.419   -6.920  1.00 59.36  ?  289 HIS A CG     1 
ATOM   375  N ND1    . HIS A 1 77  ? -12.410 8.675   -6.395  1.00 60.88  ?  289 HIS A ND1    1 
ATOM   376  C CD2    . HIS A 1 77  ? -13.947 7.179   -6.826  1.00 62.78  ?  289 HIS A CD2    1 
ATOM   377  C CE1    . HIS A 1 77  ? -13.568 9.174   -5.994  1.00 59.89  ?  289 HIS A CE1    1 
ATOM   378  N NE2    . HIS A 1 77  ? -14.517 8.289   -6.249  1.00 51.52  ?  289 HIS A NE2    1 
ATOM   379  N N      . GLN A 1 78  ? -11.686 3.576   -6.908  1.00 55.11  ?  290 GLN A N      1 
ATOM   380  C CA     . GLN A 1 78  ? -12.433 2.362   -6.609  1.00 51.65  ?  290 GLN A CA     1 
ATOM   381  C C      . GLN A 1 78  ? -11.813 1.602   -5.445  1.00 58.68  ?  290 GLN A C      1 
ATOM   382  O O      . GLN A 1 78  ? -12.510 1.223   -4.499  1.00 53.48  ?  290 GLN A O      1 
ATOM   383  C CB     . GLN A 1 78  ? -12.470 1.503   -7.859  1.00 61.15  ?  290 GLN A CB     1 
ATOM   384  C CG     . GLN A 1 78  ? -13.293 0.273   -7.760  1.00 71.32  ?  290 GLN A CG     1 
ATOM   385  C CD     . GLN A 1 78  ? -13.535 -0.302  -9.137  1.00 82.53  ?  290 GLN A CD     1 
ATOM   386  O OE1    . GLN A 1 78  ? -13.251 0.354   -10.146 1.00 79.91  ?  290 GLN A OE1    1 
ATOM   387  N NE2    . GLN A 1 78  ? -14.035 -1.536  -9.192  1.00 90.48  ?  290 GLN A NE2    1 
ATOM   388  N N      . HIS A 1 79  ? -10.490 1.381   -5.490  1.00 57.68  ?  291 HIS A N      1 
ATOM   389  C CA     . HIS A 1 79  ? -9.845  0.620   -4.419  1.00 58.05  ?  291 HIS A CA     1 
ATOM   390  C C      . HIS A 1 79  ? -9.998  1.319   -3.078  1.00 53.09  ?  291 HIS A C      1 
ATOM   391  O O      . HIS A 1 79  ? -10.250 0.667   -2.060  1.00 51.14  ?  291 HIS A O      1 
ATOM   392  C CB     . HIS A 1 79  ? -8.368  0.385   -4.747  1.00 52.77  ?  291 HIS A CB     1 
ATOM   393  C CG     . HIS A 1 79  ? -8.169  -0.483  -5.944  1.00 57.80  ?  291 HIS A CG     1 
ATOM   394  N ND1    . HIS A 1 79  ? -7.092  -0.353  -6.791  1.00 58.22  ?  291 HIS A ND1    1 
ATOM   395  C CD2    . HIS A 1 79  ? -8.938  -1.474  -6.458  1.00 63.02  ?  291 HIS A CD2    1 
ATOM   396  C CE1    . HIS A 1 79  ? -7.198  -1.235  -7.771  1.00 62.48  ?  291 HIS A CE1    1 
ATOM   397  N NE2    . HIS A 1 79  ? -8.311  -1.928  -7.592  1.00 63.33  ?  291 HIS A NE2    1 
ATOM   398  N N      . LEU A 1 80  ? -9.871  2.650   -3.057  1.00 52.32  ?  292 LEU A N      1 
ATOM   399  C CA     . LEU A 1 80  ? -10.048 3.365   -1.795  1.00 55.83  ?  292 LEU A CA     1 
ATOM   400  C C      . LEU A 1 80  ? -11.452 3.153   -1.235  1.00 61.08  ?  292 LEU A C      1 
ATOM   401  O O      . LEU A 1 80  ? -11.613 2.927   -0.026  1.00 53.64  ?  292 LEU A O      1 
ATOM   402  C CB     . LEU A 1 80  ? -9.742  4.853   -1.988  1.00 49.86  ?  292 LEU A CB     1 
ATOM   403  C CG     . LEU A 1 80  ? -8.250  5.162   -2.149  1.00 65.15  ?  292 LEU A CG     1 
ATOM   404  C CD1    . LEU A 1 80  ? -8.027  6.603   -2.585  1.00 60.88  ?  292 LEU A CD1    1 
ATOM   405  C CD2    . LEU A 1 80  ? -7.457  4.848   -0.867  1.00 58.24  ?  292 LEU A CD2    1 
ATOM   406  N N      . MET A 1 81  ? -12.484 3.195   -2.104  1.00 58.53  ?  293 MET A N      1 
ATOM   407  C CA     A MET A 1 81  ? -13.852 2.989   -1.628  0.45 55.73  ?  293 MET A CA     1 
ATOM   408  C CA     B MET A 1 81  ? -13.859 2.985   -1.640  0.55 55.79  ?  293 MET A CA     1 
ATOM   409  C C      . MET A 1 81  ? -14.060 1.567   -1.126  1.00 55.37  ?  293 MET A C      1 
ATOM   410  O O      . MET A 1 81  ? -14.680 1.362   -0.075  1.00 56.29  ?  293 MET A O      1 
ATOM   411  C CB     A MET A 1 81  ? -14.856 3.321   -2.729  0.45 55.35  ?  293 MET A CB     1 
ATOM   412  C CB     B MET A 1 81  ? -14.855 3.289   -2.761  0.55 55.86  ?  293 MET A CB     1 
ATOM   413  C CG     A MET A 1 81  ? -16.283 3.504   -2.206  0.45 62.32  ?  293 MET A CG     1 
ATOM   414  C CG     B MET A 1 81  ? -16.326 2.984   -2.402  0.55 62.61  ?  293 MET A CG     1 
ATOM   415  S SD     A MET A 1 81  ? -16.366 4.645   -0.803  0.45 57.66  ?  293 MET A SD     1 
ATOM   416  S SD     B MET A 1 81  ? -16.905 3.760   -0.867  0.55 54.94  ?  293 MET A SD     1 
ATOM   417  C CE     A MET A 1 81  ? -17.440 3.742   0.320   0.45 54.66  ?  293 MET A CE     1 
ATOM   418  C CE     B MET A 1 81  ? -18.627 3.240   -0.838  0.55 63.21  ?  293 MET A CE     1 
ATOM   419  N N      . LEU A 1 82  ? -13.547 0.573   -1.853  1.00 51.92  ?  294 LEU A N      1 
ATOM   420  C CA     . LEU A 1 82  ? -13.625 -0.804  -1.384  1.00 55.54  ?  294 LEU A CA     1 
ATOM   421  C C      . LEU A 1 82  ? -13.102 -0.932  0.049   1.00 57.91  ?  294 LEU A C      1 
ATOM   422  O O      . LEU A 1 82  ? -13.760 -1.523  0.910   1.00 65.71  ?  294 LEU A O      1 
ATOM   423  C CB     . LEU A 1 82  ? -12.858 -1.717  -2.342  1.00 58.12  ?  294 LEU A CB     1 
ATOM   424  C CG     . LEU A 1 82  ? -12.500 -3.116  -1.839  1.00 63.62  ?  294 LEU A CG     1 
ATOM   425  C CD1    . LEU A 1 82  ? -13.782 -3.884  -1.510  1.00 59.77  ?  294 LEU A CD1    1 
ATOM   426  C CD2    . LEU A 1 82  ? -11.713 -3.858  -2.902  1.00 53.34  ?  294 LEU A CD2    1 
ATOM   427  N N      . ALA A 1 83  ? -11.940 -0.342  0.336   1.00 59.06  ?  295 ALA A N      1 
ATOM   428  C CA     . ALA A 1 83  ? -11.358 -0.464  1.673   1.00 57.32  ?  295 ALA A CA     1 
ATOM   429  C C      . ALA A 1 83  ? -12.151 0.326   2.701   1.00 57.27  ?  295 ALA A C      1 
ATOM   430  O O      . ALA A 1 83  ? -12.248 -0.084  3.866   1.00 54.94  ?  295 ALA A O      1 
ATOM   431  C CB     . ALA A 1 83  ? -9.902  0.006   1.667   1.00 53.79  ?  295 ALA A CB     1 
ATOM   432  N N      . LYS A 1 84  ? -12.685 1.486   2.307   1.00 59.33  ?  296 LYS A N      1 
ATOM   433  C CA     . LYS A 1 84  ? -13.593 2.208   3.191   1.00 66.02  ?  296 LYS A CA     1 
ATOM   434  C C      . LYS A 1 84  ? -14.775 1.324   3.561   1.00 59.12  ?  296 LYS A C      1 
ATOM   435  O O      . LYS A 1 84  ? -15.082 1.135   4.743   1.00 61.11  ?  296 LYS A O      1 
ATOM   436  C CB     . LYS A 1 84  ? -14.071 3.501   2.526   1.00 62.05  ?  296 LYS A CB     1 
ATOM   437  C CG     . LYS A 1 84  ? -14.573 4.533   3.527   1.00 63.56  ?  296 LYS A CG     1 
ATOM   438  C CD     . LYS A 1 84  ? -15.626 5.458   2.924   1.00 68.41  ?  296 LYS A CD     1 
ATOM   439  C CE     . LYS A 1 84  ? -16.287 6.294   4.007   1.00 64.46  ?  296 LYS A CE     1 
ATOM   440  N NZ     . LYS A 1 84  ? -15.243 6.806   4.951   1.00 66.02  ?  296 LYS A NZ     1 
ATOM   441  N N      . SER A 1 85  ? -15.393 0.707   2.555   1.00 56.58  ?  297 SER A N      1 
ATOM   442  C CA     . SER A 1 85  ? -16.503 -0.207  2.780   1.00 63.17  ?  297 SER A CA     1 
ATOM   443  C C      . SER A 1 85  ? -16.109 -1.452  3.571   1.00 68.81  ?  297 SER A C      1 
ATOM   444  O O      . SER A 1 85  ? -16.998 -2.179  4.022   1.00 68.38  ?  297 SER A O      1 
ATOM   445  C CB     . SER A 1 85  ? -17.106 -0.617  1.439   1.00 64.82  ?  297 SER A CB     1 
ATOM   446  O OG     . SER A 1 85  ? -16.505 -1.805  0.961   1.00 66.80  ?  297 SER A OG     1 
ATOM   447  N N      . LEU A 1 86  ? -14.820 -1.734  3.744   1.00 67.46  ?  298 LEU A N      1 
ATOM   448  C CA     . LEU A 1 86  ? -14.413 -2.835  4.603   1.00 63.17  ?  298 LEU A CA     1 
ATOM   449  C C      . LEU A 1 86  ? -14.005 -2.355  5.979   1.00 59.76  ?  298 LEU A C      1 
ATOM   450  O O      . LEU A 1 86  ? -13.450 -3.133  6.757   1.00 66.72  ?  298 LEU A O      1 
ATOM   451  C CB     . LEU A 1 86  ? -13.276 -3.631  3.968   1.00 59.66  ?  298 LEU A CB     1 
ATOM   452  C CG     . LEU A 1 86  ? -13.712 -4.369  2.703   1.00 65.21  ?  298 LEU A CG     1 
ATOM   453  C CD1    . LEU A 1 86  ? -12.495 -4.913  1.975   1.00 62.38  ?  298 LEU A CD1    1 
ATOM   454  C CD2    . LEU A 1 86  ? -14.689 -5.471  3.043   1.00 61.06  ?  298 LEU A CD2    1 
ATOM   455  N N      . GLY A 1 87  ? -14.260 -1.095  6.299   1.00 60.21  ?  299 GLY A N      1 
ATOM   456  C CA     . GLY A 1 87  ? -13.975 -0.599  7.625   1.00 61.10  ?  299 GLY A CA     1 
ATOM   457  C C      . GLY A 1 87  ? -12.658 0.118   7.790   1.00 61.28  ?  299 GLY A C      1 
ATOM   458  O O      . GLY A 1 87  ? -12.306 0.465   8.922   1.00 66.63  ?  299 GLY A O      1 
ATOM   459  N N      . ALA A 1 88  ? -11.928 0.372   6.708   1.00 56.63  ?  300 ALA A N      1 
ATOM   460  C CA     . ALA A 1 88  ? -10.659 1.069   6.813   1.00 59.75  ?  300 ALA A CA     1 
ATOM   461  C C      . ALA A 1 88  ? -10.871 2.572   6.770   1.00 57.40  ?  300 ALA A C      1 
ATOM   462  O O      . ALA A 1 88  ? -11.742 3.064   6.050   1.00 63.64  ?  300 ALA A O      1 
ATOM   463  C CB     . ALA A 1 88  ? -9.715  0.653   5.682   1.00 57.51  ?  300 ALA A CB     1 
ATOM   464  N N      . LYS A 1 89  ? -10.062 3.301   7.536   1.00 57.45  ?  301 LYS A N      1 
ATOM   465  C CA     . LYS A 1 89  ? -9.861  4.721   7.272   1.00 59.40  ?  301 LYS A CA     1 
ATOM   466  C C      . LYS A 1 89  ? -8.910  4.861   6.085   1.00 61.71  ?  301 LYS A C      1 
ATOM   467  O O      . LYS A 1 89  ? -7.852  4.226   6.054   1.00 65.55  ?  301 LYS A O      1 
ATOM   468  C CB     . LYS A 1 89  ? -9.291  5.420   8.510   1.00 61.61  ?  301 LYS A CB     1 
ATOM   469  N N      . VAL A 1 90  ? -9.286  5.657   5.094   1.00 56.00  ?  302 VAL A N      1 
ATOM   470  C CA     . VAL A 1 90  ? -8.465  5.836   3.912   1.00 55.51  ?  302 VAL A CA     1 
ATOM   471  C C      . VAL A 1 90  ? -7.733  7.160   4.043   1.00 63.99  ?  302 VAL A C      1 
ATOM   472  O O      . VAL A 1 90  ? -8.273  8.138   4.576   1.00 58.29  ?  302 VAL A O      1 
ATOM   473  C CB     . VAL A 1 90  ? -9.292  5.783   2.610   1.00 63.89  ?  302 VAL A CB     1 
ATOM   474  C CG1    . VAL A 1 90  ? -10.233 4.584   2.608   1.00 61.87  ?  302 VAL A CG1    1 
ATOM   475  C CG2    . VAL A 1 90  ? -10.051 7.072   2.386   1.00 58.46  ?  302 VAL A CG2    1 
ATOM   476  N N      . LYS A 1 91  ? -6.488  7.191   3.577   1.00 57.93  ?  303 LYS A N      1 
ATOM   477  C CA     . LYS A 1 91  ? -5.740  8.432   3.540   1.00 56.18  ?  303 LYS A CA     1 
ATOM   478  C C      . LYS A 1 91  ? -4.992  8.520   2.223   1.00 57.89  ?  303 LYS A C      1 
ATOM   479  O O      . LYS A 1 91  ? -4.566  7.505   1.663   1.00 56.97  ?  303 LYS A O      1 
ATOM   480  C CB     . LYS A 1 91  ? -4.768  8.569   4.721   1.00 65.17  ?  303 LYS A CB     1 
ATOM   481  C CG     . LYS A 1 91  ? -4.209  9.999   4.857   1.00 73.44  ?  303 LYS A CG     1 
ATOM   482  C CD     . LYS A 1 91  ? -3.684  10.307  6.264   1.00 85.24  ?  303 LYS A CD     1 
ATOM   483  C CE     . LYS A 1 91  ? -3.917  11.778  6.659   1.00 89.77  ?  303 LYS A CE     1 
ATOM   484  N NZ     . LYS A 1 91  ? -5.152  11.996  7.507   1.00 85.86  ?  303 LYS A NZ     1 
ATOM   485  N N      . VAL A 1 92  ? -4.894  9.743   1.718   1.00 61.32  ?  304 VAL A N      1 
ATOM   486  C CA     . VAL A 1 92  ? -4.104  10.077  0.545   1.00 53.59  ?  304 VAL A CA     1 
ATOM   487  C C      . VAL A 1 92  ? -2.997  11.013  0.992   1.00 64.27  ?  304 VAL A C      1 
ATOM   488  O O      . VAL A 1 92  ? -3.264  12.029  1.650   1.00 68.69  ?  304 VAL A O      1 
ATOM   489  C CB     . VAL A 1 92  ? -4.954  10.742  -0.542  1.00 54.07  ?  304 VAL A CB     1 
ATOM   490  C CG1    . VAL A 1 92  ? -4.049  11.387  -1.569  1.00 62.98  ?  304 VAL A CG1    1 
ATOM   491  C CG2    . VAL A 1 92  ? -5.900  9.727   -1.196  1.00 54.70  ?  304 VAL A CG2    1 
ATOM   492  N N      . VAL A 1 93  ? -1.761  10.675  0.635   1.00 56.45  ?  305 VAL A N      1 
ATOM   493  C CA     . VAL A 1 93  ? -0.601  11.497  0.934   1.00 57.06  ?  305 VAL A CA     1 
ATOM   494  C C      . VAL A 1 93  ? 0.084   11.831  -0.375  1.00 61.62  ?  305 VAL A C      1 
ATOM   495  O O      . VAL A 1 93  ? 0.284   10.954  -1.221  1.00 60.03  ?  305 VAL A O      1 
ATOM   496  C CB     . VAL A 1 93  ? 0.379   10.792  1.892   1.00 59.08  ?  305 VAL A CB     1 
ATOM   497  C CG1    . VAL A 1 93  ? 1.627   11.652  2.075   1.00 64.89  ?  305 VAL A CG1    1 
ATOM   498  C CG2    . VAL A 1 93  ? -0.268  10.536  3.231   1.00 55.88  ?  305 VAL A CG2    1 
ATOM   499  N N      . TYR A 1 94  ? 0.430   13.101  -0.540  1.00 63.51  ?  306 TYR A N      1 
ATOM   500  C CA     . TYR A 1 94  ? 1.187   13.563  -1.693  1.00 61.48  ?  306 TYR A CA     1 
ATOM   501  C C      . TYR A 1 94  ? 2.670   13.574  -1.351  1.00 63.29  ?  306 TYR A C      1 
ATOM   502  O O      . TYR A 1 94  ? 3.072   14.131  -0.324  1.00 66.02  ?  306 TYR A O      1 
ATOM   503  C CB     . TYR A 1 94  ? 0.718   14.955  -2.113  1.00 66.66  ?  306 TYR A CB     1 
ATOM   504  C CG     . TYR A 1 94  ? -0.700  14.962  -2.616  1.00 64.77  ?  306 TYR A CG     1 
ATOM   505  C CD1    . TYR A 1 94  ? -1.769  15.189  -1.753  1.00 74.67  ?  306 TYR A CD1    1 
ATOM   506  C CD2    . TYR A 1 94  ? -0.977  14.707  -3.951  1.00 73.73  ?  306 TYR A CD2    1 
ATOM   507  C CE1    . TYR A 1 94  ? -3.089  15.176  -2.219  1.00 74.56  ?  306 TYR A CE1    1 
ATOM   508  C CE2    . TYR A 1 94  ? -2.283  14.697  -4.430  1.00 74.67  ?  306 TYR A CE2    1 
ATOM   509  C CZ     . TYR A 1 94  ? -3.334  14.932  -3.565  1.00 78.95  ?  306 TYR A CZ     1 
ATOM   510  O OH     . TYR A 1 94  ? -4.630  14.919  -4.052  1.00 89.98  ?  306 TYR A OH     1 
ATOM   511  N N      . SER A 1 95  ? 3.483   12.955  -2.203  1.00 68.40  ?  307 SER A N      1 
ATOM   512  C CA     . SER A 1 95  ? 4.900   12.829  -1.902  1.00 64.55  ?  307 SER A CA     1 
ATOM   513  C C      . SER A 1 95  ? 5.681   12.752  -3.203  1.00 65.42  ?  307 SER A C      1 
ATOM   514  O O      . SER A 1 95  ? 5.123   12.482  -4.269  1.00 64.94  ?  307 SER A O      1 
ATOM   515  C CB     . SER A 1 95  ? 5.177   11.598  -1.030  1.00 64.17  ?  307 SER A CB     1 
ATOM   516  O OG     . SER A 1 95  ? 6.568   11.439  -0.775  1.00 76.22  ?  307 SER A OG     1 
ATOM   517  N N      . GLN A 1 96  ? 6.996   12.989  -3.098  1.00 73.47  ?  308 GLN A N      1 
ATOM   518  C CA     . GLN A 1 96  ? 7.867   12.885  -4.266  1.00 69.65  ?  308 GLN A CA     1 
ATOM   519  C C      . GLN A 1 96  ? 7.948   11.447  -4.763  1.00 60.86  ?  308 GLN A C      1 
ATOM   520  O O      . GLN A 1 96  ? 8.076   11.208  -5.967  1.00 60.95  ?  308 GLN A O      1 
ATOM   521  C CB     . GLN A 1 96  ? 9.268   13.384  -3.917  1.00 74.93  ?  308 GLN A CB     1 
ATOM   522  C CG     . GLN A 1 96  ? 9.322   14.745  -3.283  1.00 82.10  ?  308 GLN A CG     1 
ATOM   523  C CD     . GLN A 1 96  ? 9.992   14.689  -1.920  1.00 91.05  ?  308 GLN A CD     1 
ATOM   524  O OE1    . GLN A 1 96  ? 9.434   14.150  -0.951  1.00 91.65  ?  308 GLN A OE1    1 
ATOM   525  N NE2    . GLN A 1 96  ? 11.198  15.243  -1.837  1.00 86.32  ?  308 GLN A NE2    1 
ATOM   526  N N      . THR A 1 97  ? 7.886   10.485  -3.844  1.00 56.61  ?  309 THR A N      1 
ATOM   527  C CA     . THR A 1 97  ? 8.096   9.072   -4.124  1.00 60.42  ?  309 THR A CA     1 
ATOM   528  C C      . THR A 1 97  ? 7.105   8.229   -3.348  1.00 55.04  ?  309 THR A C      1 
ATOM   529  O O      . THR A 1 97  ? 6.780   8.536   -2.198  1.00 53.54  ?  309 THR A O      1 
ATOM   530  C CB     . THR A 1 97  ? 9.523   8.602   -3.739  1.00 65.22  ?  309 THR A CB     1 
ATOM   531  O OG1    . THR A 1 97  ? 10.494  9.529   -4.257  1.00 73.61  ?  309 THR A OG1    1 
ATOM   532  C CG2    . THR A 1 97  ? 9.790   7.202   -4.274  1.00 61.66  ?  309 THR A CG2    1 
ATOM   533  N N      . VAL A 1 98  ? 6.698   7.119   -3.964  1.00 50.79  ?  310 VAL A N      1 
ATOM   534  C CA     . VAL A 1 98  ? 5.911   6.126   -3.247  1.00 51.35  ?  310 VAL A CA     1 
ATOM   535  C C      . VAL A 1 98  ? 6.627   5.687   -1.979  1.00 59.51  ?  310 VAL A C      1 
ATOM   536  O O      . VAL A 1 98  ? 6.036   5.690   -0.889  1.00 58.50  ?  310 VAL A O      1 
ATOM   537  C CB     . VAL A 1 98  ? 5.584   4.930   -4.151  1.00 54.78  ?  310 VAL A CB     1 
ATOM   538  C CG1    . VAL A 1 98  ? 4.807   3.906   -3.336  1.00 54.68  ?  310 VAL A CG1    1 
ATOM   539  C CG2    . VAL A 1 98  ? 4.751   5.376   -5.339  1.00 48.54  ?  310 VAL A CG2    1 
ATOM   540  N N      . ALA A 1 99  ? 7.917   5.323   -2.088  1.00 54.65  ?  311 ALA A N      1 
ATOM   541  C CA     . ALA A 1 99  ? 8.611   4.755   -0.929  1.00 57.34  ?  311 ALA A CA     1 
ATOM   542  C C      . ALA A 1 99  ? 8.775   5.776   0.192   1.00 58.34  ?  311 ALA A C      1 
ATOM   543  O O      . ALA A 1 99  ? 8.591   5.441   1.366   1.00 53.20  ?  311 ALA A O      1 
ATOM   544  C CB     . ALA A 1 99  ? 9.979   4.198   -1.328  1.00 56.51  ?  311 ALA A CB     1 
ATOM   545  N N      . LEU A 1 100 ? 9.142   7.017   -0.140  1.00 58.71  ?  312 LEU A N      1 
ATOM   546  C CA     . LEU A 1 100 ? 9.279   8.036   0.897   1.00 57.79  ?  312 LEU A CA     1 
ATOM   547  C C      . LEU A 1 100 ? 7.939   8.305   1.580   1.00 58.73  ?  312 LEU A C      1 
ATOM   548  O O      . LEU A 1 100 ? 7.850   8.309   2.814   1.00 55.77  ?  312 LEU A O      1 
ATOM   549  C CB     . LEU A 1 100 ? 9.846   9.321   0.294   1.00 63.93  ?  312 LEU A CB     1 
ATOM   550  C CG     . LEU A 1 100 ? 11.335  9.335   -0.035  1.00 64.21  ?  312 LEU A CG     1 
ATOM   551  C CD1    . LEU A 1 100 ? 11.650  10.508  -0.969  1.00 72.23  ?  312 LEU A CD1    1 
ATOM   552  C CD2    . LEU A 1 100 ? 12.162  9.401   1.224   1.00 66.02  ?  312 LEU A CD2    1 
ATOM   553  N N      . GLY A 1 101 ? 6.884   8.520   0.791   1.00 58.30  ?  313 GLY A N      1 
ATOM   554  C CA     . GLY A 1 101 ? 5.543   8.716   1.321   1.00 59.95  ?  313 GLY A CA     1 
ATOM   555  C C      . GLY A 1 101 ? 5.138   7.630   2.294   1.00 56.87  ?  313 GLY A C      1 
ATOM   556  O O      . GLY A 1 101 ? 4.843   7.909   3.459   1.00 55.59  ?  313 GLY A O      1 
ATOM   557  N N      . LEU A 1 102 ? 5.172   6.377   1.837   1.00 56.95  ?  314 LEU A N      1 
ATOM   558  C CA     . LEU A 1 102 ? 4.764   5.263   2.684   1.00 49.05  ?  314 LEU A CA     1 
ATOM   559  C C      . LEU A 1 102 ? 5.593   5.195   3.951   1.00 57.99  ?  314 LEU A C      1 
ATOM   560  O O      . LEU A 1 102 ? 5.054   5.025   5.050   1.00 59.05  ?  314 LEU A O      1 
ATOM   561  C CB     . LEU A 1 102 ? 4.905   3.953   1.927   1.00 50.17  ?  314 LEU A CB     1 
ATOM   562  C CG     . LEU A 1 102 ? 3.769   3.431   1.080   1.00 51.08  ?  314 LEU A CG     1 
ATOM   563  C CD1    . LEU A 1 102 ? 4.113   2.017   0.681   1.00 44.43  ?  314 LEU A CD1    1 
ATOM   564  C CD2    . LEU A 1 102 ? 2.458   3.490   1.848   1.00 52.55  ?  314 LEU A CD2    1 
ATOM   565  N N      . ASP A 1 103 ? 6.917   5.273   3.813   1.00 59.92  ?  315 ASP A N      1 
ATOM   566  C CA     . ASP A 1 103 ? 7.781   5.069   4.973   1.00 56.02  ?  315 ASP A CA     1 
ATOM   567  C C      . ASP A 1 103 ? 7.555   6.159   6.011   1.00 55.32  ?  315 ASP A C      1 
ATOM   568  O O      . ASP A 1 103 ? 7.369   5.876   7.195   1.00 60.50  ?  315 ASP A O      1 
ATOM   569  C CB     . ASP A 1 103 ? 9.250   5.022   4.546   1.00 52.32  ?  315 ASP A CB     1 
ATOM   570  C CG     . ASP A 1 103 ? 10.174  4.602   5.687   1.00 60.86  ?  315 ASP A CG     1 
ATOM   571  O OD1    . ASP A 1 103 ? 9.962   3.493   6.229   1.00 58.62  ?  315 ASP A OD1    1 
ATOM   572  O OD2    . ASP A 1 103 ? 11.103  5.369   6.043   1.00 61.35  ?  315 ASP A OD2    1 
ATOM   573  N N      . GLU A 1 104 ? 7.560   7.418   5.576   1.00 57.16  ?  316 GLU A N      1 
ATOM   574  C CA     . GLU A 1 104 ? 7.287   8.517   6.492   1.00 63.00  ?  316 GLU A CA     1 
ATOM   575  C C      . GLU A 1 104 ? 5.897   8.392   7.111   1.00 66.41  ?  316 GLU A C      1 
ATOM   576  O O      . GLU A 1 104 ? 5.737   8.547   8.327   1.00 69.07  ?  316 GLU A O      1 
ATOM   577  C CB     . GLU A 1 104 ? 7.444   9.845   5.753   1.00 64.58  ?  316 GLU A CB     1 
ATOM   578  C CG     . GLU A 1 104 ? 7.067   11.060  6.568   1.00 73.52  ?  316 GLU A CG     1 
ATOM   579  C CD     . GLU A 1 104 ? 7.069   12.326  5.732   1.00 84.74  ?  316 GLU A CD     1 
ATOM   580  O OE1    . GLU A 1 104 ? 7.528   13.377  6.231   1.00 94.16  ?  316 GLU A OE1    1 
ATOM   581  O OE2    . GLU A 1 104 ? 6.618   12.269  4.567   1.00 86.57  ?  316 GLU A OE2    1 
ATOM   582  N N      . TRP A 1 105 ? 4.882   8.088   6.293   1.00 63.43  ?  317 TRP A N      1 
ATOM   583  C CA     . TRP A 1 105 ? 3.519   7.974   6.809   1.00 59.39  ?  317 TRP A CA     1 
ATOM   584  C C      . TRP A 1 105 ? 3.400   6.842   7.823   1.00 61.03  ?  317 TRP A C      1 
ATOM   585  O O      . TRP A 1 105 ? 2.827   7.024   8.903   1.00 64.77  ?  317 TRP A O      1 
ATOM   586  C CB     . TRP A 1 105 ? 2.531   7.771   5.664   1.00 57.93  ?  317 TRP A CB     1 
ATOM   587  C CG     . TRP A 1 105 ? 1.107   7.736   6.138   1.00 62.11  ?  317 TRP A CG     1 
ATOM   588  C CD1    . TRP A 1 105 ? 0.264   8.801   6.277   1.00 65.50  ?  317 TRP A CD1    1 
ATOM   589  C CD2    . TRP A 1 105 ? 0.358   6.579   6.537   1.00 59.79  ?  317 TRP A CD2    1 
ATOM   590  N NE1    . TRP A 1 105 ? -0.963  8.384   6.737   1.00 64.30  ?  317 TRP A NE1    1 
ATOM   591  C CE2    . TRP A 1 105 ? -0.935  7.025   6.901   1.00 67.90  ?  317 TRP A CE2    1 
ATOM   592  C CE3    . TRP A 1 105 ? 0.646   5.212   6.607   1.00 57.70  ?  317 TRP A CE3    1 
ATOM   593  C CZ2    . TRP A 1 105 ? -1.931  6.153   7.342   1.00 66.03  ?  317 TRP A CZ2    1 
ATOM   594  C CZ3    . TRP A 1 105 ? -0.351  4.343   7.045   1.00 62.69  ?  317 TRP A CZ3    1 
ATOM   595  C CH2    . TRP A 1 105 ? -1.616  4.820   7.414   1.00 60.51  ?  317 TRP A CH2    1 
ATOM   596  N N      . CYS A 1 106 ? 3.929   5.660   7.496   1.00 59.50  ?  318 CYS A N      1 
ATOM   597  C CA     . CYS A 1 106 ? 3.897   4.555   8.452   1.00 57.59  ?  318 CYS A CA     1 
ATOM   598  C C      . CYS A 1 106 ? 4.578   4.917   9.762   1.00 65.50  ?  318 CYS A C      1 
ATOM   599  O O      . CYS A 1 106 ? 4.086   4.559   10.839  1.00 65.93  ?  318 CYS A O      1 
ATOM   600  C CB     . CYS A 1 106 ? 4.541   3.304   7.859   1.00 57.21  ?  318 CYS A CB     1 
ATOM   601  S SG     . CYS A 1 106 ? 3.530   2.504   6.584   1.00 62.55  ?  318 CYS A SG     1 
ATOM   602  N N      . LYS A 1 107 ? 5.716   5.618   9.694   1.00 63.24  ?  319 LYS A N      1 
ATOM   603  C CA     . LYS A 1 107 ? 6.423   5.983   10.918  1.00 66.65  ?  319 LYS A CA     1 
ATOM   604  C C      . LYS A 1 107 ? 5.621   6.992   11.731  1.00 74.24  ?  319 LYS A C      1 
ATOM   605  O O      . LYS A 1 107 ? 5.573   6.902   12.962  1.00 79.17  ?  319 LYS A O      1 
ATOM   606  C CB     . LYS A 1 107 ? 7.812   6.532   10.594  1.00 60.20  ?  319 LYS A CB     1 
ATOM   607  N N      . ASN A 1 108 ? 4.974   7.952   11.064  1.00 69.43  ?  320 ASN A N      1 
ATOM   608  C CA     . ASN A 1 108 ? 4.235   8.984   11.785  1.00 72.19  ?  320 ASN A CA     1 
ATOM   609  C C      . ASN A 1 108 ? 2.916   8.480   12.342  1.00 74.97  ?  320 ASN A C      1 
ATOM   610  O O      . ASN A 1 108 ? 2.437   9.015   13.344  1.00 76.48  ?  320 ASN A O      1 
ATOM   611  C CB     . ASN A 1 108 ? 3.966   10.178  10.875  1.00 71.11  ?  320 ASN A CB     1 
ATOM   612  C CG     . ASN A 1 108 ? 5.239   10.881  10.456  1.00 85.77  ?  320 ASN A CG     1 
ATOM   613  O OD1    . ASN A 1 108 ? 6.271   10.779  11.121  1.00 98.48  ?  320 ASN A OD1    1 
ATOM   614  N ND2    . ASN A 1 108 ? 5.177   11.595  9.346   1.00 85.87  ?  320 ASN A ND2    1 
ATOM   615  N N      . GLN A 1 109 ? 2.297   7.494   11.696  1.00 69.79  ?  321 GLN A N      1 
ATOM   616  C CA     . GLN A 1 109 ? 1.021   6.956   12.145  1.00 67.59  ?  321 GLN A CA     1 
ATOM   617  C C      . GLN A 1 109 ? 1.187   5.689   12.976  1.00 73.99  ?  321 GLN A C      1 
ATOM   618  O O      . GLN A 1 109 ? 0.181   5.055   13.331  1.00 68.77  ?  321 GLN A O      1 
ATOM   619  C CB     . GLN A 1 109 ? 0.103   6.679   10.954  1.00 62.52  ?  321 GLN A CB     1 
ATOM   620  C CG     . GLN A 1 109 ? -0.377  7.925   10.214  1.00 73.28  ?  321 GLN A CG     1 
ATOM   621  C CD     . GLN A 1 109 ? -0.887  9.006   11.150  1.00 79.87  ?  321 GLN A CD     1 
ATOM   622  O OE1    . GLN A 1 109 ? -1.711  8.744   12.026  1.00 87.88  ?  321 GLN A OE1    1 
ATOM   623  N NE2    . GLN A 1 109 ? -0.399  10.229  10.968  1.00 82.70  ?  321 GLN A NE2    1 
ATOM   624  N N      . ASP A 1 110 ? 2.432   5.307   13.291  1.00 69.63  ?  322 ASP A N      1 
ATOM   625  C CA     . ASP A 1 110 ? 2.711   4.128   14.112  1.00 68.32  ?  322 ASP A CA     1 
ATOM   626  C C      . ASP A 1 110 ? 2.022   2.880   13.564  1.00 66.33  ?  322 ASP A C      1 
ATOM   627  O O      . ASP A 1 110 ? 1.403   2.110   14.298  1.00 64.73  ?  322 ASP A O      1 
ATOM   628  C CB     . ASP A 1 110 ? 2.311   4.372   15.567  1.00 81.36  ?  322 ASP A CB     1 
ATOM   629  C CG     . ASP A 1 110 ? 2.964   5.608   16.144  1.00 87.82  ?  322 ASP A CG     1 
ATOM   630  O OD1    . ASP A 1 110 ? 4.203   5.581   16.345  1.00 90.43  ?  322 ASP A OD1    1 
ATOM   631  O OD2    . ASP A 1 110 ? 2.241   6.606   16.372  1.00 92.33  ?  322 ASP A OD2    1 
ATOM   632  N N      . VAL A 1 111 ? 2.111   2.690   12.249  1.00 65.86  ?  323 VAL A N      1 
ATOM   633  C CA     . VAL A 1 111 ? 1.735   1.415   11.661  1.00 61.58  ?  323 VAL A CA     1 
ATOM   634  C C      . VAL A 1 111 ? 2.584   0.312   12.280  1.00 58.34  ?  323 VAL A C      1 
ATOM   635  O O      . VAL A 1 111 ? 3.790   0.476   12.504  1.00 55.61  ?  323 VAL A O      1 
ATOM   636  C CB     . VAL A 1 111 ? 1.897   1.494   10.133  1.00 58.19  ?  323 VAL A CB     1 
ATOM   637  C CG1    . VAL A 1 111 ? 1.507   0.198   9.467   1.00 54.55  ?  323 VAL A CG1    1 
ATOM   638  C CG2    . VAL A 1 111 ? 1.026   2.622   9.598   1.00 59.93  ?  323 VAL A CG2    1 
ATOM   639  N N      . THR A 1 112 ? 1.956   -0.813  12.591  1.00 53.81  ?  324 THR A N      1 
ATOM   640  C CA     . THR A 1 112 ? 2.744   -1.939  13.055  1.00 54.51  ?  324 THR A CA     1 
ATOM   641  C C      . THR A 1 112 ? 2.966   -2.975  11.969  1.00 56.37  ?  324 THR A C      1 
ATOM   642  O O      . THR A 1 112 ? 3.984   -3.669  12.003  1.00 61.28  ?  324 THR A O      1 
ATOM   643  C CB     . THR A 1 112 ? 2.092   -2.583  14.285  1.00 62.63  ?  324 THR A CB     1 
ATOM   644  O OG1    . THR A 1 112 ? 0.687   -2.704  14.077  1.00 59.13  ?  324 THR A OG1    1 
ATOM   645  C CG2    . THR A 1 112 ? 2.311   -1.700  15.513  1.00 64.58  ?  324 THR A CG2    1 
ATOM   646  N N      . LYS A 1 113 ? 2.082   -3.056  10.977  1.00 55.98  ?  325 LYS A N      1 
ATOM   647  C CA     . LYS A 1 113 ? 2.339   -3.880  9.802   1.00 54.76  ?  325 LYS A CA     1 
ATOM   648  C C      . LYS A 1 113 ? 1.744   -3.214  8.566   1.00 55.08  ?  325 LYS A C      1 
ATOM   649  O O      . LYS A 1 113 ? 0.588   -2.782  8.585   1.00 57.80  ?  325 LYS A O      1 
ATOM   650  C CB     . LYS A 1 113 ? 1.762   -5.290  9.982   1.00 52.36  ?  325 LYS A CB     1 
ATOM   651  C CG     . LYS A 1 113 ? 2.209   -6.272  8.910   1.00 52.86  ?  325 LYS A CG     1 
ATOM   652  C CD     . LYS A 1 113 ? 1.221   -7.403  8.681   1.00 61.31  ?  325 LYS A CD     1 
ATOM   653  C CE     . LYS A 1 113 ? 0.730   -8.026  9.974   1.00 64.19  ?  325 LYS A CE     1 
ATOM   654  N NZ     . LYS A 1 113 ? 0.535   -9.494  9.816   1.00 61.62  ?  325 LYS A NZ     1 
ATOM   655  N N      . LEU A 1 114 ? 2.537   -3.128  7.500   1.00 47.25  ?  326 LEU A N      1 
ATOM   656  C CA     . LEU A 1 114 ? 2.088   -2.663  6.196   1.00 48.39  ?  326 LEU A CA     1 
ATOM   657  C C      . LEU A 1 114 ? 1.886   -3.862  5.281   1.00 50.73  ?  326 LEU A C      1 
ATOM   658  O O      . LEU A 1 114 ? 2.762   -4.729  5.176   1.00 50.61  ?  326 LEU A O      1 
ATOM   659  C CB     . LEU A 1 114 ? 3.105   -1.703  5.579   1.00 49.04  ?  326 LEU A CB     1 
ATOM   660  C CG     . LEU A 1 114 ? 2.816   -1.099  4.208   1.00 53.57  ?  326 LEU A CG     1 
ATOM   661  C CD1    . LEU A 1 114 ? 1.701   -0.065  4.310   1.00 52.52  ?  326 LEU A CD1    1 
ATOM   662  C CD2    . LEU A 1 114 ? 4.073   -0.457  3.653   1.00 50.93  ?  326 LEU A CD2    1 
ATOM   663  N N      . ILE A 1 115 ? 0.730   -3.912  4.630   1.00 45.76  ?  327 ILE A N      1 
ATOM   664  C CA     . ILE A 1 115 ? 0.361   -4.989  3.725   1.00 47.76  ?  327 ILE A CA     1 
ATOM   665  C C      . ILE A 1 115 ? 0.433   -4.453  2.302   1.00 46.15  ?  327 ILE A C      1 
ATOM   666  O O      . ILE A 1 115 ? -0.211  -3.452  1.968   1.00 52.56  ?  327 ILE A O      1 
ATOM   667  C CB     . ILE A 1 115 ? -1.033  -5.538  4.057   1.00 53.85  ?  327 ILE A CB     1 
ATOM   668  C CG1    . ILE A 1 115 ? -0.979  -6.162  5.447   1.00 53.09  ?  327 ILE A CG1    1 
ATOM   669  C CG2    . ILE A 1 115 ? -1.479  -6.540  3.004   1.00 48.10  ?  327 ILE A CG2    1 
ATOM   670  C CD1    . ILE A 1 115 ? -2.289  -6.635  5.924   1.00 70.36  ?  327 ILE A CD1    1 
ATOM   671  N N      . ILE A 1 116 ? 1.246   -5.096  1.471   1.00 46.58  ?  328 ILE A N      1 
ATOM   672  C CA     . ILE A 1 116 ? 1.498   -4.637  0.119   1.00 47.06  ?  328 ILE A CA     1 
ATOM   673  C C      . ILE A 1 116 ? 1.350   -5.834  -0.802  1.00 51.18  ?  328 ILE A C      1 
ATOM   674  O O      . ILE A 1 116 ? 1.420   -6.989  -0.376  1.00 49.73  ?  328 ILE A O      1 
ATOM   675  C CB     . ILE A 1 116 ? 2.894   -3.988  -0.052  1.00 43.74  ?  328 ILE A CB     1 
ATOM   676  C CG1    . ILE A 1 116 ? 3.983   -5.064  -0.083  1.00 45.14  ?  328 ILE A CG1    1 
ATOM   677  C CG2    . ILE A 1 116 ? 3.183   -2.994  1.074   1.00 46.94  ?  328 ILE A CG2    1 
ATOM   678  C CD1    . ILE A 1 116 ? 5.379   -4.513  -0.349  1.00 44.32  ?  328 ILE A CD1    1 
ATOM   679  N N      . GLY A 1 117 ? 1.136   -5.541  -2.089  1.00 48.91  ?  329 GLY A N      1 
ATOM   680  C CA     . GLY A 1 117 ? 1.070   -6.591  -3.076  1.00 50.22  ?  329 GLY A CA     1 
ATOM   681  C C      . GLY A 1 117 ? 2.434   -6.973  -3.630  1.00 51.29  ?  329 GLY A C      1 
ATOM   682  O O      . GLY A 1 117 ? 3.440   -6.270  -3.474  1.00 50.54  ?  329 GLY A O      1 
ATOM   683  N N      . GLN A 1 118 ? 2.442   -8.125  -4.286  1.00 49.91  ?  330 GLN A N      1 
ATOM   684  C CA     . GLN A 1 118 ? 3.633   -8.652  -4.931  1.00 57.14  ?  330 GLN A CA     1 
ATOM   685  C C      . GLN A 1 118 ? 4.037   -7.790  -6.115  1.00 56.14  ?  330 GLN A C      1 
ATOM   686  O O      . GLN A 1 118 ? 3.209   -7.452  -6.960  1.00 58.87  ?  330 GLN A O      1 
ATOM   687  C CB     . GLN A 1 118 ? 3.349   -10.075 -5.398  1.00 58.77  ?  330 GLN A CB     1 
ATOM   688  C CG     . GLN A 1 118 ? 4.511   -10.810 -5.971  1.00 58.44  ?  330 GLN A CG     1 
ATOM   689  C CD     . GLN A 1 118 ? 4.207   -12.291 -6.085  1.00 63.17  ?  330 GLN A CD     1 
ATOM   690  O OE1    . GLN A 1 118 ? 3.181   -12.681 -6.657  1.00 60.67  ?  330 GLN A OE1    1 
ATOM   691  N NE2    . GLN A 1 118 ? 5.085   -13.128 -5.519  1.00 55.14  ?  330 GLN A NE2    1 
ATOM   692  N N      . HIS A 1 119 ? 5.308   -7.430  -6.179  1.00 60.22  ?  331 HIS A N      1 
ATOM   693  C CA     . HIS A 1 119 ? 5.850   -6.875  -7.406  1.00 59.30  ?  331 HIS A CA     1 
ATOM   694  C C      . HIS A 1 119 ? 6.110   -8.009  -8.382  1.00 59.22  ?  331 HIS A C      1 
ATOM   695  O O      . HIS A 1 119 ? 6.637   -9.057  -8.001  1.00 69.50  ?  331 HIS A O      1 
ATOM   696  C CB     . HIS A 1 119 ? 7.145   -6.112  -7.121  1.00 56.95  ?  331 HIS A CB     1 
ATOM   697  C CG     . HIS A 1 119 ? 7.864   -5.633  -8.350  1.00 64.44  ?  331 HIS A CG     1 
ATOM   698  N ND1    . HIS A 1 119 ? 8.855   -6.369  -8.969  1.00 69.28  ?  331 HIS A ND1    1 
ATOM   699  C CD2    . HIS A 1 119 ? 7.760   -4.481  -9.058  1.00 60.97  ?  331 HIS A CD2    1 
ATOM   700  C CE1    . HIS A 1 119 ? 9.328   -5.695  -10.004 1.00 59.52  ?  331 HIS A CE1    1 
ATOM   701  N NE2    . HIS A 1 119 ? 8.679   -4.548  -10.081 1.00 68.39  ?  331 HIS A NE2    1 
ATOM   702  N N      . ILE A 1 120 ? 5.745   -7.803  -9.640  1.00 62.72  ?  332 ILE A N      1 
ATOM   703  C CA     . ILE A 1 120 ? 6.143   -8.709  -10.712 1.00 71.18  ?  332 ILE A CA     1 
ATOM   704  C C      . ILE A 1 120 ? 7.047   -7.948  -11.688 1.00 71.08  ?  332 ILE A C      1 
ATOM   705  O O      . ILE A 1 120 ? 6.731   -6.827  -12.114 1.00 60.99  ?  332 ILE A O      1 
ATOM   706  C CB     . ILE A 1 120 ? 4.925   -9.357  -11.405 1.00 72.65  ?  332 ILE A CB     1 
ATOM   707  C CG1    . ILE A 1 120 ? 5.390   -10.475 -12.349 1.00 72.35  ?  332 ILE A CG1    1 
ATOM   708  C CG2    . ILE A 1 120 ? 4.020   -8.317  -12.103 1.00 65.82  ?  332 ILE A CG2    1 
ATOM   709  C CD1    . ILE A 1 120 ? 6.464   -11.379 -11.755 1.00 79.42  ?  332 ILE A CD1    1 
ATOM   710  N N      . ARG A 1 121 ? 8.205   -8.534  -11.985 1.00 75.40  ?  333 ARG A N      1 
ATOM   711  C CA     . ARG A 1 121 ? 9.202   -7.844  -12.789 1.00 80.26  ?  333 ARG A CA     1 
ATOM   712  C C      . ARG A 1 121 ? 8.685   -7.650  -14.206 1.00 81.33  ?  333 ARG A C      1 
ATOM   713  O O      . ARG A 1 121 ? 8.058   -8.544  -14.784 1.00 83.41  ?  333 ARG A O      1 
ATOM   714  C CB     . ARG A 1 121 ? 10.518  -8.629  -12.805 1.00 77.47  ?  333 ARG A CB     1 
ATOM   715  C CG     . ARG A 1 121 ? 11.764  -7.772  -13.116 1.00 93.27  ?  333 ARG A CG     1 
ATOM   716  C CD     . ARG A 1 121 ? 12.634  -8.339  -14.273 1.00 83.90  ?  333 ARG A CD     1 
ATOM   717  N NE     . ARG A 1 121 ? 13.513  -9.426  -13.832 1.00 91.63  ?  333 ARG A NE     1 
ATOM   718  C CZ     . ARG A 1 121 ? 14.513  -9.947  -14.547 1.00 92.63  ?  333 ARG A CZ     1 
ATOM   719  N NH1    . ARG A 1 121 ? 14.775  -9.482  -15.769 1.00 83.61  ?  333 ARG A NH1    1 
ATOM   720  N NH2    . ARG A 1 121 ? 15.261  -10.929 -14.028 1.00 83.37  ?  333 ARG A NH2    1 
ATOM   721  N N      . ASN A 1 122 ? 8.921   -6.467  -14.759 1.00 81.03  ?  334 ASN A N      1 
ATOM   722  C CA     . ASN A 1 122 ? 8.633   -6.223  -16.165 1.00 84.13  ?  334 ASN A CA     1 
ATOM   723  C C      . ASN A 1 122 ? 9.896   -5.649  -16.806 1.00 87.96  ?  334 ASN A C      1 
ATOM   724  O O      . ASN A 1 122 ? 11.002  -5.730  -16.254 1.00 85.01  ?  334 ASN A O      1 
ATOM   725  C CB     . ASN A 1 122 ? 7.402   -5.330  -16.340 1.00 85.63  ?  334 ASN A CB     1 
ATOM   726  C CG     . ASN A 1 122 ? 6.730   -5.530  -17.699 1.00 95.57  ?  334 ASN A CG     1 
ATOM   727  O OD1    . ASN A 1 122 ? 7.138   -4.938  -18.702 1.00 99.85  ?  334 ASN A OD1    1 
ATOM   728  N ND2    . ASN A 1 122 ? 5.707   -6.380  -17.738 1.00 94.84  ?  334 ASN A ND2    1 
ATOM   729  N N      . LYS A 1 123 ? 9.735   -5.063  -17.998 1.00 90.33  ?  335 LYS A N      1 
ATOM   730  C CA     . LYS A 1 123 ? 10.892  -4.676  -18.802 1.00 85.43  ?  335 LYS A CA     1 
ATOM   731  C C      . LYS A 1 123 ? 11.724  -3.614  -18.098 1.00 84.53  ?  335 LYS A C      1 
ATOM   732  O O      . LYS A 1 123 ? 12.959  -3.685  -18.096 1.00 83.73  ?  335 LYS A O      1 
ATOM   733  C CB     . LYS A 1 123 ? 10.435  -4.175  -20.176 1.00 84.91  ?  335 LYS A CB     1 
ATOM   734  N N      . ARG A 1 124 ? 11.066  -2.635  -17.480 1.00 77.23  ?  336 ARG A N      1 
ATOM   735  C CA     . ARG A 1 124 ? 11.760  -1.467  -16.945 1.00 84.72  ?  336 ARG A CA     1 
ATOM   736  C C      . ARG A 1 124 ? 12.554  -1.857  -15.697 1.00 80.53  ?  336 ARG A C      1 
ATOM   737  O O      . ARG A 1 124 ? 11.979  -2.084  -14.626 1.00 82.81  ?  336 ARG A O      1 
ATOM   738  C CB     . ARG A 1 124 ? 10.751  -0.360  -16.653 1.00 82.12  ?  336 ARG A CB     1 
ATOM   739  N N      . ARG A 1 125 ? 13.879  -1.953  -15.840 1.00 72.87  ?  337 ARG A N      1 
ATOM   740  C CA     . ARG A 1 125 ? 14.778  -2.263  -14.736 1.00 74.59  ?  337 ARG A CA     1 
ATOM   741  C C      . ARG A 1 125 ? 15.617  -1.048  -14.323 1.00 71.96  ?  337 ARG A C      1 
ATOM   742  O O      . ARG A 1 125 ? 16.742  -1.198  -13.847 1.00 70.69  ?  337 ARG A O      1 
ATOM   743  C CB     . ARG A 1 125 ? 15.678  -3.447  -15.090 1.00 70.25  ?  337 ARG A CB     1 
ATOM   744  N N      . ASP A 1 126 ? 15.071  0.158   -14.487 1.00 72.78  ?  338 ASP A N      1 
ATOM   745  C CA     . ASP A 1 126 ? 15.685  1.378   -13.988 1.00 67.19  ?  338 ASP A CA     1 
ATOM   746  C C      . ASP A 1 126 ? 15.312  1.601   -12.523 1.00 70.11  ?  338 ASP A C      1 
ATOM   747  O O      . ASP A 1 126 ? 14.459  0.906   -11.956 1.00 69.53  ?  338 ASP A O      1 
ATOM   748  C CB     . ASP A 1 126 ? 15.243  2.579   -14.816 1.00 71.67  ?  338 ASP A CB     1 
ATOM   749  C CG     . ASP A 1 126 ? 13.745  2.739   -14.827 1.00 78.77  ?  338 ASP A CG     1 
ATOM   750  O OD1    . ASP A 1 126 ? 13.192  3.248   -13.820 1.00 83.53  ?  338 ASP A OD1    1 
ATOM   751  O OD2    . ASP A 1 126 ? 13.114  2.326   -15.827 1.00 86.44  ?  338 ASP A OD2    1 
ATOM   752  N N      . PHE A 1 127 ? 15.930  2.626   -11.923 1.00 65.54  ?  339 PHE A N      1 
ATOM   753  C CA     . PHE A 1 127 ? 15.909  2.763   -10.470 1.00 59.41  ?  339 PHE A CA     1 
ATOM   754  C C      . PHE A 1 127 ? 14.497  2.984   -9.923  1.00 62.07  ?  339 PHE A C      1 
ATOM   755  O O      . PHE A 1 127 ? 14.130  2.408   -8.894  1.00 58.95  ?  339 PHE A O      1 
ATOM   756  C CB     . PHE A 1 127 ? 16.833  3.894   -10.014 1.00 55.50  ?  339 PHE A CB     1 
ATOM   757  C CG     . PHE A 1 127 ? 16.861  4.077   -8.498  1.00 68.86  ?  339 PHE A CG     1 
ATOM   758  C CD1    . PHE A 1 127 ? 16.035  5.011   -7.870  1.00 60.59  ?  339 PHE A CD1    1 
ATOM   759  C CD2    . PHE A 1 127 ? 17.690  3.293   -7.705  1.00 61.98  ?  339 PHE A CD2    1 
ATOM   760  C CE1    . PHE A 1 127 ? 16.054  5.166   -6.495  1.00 57.60  ?  339 PHE A CE1    1 
ATOM   761  C CE2    . PHE A 1 127 ? 17.712  3.443   -6.319  1.00 59.99  ?  339 PHE A CE2    1 
ATOM   762  C CZ     . PHE A 1 127 ? 16.894  4.380   -5.714  1.00 58.15  ?  339 PHE A CZ     1 
ATOM   763  N N      . PHE A 1 128 ? 13.696  3.824   -10.559 1.00 66.67  ?  340 PHE A N      1 
ATOM   764  C CA     . PHE A 1 128 ? 12.397  4.065   -9.944  1.00 67.02  ?  340 PHE A CA     1 
ATOM   765  C C      . PHE A 1 128 ? 11.337  3.077   -10.392 1.00 64.77  ?  340 PHE A C      1 
ATOM   766  O O      . PHE A 1 128 ? 10.186  3.183   -9.960  1.00 64.23  ?  340 PHE A O      1 
ATOM   767  C CB     . PHE A 1 128 ? 11.959  5.502   -10.175 1.00 66.26  ?  340 PHE A CB     1 
ATOM   768  C CG     . PHE A 1 128 ? 12.613  6.438   -9.223  1.00 63.99  ?  340 PHE A CG     1 
ATOM   769  C CD1    . PHE A 1 128 ? 12.316  6.367   -7.877  1.00 60.47  ?  340 PHE A CD1    1 
ATOM   770  C CD2    . PHE A 1 128 ? 13.595  7.307   -9.649  1.00 65.95  ?  340 PHE A CD2    1 
ATOM   771  C CE1    . PHE A 1 128 ? 12.925  7.191   -6.980  1.00 61.53  ?  340 PHE A CE1    1 
ATOM   772  C CE2    . PHE A 1 128 ? 14.220  8.131   -8.750  1.00 66.81  ?  340 PHE A CE2    1 
ATOM   773  C CZ     . PHE A 1 128 ? 13.879  8.069   -7.408  1.00 65.66  ?  340 PHE A CZ     1 
ATOM   774  N N      . ASN A 1 129 ? 11.722  2.085   -11.187 1.00 68.09  ?  341 ASN A N      1 
ATOM   775  C CA     . ASN A 1 129 ? 10.882  0.935   -11.465 1.00 67.23  ?  341 ASN A CA     1 
ATOM   776  C C      . ASN A 1 129 ? 11.304  -0.304  -10.682 1.00 63.06  ?  341 ASN A C      1 
ATOM   777  O O      . ASN A 1 129 ? 10.784  -1.390  -10.943 1.00 65.63  ?  341 ASN A O      1 
ATOM   778  C CB     . ASN A 1 129 ? 10.875  0.646   -12.966 1.00 69.92  ?  341 ASN A CB     1 
ATOM   779  C CG     . ASN A 1 129 ? 10.101  1.691   -13.741 1.00 78.30  ?  341 ASN A CG     1 
ATOM   780  O OD1    . ASN A 1 129 ? 8.952   1.991   -13.412 1.00 81.97  ?  341 ASN A OD1    1 
ATOM   781  N ND2    . ASN A 1 129 ? 10.734  2.278   -14.755 1.00 84.56  ?  341 ASN A ND2    1 
ATOM   782  N N      . LYS A 1 130 ? 12.232  -0.167  -9.732  1.00 55.34  ?  342 LYS A N      1 
ATOM   783  C CA     . LYS A 1 130 ? 12.543  -1.265  -8.834  1.00 53.27  ?  342 LYS A CA     1 
ATOM   784  C C      . LYS A 1 130 ? 11.312  -1.618  -8.005  1.00 60.99  ?  342 LYS A C      1 
ATOM   785  O O      . LYS A 1 130 ? 10.401  -0.799  -7.850  1.00 58.39  ?  342 LYS A O      1 
ATOM   786  C CB     . LYS A 1 130 ? 13.696  -0.885  -7.909  1.00 58.79  ?  342 LYS A CB     1 
ATOM   787  C CG     . LYS A 1 130 ? 15.016  -0.610  -8.627  1.00 59.53  ?  342 LYS A CG     1 
ATOM   788  C CD     . LYS A 1 130 ? 16.057  -0.079  -7.673  1.00 60.74  ?  342 LYS A CD     1 
ATOM   789  C CE     . LYS A 1 130 ? 16.373  -1.117  -6.615  1.00 61.70  ?  342 LYS A CE     1 
ATOM   790  N NZ     . LYS A 1 130 ? 17.518  -0.709  -5.743  1.00 73.65  ?  342 LYS A NZ     1 
ATOM   791  N N      . PRO A 1 131 ? 11.251  -2.838  -7.476  1.00 58.67  ?  343 PRO A N      1 
ATOM   792  C CA     . PRO A 1 131 ? 10.158  -3.183  -6.562  1.00 58.65  ?  343 PRO A CA     1 
ATOM   793  C C      . PRO A 1 131 ? 10.124  -2.225  -5.383  1.00 61.53  ?  343 PRO A C      1 
ATOM   794  O O      . PRO A 1 131 ? 11.165  -1.839  -4.842  1.00 56.53  ?  343 PRO A O      1 
ATOM   795  C CB     . PRO A 1 131 ? 10.502  -4.610  -6.112  1.00 57.87  ?  343 PRO A CB     1 
ATOM   796  C CG     . PRO A 1 131 ? 11.421  -5.141  -7.147  1.00 59.32  ?  343 PRO A CG     1 
ATOM   797  C CD     . PRO A 1 131 ? 12.170  -3.968  -7.698  1.00 63.21  ?  343 PRO A CD     1 
ATOM   798  N N      . LEU A 1 132 ? 8.904   -1.836  -4.991  1.00 54.27  ?  344 LEU A N      1 
ATOM   799  C CA     . LEU A 1 132 ? 8.751   -0.936  -3.854  1.00 54.33  ?  344 LEU A CA     1 
ATOM   800  C C      . LEU A 1 132 ? 9.493   -1.468  -2.646  1.00 51.95  ?  344 LEU A C      1 
ATOM   801  O O      . LEU A 1 132 ? 10.097  -0.706  -1.884  1.00 56.18  ?  344 LEU A O      1 
ATOM   802  C CB     . LEU A 1 132 ? 7.270   -0.745  -3.527  1.00 52.08  ?  344 LEU A CB     1 
ATOM   803  C CG     . LEU A 1 132 ? 6.967   -0.201  -2.129  1.00 56.63  ?  344 LEU A CG     1 
ATOM   804  C CD1    . LEU A 1 132 ? 7.679   1.124   -1.872  1.00 56.00  ?  344 LEU A CD1    1 
ATOM   805  C CD2    . LEU A 1 132 ? 5.463   -0.014  -1.973  1.00 57.78  ?  344 LEU A CD2    1 
ATOM   806  N N      . ILE A 1 133 ? 9.497   -2.788  -2.485  1.00 53.47  ?  345 ILE A N      1 
ATOM   807  C CA     . ILE A 1 133 ? 10.080  -3.404  -1.305  1.00 51.49  ?  345 ILE A CA     1 
ATOM   808  C C      . ILE A 1 133 ? 11.592  -3.169  -1.233  1.00 59.46  ?  345 ILE A C      1 
ATOM   809  O O      . ILE A 1 133 ? 12.166  -3.125  -0.130  1.00 56.86  ?  345 ILE A O      1 
ATOM   810  C CB     . ILE A 1 133 ? 9.709   -4.902  -1.304  1.00 51.53  ?  345 ILE A CB     1 
ATOM   811  C CG1    . ILE A 1 133 ? 10.088  -5.559  0.014   1.00 53.98  ?  345 ILE A CG1    1 
ATOM   812  C CG2    . ILE A 1 133 ? 10.333  -5.604  -2.479  1.00 60.22  ?  345 ILE A CG2    1 
ATOM   813  C CD1    . ILE A 1 133 ? 9.107   -5.208  1.106   1.00 55.37  ?  345 ILE A CD1    1 
ATOM   814  N N      . ASP A 1 134 ? 12.268  -3.021  -2.384  1.00 50.92  ?  346 ASP A N      1 
ATOM   815  C CA     . ASP A 1 134 ? 13.715  -2.765  -2.346  1.00 57.58  ?  346 ASP A CA     1 
ATOM   816  C C      . ASP A 1 134 ? 14.015  -1.433  -1.677  1.00 53.08  ?  346 ASP A C      1 
ATOM   817  O O      . ASP A 1 134 ? 14.966  -1.320  -0.903  1.00 55.36  ?  346 ASP A O      1 
ATOM   818  C CB     . ASP A 1 134 ? 14.333  -2.779  -3.751  1.00 61.38  ?  346 ASP A CB     1 
ATOM   819  C CG     . ASP A 1 134 ? 14.224  -4.128  -4.434  1.00 66.09  ?  346 ASP A CG     1 
ATOM   820  O OD1    . ASP A 1 134 ? 13.324  -4.910  -4.062  1.00 82.81  ?  346 ASP A OD1    1 
ATOM   821  O OD2    . ASP A 1 134 ? 15.026  -4.404  -5.358  1.00 75.37  ?  346 ASP A OD2    1 
ATOM   822  N N      . HIS A 1 135 ? 13.194  -0.414  -1.939  1.00 49.41  ?  347 HIS A N      1 
ATOM   823  C CA     . HIS A 1 135 ? 13.431  0.873   -1.301  1.00 49.25  ?  347 HIS A CA     1 
ATOM   824  C C      . HIS A 1 135 ? 13.085  0.831   0.180   1.00 58.04  ?  347 HIS A C      1 
ATOM   825  O O      . HIS A 1 135 ? 13.828  1.370   1.003   1.00 58.95  ?  347 HIS A O      1 
ATOM   826  C CB     . HIS A 1 135 ? 12.652  1.958   -2.028  1.00 48.85  ?  347 HIS A CB     1 
ATOM   827  C CG     . HIS A 1 135 ? 12.982  2.041   -3.480  1.00 54.64  ?  347 HIS A CG     1 
ATOM   828  N ND1    . HIS A 1 135 ? 12.020  2.010   -4.470  1.00 64.30  ?  347 HIS A ND1    1 
ATOM   829  C CD2    . HIS A 1 135 ? 14.173  2.135   -4.113  1.00 49.78  ?  347 HIS A CD2    1 
ATOM   830  C CE1    . HIS A 1 135 ? 12.607  2.093   -5.650  1.00 59.23  ?  347 HIS A CE1    1 
ATOM   831  N NE2    . HIS A 1 135 ? 13.912  2.170   -5.460  1.00 57.29  ?  347 HIS A NE2    1 
ATOM   832  N N      . LEU A 1 136 ? 11.977  0.179   0.544   1.00 51.97  ?  348 LEU A N      1 
ATOM   833  C CA     . LEU A 1 136 ? 11.648  0.055   1.959   1.00 51.37  ?  348 LEU A CA     1 
ATOM   834  C C      . LEU A 1 136 ? 12.733  -0.717  2.705   1.00 53.60  ?  348 LEU A C      1 
ATOM   835  O O      . LEU A 1 136 ? 13.118  -0.344  3.818   1.00 53.74  ?  348 LEU A O      1 
ATOM   836  C CB     . LEU A 1 136 ? 10.273  -0.603  2.117   1.00 46.23  ?  348 LEU A CB     1 
ATOM   837  C CG     . LEU A 1 136 ? 9.084   0.230   1.565   1.00 49.96  ?  348 LEU A CG     1 
ATOM   838  C CD1    . LEU A 1 136 ? 7.700   -0.436  1.782   1.00 47.03  ?  348 LEU A CD1    1 
ATOM   839  C CD2    . LEU A 1 136 ? 9.078   1.653   2.128   1.00 42.09  ?  348 LEU A CD2    1 
ATOM   840  N N      . MET A 1 137 ? 13.253  -1.790  2.105   1.00 56.69  ?  349 MET A N      1 
ATOM   841  C CA     . MET A 1 137 ? 14.373  -2.505  2.715   1.00 53.33  ?  349 MET A CA     1 
ATOM   842  C C      . MET A 1 137 ? 15.581  -1.590  2.886   1.00 56.91  ?  349 MET A C      1 
ATOM   843  O O      . MET A 1 137 ? 16.140  -1.485  3.981   1.00 55.75  ?  349 MET A O      1 
ATOM   844  C CB     . MET A 1 137 ? 14.756  -3.715  1.868   1.00 63.72  ?  349 MET A CB     1 
ATOM   845  C CG     . MET A 1 137 ? 13.731  -4.858  1.854   1.00 65.75  ?  349 MET A CG     1 
ATOM   846  S SD     . MET A 1 137 ? 14.457  -6.242  0.964   1.00 82.16  ?  349 MET A SD     1 
ATOM   847  C CE     . MET A 1 137 ? 16.176  -6.152  1.617   1.00 42.59  ?  349 MET A CE     1 
ATOM   848  N N      . SER A 1 138 ? 15.993  -0.905  1.810   1.00 53.99  ?  350 SER A N      1 
ATOM   849  C CA     . SER A 1 138 ? 17.098  0.044   1.929   1.00 58.02  ?  350 SER A CA     1 
ATOM   850  C C      . SER A 1 138 ? 16.816  1.122   2.977   1.00 57.23  ?  350 SER A C      1 
ATOM   851  O O      . SER A 1 138 ? 17.754  1.654   3.584   1.00 55.06  ?  350 SER A O      1 
ATOM   852  C CB     . SER A 1 138 ? 17.399  0.657   0.560   1.00 55.32  ?  350 SER A CB     1 
ATOM   853  O OG     . SER A 1 138 ? 16.677  1.867   0.399   1.00 66.40  ?  350 SER A OG     1 
ATOM   854  N N      . PHE A 1 139 ? 15.539  1.436   3.228   1.00 58.27  ?  351 PHE A N      1 
ATOM   855  C CA     . PHE A 1 139 ? 15.130  2.385   4.262   1.00 54.52  ?  351 PHE A CA     1 
ATOM   856  C C      . PHE A 1 139 ? 15.117  1.777   5.650   1.00 59.66  ?  351 PHE A C      1 
ATOM   857  O O      . PHE A 1 139 ? 14.822  2.493   6.615   1.00 61.07  ?  351 PHE A O      1 
ATOM   858  C CB     . PHE A 1 139 ? 13.722  2.938   3.994   1.00 59.14  ?  351 PHE A CB     1 
ATOM   859  C CG     . PHE A 1 139 ? 13.628  3.857   2.809   1.00 51.55  ?  351 PHE A CG     1 
ATOM   860  C CD1    . PHE A 1 139 ? 12.387  4.244   2.327   1.00 53.40  ?  351 PHE A CD1    1 
ATOM   861  C CD2    . PHE A 1 139 ? 14.775  4.326   2.173   1.00 56.32  ?  351 PHE A CD2    1 
ATOM   862  C CE1    . PHE A 1 139 ? 12.275  5.085   1.244   1.00 57.41  ?  351 PHE A CE1    1 
ATOM   863  C CE2    . PHE A 1 139 ? 14.684  5.162   1.081   1.00 55.96  ?  351 PHE A CE2    1 
ATOM   864  C CZ     . PHE A 1 139 ? 13.432  5.546   0.608   1.00 59.70  ?  351 PHE A CZ     1 
ATOM   865  N N      . GLU A 1 140 ? 15.380  0.479   5.767   1.00 54.28  ?  352 GLU A N      1 
ATOM   866  C CA     . GLU A 1 140 ? 15.380  -0.213  7.051   1.00 62.73  ?  352 GLU A CA     1 
ATOM   867  C C      . GLU A 1 140 ? 14.044  0.011   7.764   1.00 61.96  ?  352 GLU A C      1 
ATOM   868  O O      . GLU A 1 140 ? 13.964  0.540   8.876   1.00 63.93  ?  352 GLU A O      1 
ATOM   869  C CB     . GLU A 1 140 ? 16.568  0.223   7.917   1.00 70.38  ?  352 GLU A CB     1 
ATOM   870  C CG     . GLU A 1 140 ? 17.901  -0.518  7.607   1.00 75.24  ?  352 GLU A CG     1 
ATOM   871  C CD     . GLU A 1 140 ? 19.141  0.354   7.842   1.00 88.31  ?  352 GLU A CD     1 
ATOM   872  O OE1    . GLU A 1 140 ? 19.062  1.234   8.734   1.00 85.45  ?  352 GLU A OE1    1 
ATOM   873  O OE2    . GLU A 1 140 ? 20.184  0.165   7.149   1.00 88.86  ?  352 GLU A OE2    1 
ATOM   874  N N      . HIS A 1 141 ? 12.980  -0.407  7.078   1.00 64.02  ?  353 HIS A N      1 
ATOM   875  C CA     . HIS A 1 141 ? 11.637  -0.241  7.607   1.00 59.94  ?  353 HIS A CA     1 
ATOM   876  C C      . HIS A 1 141 ? 11.537  -0.822  9.015   1.00 60.48  ?  353 HIS A C      1 
ATOM   877  O O      . HIS A 1 141 ? 12.052  -1.907  9.292   1.00 56.85  ?  353 HIS A O      1 
ATOM   878  C CB     . HIS A 1 141 ? 10.634  -0.909  6.670   1.00 53.25  ?  353 HIS A CB     1 
ATOM   879  C CG     . HIS A 1 141 ? 10.871  -2.377  6.478   1.00 53.40  ?  353 HIS A CG     1 
ATOM   880  N ND1    . HIS A 1 141 ? 10.244  -3.341  7.238   1.00 49.97  ?  353 HIS A ND1    1 
ATOM   881  C CD2    . HIS A 1 141 ? 11.666  -3.046  5.610   1.00 54.82  ?  353 HIS A CD2    1 
ATOM   882  C CE1    . HIS A 1 141 ? 10.631  -4.540  6.838   1.00 47.02  ?  353 HIS A CE1    1 
ATOM   883  N NE2    . HIS A 1 141 ? 11.492  -4.389  5.849   1.00 48.79  ?  353 HIS A NE2    1 
ATOM   884  N N      . SER A 1 142 ? 10.878  -0.082  9.909   1.00 56.93  ?  354 SER A N      1 
ATOM   885  C CA     . SER A 1 142 ? 10.723  -0.473  11.305  1.00 61.04  ?  354 SER A CA     1 
ATOM   886  C C      . SER A 1 142 ? 9.380   -1.129  11.598  1.00 57.37  ?  354 SER A C      1 
ATOM   887  O O      . SER A 1 142 ? 9.154   -1.569  12.720  1.00 57.86  ?  354 SER A O      1 
ATOM   888  C CB     . SER A 1 142 ? 10.898  0.745   12.207  1.00 63.55  ?  354 SER A CB     1 
ATOM   889  O OG     . SER A 1 142 ? 10.039  1.785   11.782  1.00 65.97  ?  354 SER A OG     1 
ATOM   890  N N      . TYR A 1 143 ? 8.488   -1.191  10.627  1.00 57.76  ?  355 TYR A N      1 
ATOM   891  C CA     . TYR A 1 143 ? 7.208   -1.871  10.739  1.00 52.70  ?  355 TYR A CA     1 
ATOM   892  C C      . TYR A 1 143 ? 7.297   -3.193  9.997   1.00 51.49  ?  355 TYR A C      1 
ATOM   893  O O      . TYR A 1 143 ? 8.060   -3.335  9.039   1.00 53.39  ?  355 TYR A O      1 
ATOM   894  C CB     . TYR A 1 143 ? 6.082   -1.019  10.127  1.00 58.10  ?  355 TYR A CB     1 
ATOM   895  C CG     . TYR A 1 143 ? 6.552   -0.320  8.864   1.00 54.12  ?  355 TYR A CG     1 
ATOM   896  C CD1    . TYR A 1 143 ? 7.304   0.846   8.944   1.00 54.77  ?  355 TYR A CD1    1 
ATOM   897  C CD2    . TYR A 1 143 ? 6.289   -0.847  7.603   1.00 48.91  ?  355 TYR A CD2    1 
ATOM   898  C CE1    . TYR A 1 143 ? 7.783   1.469   7.815   1.00 59.54  ?  355 TYR A CE1    1 
ATOM   899  C CE2    . TYR A 1 143 ? 6.757   -0.216  6.455   1.00 51.49  ?  355 TYR A CE2    1 
ATOM   900  C CZ     . TYR A 1 143 ? 7.503   0.946   6.577   1.00 55.05  ?  355 TYR A CZ     1 
ATOM   901  O OH     . TYR A 1 143 ? 7.994   1.610   5.476   1.00 57.74  ?  355 TYR A OH     1 
ATOM   902  N N      . LYS A 1 144 ? 6.488   -4.152  10.419  1.00 51.34  ?  356 LYS A N      1 
ATOM   903  C CA     . LYS A 1 144 ? 6.391   -5.377  9.643   1.00 53.55  ?  356 LYS A CA     1 
ATOM   904  C C      . LYS A 1 144 ? 5.837   -5.088  8.246   1.00 53.66  ?  356 LYS A C      1 
ATOM   905  O O      . LYS A 1 144 ? 5.091   -4.125  8.027   1.00 52.00  ?  356 LYS A O      1 
ATOM   906  C CB     . LYS A 1 144 ? 5.520   -6.385  10.385  1.00 53.71  ?  356 LYS A CB     1 
ATOM   907  C CG     . LYS A 1 144 ? 6.196   -6.944  11.623  1.00 52.23  ?  356 LYS A CG     1 
ATOM   908  C CD     . LYS A 1 144 ? 5.441   -8.133  12.196  1.00 57.25  ?  356 LYS A CD     1 
ATOM   909  C CE     . LYS A 1 144 ? 4.073   -7.719  12.708  1.00 61.26  ?  356 LYS A CE     1 
ATOM   910  N NZ     . LYS A 1 144 ? 3.256   -8.906  13.134  1.00 67.73  ?  356 LYS A NZ     1 
ATOM   911  N N      . ILE A 1 145 ? 6.226   -5.919  7.285   1.00 45.95  ?  357 ILE A N      1 
ATOM   912  C CA     . ILE A 1 145 ? 5.693   -5.851  5.933   1.00 47.30  ?  357 ILE A CA     1 
ATOM   913  C C      . ILE A 1 145 ? 5.226   -7.241  5.540   1.00 51.30  ?  357 ILE A C      1 
ATOM   914  O O      . ILE A 1 145 ? 5.989   -8.206  5.658   1.00 48.95  ?  357 ILE A O      1 
ATOM   915  C CB     . ILE A 1 145 ? 6.729   -5.330  4.922   1.00 48.72  ?  357 ILE A CB     1 
ATOM   916  C CG1    . ILE A 1 145 ? 7.177   -3.916  5.270   1.00 50.38  ?  357 ILE A CG1    1 
ATOM   917  C CG2    . ILE A 1 145 ? 6.146   -5.312  3.551   1.00 41.42  ?  357 ILE A CG2    1 
ATOM   918  C CD1    . ILE A 1 145 ? 8.351   -3.448  4.392   1.00 47.28  ?  357 ILE A CD1    1 
ATOM   919  N N      . GLU A 1 146 ? 3.971   -7.348  5.093   1.00 52.03  ?  358 GLU A N      1 
ATOM   920  C CA     . GLU A 1 146 ? 3.403   -8.603  4.615   1.00 49.43  ?  358 GLU A CA     1 
ATOM   921  C C      . GLU A 1 146 ? 3.148   -8.477  3.121   1.00 48.92  ?  358 GLU A C      1 
ATOM   922  O O      . GLU A 1 146 ? 2.362   -7.626  2.697   1.00 48.35  ?  358 GLU A O      1 
ATOM   923  C CB     . GLU A 1 146 ? 2.108   -8.942  5.363   1.00 52.78  ?  358 GLU A CB     1 
ATOM   924  C CG     . GLU A 1 146 ? 1.524   -10.305 5.006   1.00 51.18  ?  358 GLU A CG     1 
ATOM   925  C CD     . GLU A 1 146 ? 0.517   -10.823 6.027   1.00 63.12  ?  358 GLU A CD     1 
ATOM   926  O OE1    . GLU A 1 146 ? -0.104  -11.875 5.759   1.00 66.95  ?  358 GLU A OE1    1 
ATOM   927  O OE2    . GLU A 1 146 ? 0.326   -10.190 7.093   1.00 67.97  ?  358 GLU A OE2    1 
ATOM   928  N N      . ILE A 1 147 ? 3.807   -9.316  2.325   1.00 48.89  ?  359 ILE A N      1 
ATOM   929  C CA     . ILE A 1 147 ? 3.634   -9.300  0.872   1.00 48.46  ?  359 ILE A CA     1 
ATOM   930  C C      . ILE A 1 147 ? 2.569   -10.323 0.487   1.00 52.29  ?  359 ILE A C      1 
ATOM   931  O O      . ILE A 1 147 ? 2.694   -11.515 0.800   1.00 48.41  ?  359 ILE A O      1 
ATOM   932  C CB     . ILE A 1 147 ? 4.953   -9.590  0.136   1.00 43.36  ?  359 ILE A CB     1 
ATOM   933  C CG1    . ILE A 1 147 ? 6.035   -8.567  0.496   1.00 44.86  ?  359 ILE A CG1    1 
ATOM   934  C CG2    . ILE A 1 147 ? 4.719   -9.614  -1.397  1.00 43.12  ?  359 ILE A CG2    1 
ATOM   935  C CD1    . ILE A 1 147 ? 7.475   -9.028  0.150   1.00 43.53  ?  359 ILE A CD1    1 
ATOM   936  N N      . VAL A 1 148 ? 1.528   -9.860  -0.203  1.00 56.09  ?  360 VAL A N      1 
ATOM   937  C CA     . VAL A 1 148 ? 0.417   -10.707 -0.629  1.00 51.23  ?  360 VAL A CA     1 
ATOM   938  C C      . VAL A 1 148 ? 0.628   -11.047 -2.108  1.00 56.17  ?  360 VAL A C      1 
ATOM   939  O O      . VAL A 1 148 ? 0.573   -10.137 -2.952  1.00 58.02  ?  360 VAL A O      1 
ATOM   940  C CB     . VAL A 1 148 ? -0.935  -10.020 -0.423  1.00 53.36  ?  360 VAL A CB     1 
ATOM   941  C CG1    . VAL A 1 148 ? -2.043  -10.923 -0.943  1.00 53.00  ?  360 VAL A CG1    1 
ATOM   942  C CG2    . VAL A 1 148 ? -1.149  -9.674  1.041   1.00 48.36  ?  360 VAL A CG2    1 
ATOM   943  N N      . PRO A 1 149 ? 0.863   -12.308 -2.456  1.00 58.75  ?  361 PRO A N      1 
ATOM   944  C CA     . PRO A 1 149 ? 1.038   -12.674 -3.863  1.00 62.59  ?  361 PRO A CA     1 
ATOM   945  C C      . PRO A 1 149 ? -0.304  -12.777 -4.570  1.00 57.89  ?  361 PRO A C      1 
ATOM   946  O O      . PRO A 1 149 ? -1.371  -12.763 -3.954  1.00 64.64  ?  361 PRO A O      1 
ATOM   947  C CB     . PRO A 1 149 ? 1.720   -14.050 -3.802  1.00 62.13  ?  361 PRO A CB     1 
ATOM   948  C CG     . PRO A 1 149 ? 1.957   -14.336 -2.354  1.00 56.26  ?  361 PRO A CG     1 
ATOM   949  C CD     . PRO A 1 149 ? 0.984   -13.481 -1.584  1.00 60.79  ?  361 PRO A CD     1 
ATOM   950  N N      . ILE A 1 150 ? -0.222  -12.908 -5.889  1.00 68.48  ?  362 ILE A N      1 
ATOM   951  C CA     . ILE A 1 150 ? -1.404  -12.970 -6.742  1.00 71.58  ?  362 ILE A CA     1 
ATOM   952  C C      . ILE A 1 150 ? -2.062  -14.336 -6.602  1.00 74.03  ?  362 ILE A C      1 
ATOM   953  O O      . ILE A 1 150 ? -1.383  -15.365 -6.475  1.00 78.04  ?  362 ILE A O      1 
ATOM   954  C CB     . ILE A 1 150 ? -1.012  -12.688 -8.198  1.00 76.46  ?  362 ILE A CB     1 
ATOM   955  C CG1    . ILE A 1 150 ? 0.341   -13.332 -8.508  1.00 79.27  ?  362 ILE A CG1    1 
ATOM   956  C CG2    . ILE A 1 150 ? -0.874  -11.186 -8.393  1.00 84.57  ?  362 ILE A CG2    1 
ATOM   957  C CD1    . ILE A 1 150 ? 0.751   -13.225 -9.951  1.00 67.59  ?  362 ILE A CD1    1 
ATOM   958  N N      . LYS A 1 151 ? -3.394  -14.355 -6.622  1.00 86.65  ?  363 LYS A N      1 
ATOM   959  C CA     . LYS A 1 151 ? -4.156  -15.600 -6.482  1.00 88.97  ?  363 LYS A CA     1 
ATOM   960  C C      . LYS A 1 151 ? -4.412  -16.238 -7.849  1.00 88.42  ?  363 LYS A C      1 
ATOM   961  O O      . LYS A 1 151 ? -3.494  -16.380 -8.662  1.00 88.57  ?  363 LYS A O      1 
ATOM   962  C CB     . LYS A 1 151 ? -5.484  -15.361 -5.752  1.00 80.99  ?  363 LYS A CB     1 
HETATM 963  P P      . 2BA B 2 .   ? 5.292   -2.482  -6.800  1.00 53.82  ?  401 2BA A P      1 
HETATM 964  O O1P    . 2BA B 2 .   ? 5.481   -1.126  -7.450  1.00 52.08  ?  401 2BA A O1P    1 
HETATM 965  O O2P    . 2BA B 2 .   ? 6.579   -2.862  -6.293  1.00 59.16  -1 401 2BA A O2P    1 
HETATM 966  O "O5'"  . 2BA B 2 .   ? 4.284   -2.268  -5.507  1.00 55.08  ?  401 2BA A "O5'"  1 
HETATM 967  C "C5'"  . 2BA B 2 .   ? 4.139   -3.402  -4.671  1.00 51.09  ?  401 2BA A "C5'"  1 
HETATM 968  C "C4'"  . 2BA B 2 .   ? 2.988   -2.901  -3.677  1.00 57.42  ?  401 2BA A "C4'"  1 
HETATM 969  O "O4'"  . 2BA B 2 .   ? 3.348   -1.725  -3.365  1.00 52.35  ?  401 2BA A "O4'"  1 
HETATM 970  C "C3'"  . 2BA B 2 .   ? 1.622   -2.671  -4.415  1.00 49.08  ?  401 2BA A "C3'"  1 
HETATM 971  O "O3'"  . 2BA B 2 .   ? 0.860   -3.800  -4.424  1.00 55.48  ?  401 2BA A "O3'"  1 
HETATM 972  C "C2'"  . 2BA B 2 .   ? 1.017   -1.675  -3.447  1.00 50.65  ?  401 2BA A "C2'"  1 
HETATM 973  O "O2'"  . 2BA B 2 .   ? 0.443   -2.494  -2.317  1.00 44.09  ?  401 2BA A "O2'"  1 
HETATM 974  C "C1'"  . 2BA B 2 .   ? 1.997   -0.927  -2.991  1.00 42.99  ?  401 2BA A "C1'"  1 
HETATM 975  N N9     . 2BA B 2 .   ? 1.940   0.322   -3.609  1.00 51.16  ?  401 2BA A N9     1 
HETATM 976  C C8     . 2BA B 2 .   ? 2.360   0.398   -4.880  1.00 52.33  ?  401 2BA A C8     1 
HETATM 977  N N7     . 2BA B 2 .   ? 2.211   1.658   -5.303  1.00 50.90  ?  401 2BA A N7     1 
HETATM 978  C C5     . 2BA B 2 .   ? 1.676   2.366   -4.273  1.00 53.02  ?  401 2BA A C5     1 
HETATM 979  C C6     . 2BA B 2 .   ? 1.315   3.681   -4.151  1.00 48.47  ?  401 2BA A C6     1 
HETATM 980  N N6     . 2BA B 2 .   ? 1.370   4.798   -5.090  1.00 49.03  ?  401 2BA A N6     1 
HETATM 981  N N1     . 2BA B 2 .   ? 0.822   4.126   -2.996  1.00 53.14  ?  401 2BA A N1     1 
HETATM 982  C C2     . 2BA B 2 .   ? 0.659   3.293   -1.935  1.00 49.22  ?  401 2BA A C2     1 
HETATM 983  N N3     . 2BA B 2 .   ? 0.993   2.014   -2.058  1.00 47.94  ?  401 2BA A N3     1 
HETATM 984  C C4     . 2BA B 2 .   ? 1.512   1.556   -3.244  1.00 49.19  ?  401 2BA A C4     1 
HETATM 985  P P1     . 2BA B 2 .   ? 0.047   -4.027  -5.920  1.00 52.35  ?  401 2BA A P1     1 
HETATM 986  O O1P1   . 2BA B 2 .   ? -0.631  -2.746  -6.163  1.00 56.68  ?  401 2BA A O1P1   1 
HETATM 987  O O2P1   . 2BA B 2 .   ? -0.920  -5.180  -6.072  1.00 54.35  -1 401 2BA A O2P1   1 
HETATM 988  O "O5'1" . 2BA B 2 .   ? 1.453   -4.124  -6.870  1.00 63.64  ?  401 2BA A "O5'1" 1 
HETATM 989  C "C5'1" . 2BA B 2 .   ? 1.112   -4.293  -8.236  1.00 60.68  ?  401 2BA A "C5'1" 1 
HETATM 990  C "C4'1" . 2BA B 2 .   ? 2.503   -4.302  -8.964  1.00 59.03  ?  401 2BA A "C4'1" 1 
HETATM 991  O "O4'1" . 2BA B 2 .   ? 2.173   -4.047  -10.230 1.00 61.70  ?  401 2BA A "O4'1" 1 
HETATM 992  C "C3'1" . 2BA B 2 .   ? 3.390   -3.174  -8.449  1.00 57.06  ?  401 2BA A "C3'1" 1 
HETATM 993  O "O3'1" . 2BA B 2 .   ? 4.553   -3.608  -7.901  1.00 59.43  ?  401 2BA A "O3'1" 1 
HETATM 994  C "C2'1" . 2BA B 2 .   ? 3.791   -2.437  -9.770  1.00 60.27  ?  401 2BA A "C2'1" 1 
HETATM 995  O "O2'1" . 2BA B 2 .   ? 4.984   -3.199  -10.349 1.00 59.19  ?  401 2BA A "O2'1" 1 
HETATM 996  C "C1'1" . 2BA B 2 .   ? 2.791   -2.598  -10.560 1.00 63.68  ?  401 2BA A "C1'1" 1 
HETATM 997  N N91    . 2BA B 2 .   ? 1.811   -1.511  -10.501 1.00 62.20  ?  401 2BA A N91    1 
HETATM 998  C C81    . 2BA B 2 .   ? 1.837   -0.547  -9.500  1.00 60.02  ?  401 2BA A C81    1 
HETATM 999  N N71    . 2BA B 2 .   ? 0.877   0.326   -9.722  1.00 60.29  ?  401 2BA A N71    1 
HETATM 1000 C C51    . 2BA B 2 .   ? 0.252   -0.069  -10.870 1.00 59.82  ?  401 2BA A C51    1 
HETATM 1001 C C61    . 2BA B 2 .   ? -0.802  0.463   -11.553 1.00 70.00  ?  401 2BA A C61    1 
HETATM 1002 N N61    . 2BA B 2 .   ? -1.445  1.662   -11.057 1.00 75.95  ?  401 2BA A N61    1 
HETATM 1003 N N11    . 2BA B 2 .   ? -1.233  -0.130  -12.676 1.00 75.08  ?  401 2BA A N11    1 
HETATM 1004 C C21    . 2BA B 2 .   ? -0.628  -1.263  -13.144 1.00 70.48  ?  401 2BA A C21    1 
HETATM 1005 N N31    . 2BA B 2 .   ? 0.419   -1.796  -12.461 1.00 64.17  ?  401 2BA A N31    1 
HETATM 1006 C C41    . 2BA B 2 .   ? 0.842   -1.190  -11.327 1.00 62.03  ?  401 2BA A C41    1 
HETATM 1007 O O      . HOH C 3 .   ? 15.805  -7.610  -16.632 1.00 69.59  ?  501 HOH A O      1 
HETATM 1008 O O      . HOH C 3 .   ? 4.932   -5.550  -10.770 1.00 71.10  ?  502 HOH A O      1 
HETATM 1009 O O      . HOH C 3 .   ? 4.373   10.253  3.936   1.00 67.93  ?  503 HOH A O      1 
HETATM 1010 O O      . HOH C 3 .   ? 7.359   -4.323  -4.423  1.00 52.52  ?  504 HOH A O      1 
HETATM 1011 O O      . HOH C 3 .   ? 10.529  1.951   -7.760  1.00 59.19  ?  505 HOH A O      1 
HETATM 1012 O O      . HOH C 3 .   ? -1.026  -11.790 10.480  0.50 73.09  ?  506 HOH A O      1 
HETATM 1013 O O      . HOH C 3 .   ? 12.872  4.280   7.606   1.00 68.97  ?  507 HOH A O      1 
HETATM 1014 O O      . HOH C 3 .   ? -7.531  -11.475 -1.469  1.00 65.23  ?  508 HOH A O      1 
HETATM 1015 O O      . HOH C 3 .   ? 4.402   0.886   -8.882  1.00 74.81  ?  509 HOH A O      1 
HETATM 1016 O O      . HOH C 3 .   ? 0.216   -7.601  -6.538  1.00 57.78  ?  510 HOH A O      1 
HETATM 1017 O O      . HOH C 3 .   ? 7.806   -0.291  -8.580  1.00 48.99  ?  511 HOH A O      1 
HETATM 1018 O O      . HOH C 3 .   ? 9.239   -2.735  -12.740 1.00 74.58  ?  512 HOH A O      1 
HETATM 1019 O O      . HOH C 3 .   ? -0.845  -9.711  -5.259  1.00 64.75  ?  513 HOH A O      1 
HETATM 1020 O O      . HOH C 3 .   ? 7.241   -1.632  -10.700 1.00 69.27  ?  514 HOH A O      1 
HETATM 1021 O O      . HOH C 3 .   ? 0.836   7.475   -7.398  1.00 62.12  ?  515 HOH A O      1 
HETATM 1022 O O      . HOH C 3 .   ? -2.923  -3.267  -13.344 1.00 71.19  ?  516 HOH A O      1 
HETATM 1023 O O      . HOH C 3 .   ? 6.321   -6.486  -3.257  1.00 55.78  ?  517 HOH A O      1 
HETATM 1024 O O      . HOH C 3 .   ? 1.471   4.406   -8.018  1.00 61.88  ?  518 HOH A O      1 
HETATM 1025 O O      . HOH C 3 .   ? -1.108  3.674   -8.895  1.00 61.13  ?  519 HOH A O      1 
HETATM 1026 O O      . HOH C 3 .   ? -3.479  -9.884  -6.037  1.00 70.55  ?  520 HOH A O      1 
HETATM 1027 O O      . HOH C 3 .   ? -15.314 0.047   -4.990  1.00 65.72  ?  521 HOH A O      1 
HETATM 1028 O O      . HOH C 3 .   ? 3.594   3.024   -7.730  1.00 75.08  ?  522 HOH A O      1 
HETATM 1029 O O      . HOH C 3 .   ? 8.891   2.587   -4.883  1.00 66.05  ?  523 HOH A O      1 
HETATM 1030 O O      . HOH C 3 .   ? 7.532   -8.904  -4.219  1.00 62.98  ?  524 HOH A O      1 
# 
